data_6WBU
#
_entry.id   6WBU
#
_entity_poly.entity_id   1
_entity_poly.type   'polypeptide(L)'
_entity_poly.pdbx_seq_one_letter_code
;GAMALERPEIDFPEGQPPEYLDITDITEGDGPEAVKGSNVSMHYVGVSWSTGEEFDASWNRGSTLDFTLGTGRVIKGWDM
GIAGMKVGGRRKLVIPPHLAYGDRSPSPAIKPGETLIFVVDLVGVG
;
_entity_poly.pdbx_strand_id   A
#
# COMPACT_ATOMS: atom_id res chain seq x y z
N GLY A 1 -14.17 13.95 -0.85
CA GLY A 1 -13.98 13.28 -2.15
C GLY A 1 -12.68 13.68 -2.81
N ALA A 2 -12.14 14.84 -2.44
CA ALA A 2 -10.91 15.34 -3.04
C ALA A 2 -9.69 14.92 -2.22
N MET A 3 -9.94 14.09 -1.21
CA MET A 3 -8.89 13.56 -0.34
C MET A 3 -8.34 14.61 0.61
N ALA A 4 -9.19 15.11 1.51
CA ALA A 4 -8.73 15.93 2.62
C ALA A 4 -7.90 15.04 3.55
N LEU A 5 -8.44 13.87 3.86
CA LEU A 5 -7.67 12.79 4.45
C LEU A 5 -6.98 12.10 3.32
N GLU A 6 -5.71 11.76 3.54
CA GLU A 6 -4.90 10.98 2.63
C GLU A 6 -5.61 10.60 1.34
N ARG A 7 -6.47 9.60 1.43
CA ARG A 7 -7.22 9.14 0.30
C ARG A 7 -8.71 8.93 0.67
N PRO A 8 -8.98 7.92 1.53
CA PRO A 8 -10.32 7.53 2.03
C PRO A 8 -11.26 8.68 2.38
N GLU A 9 -10.85 9.42 3.38
CA GLU A 9 -11.67 10.47 3.99
C GLU A 9 -12.81 9.88 4.83
N ILE A 10 -12.43 9.47 6.04
CA ILE A 10 -13.33 8.91 7.03
C ILE A 10 -12.67 9.01 8.41
N ASP A 11 -13.23 8.32 9.40
CA ASP A 11 -12.70 8.28 10.77
C ASP A 11 -12.90 9.61 11.47
N PHE A 12 -12.14 10.58 11.00
CA PHE A 12 -12.13 11.92 11.52
C PHE A 12 -13.10 12.77 10.71
N PRO A 13 -13.33 14.03 11.12
CA PRO A 13 -14.09 15.02 10.33
C PRO A 13 -13.42 15.36 8.98
N GLU A 14 -12.68 14.39 8.43
CA GLU A 14 -11.97 14.50 7.16
C GLU A 14 -10.87 15.56 7.19
N GLY A 15 -9.73 15.21 6.63
CA GLY A 15 -8.62 16.12 6.59
C GLY A 15 -7.62 15.93 7.73
N GLN A 16 -7.75 14.84 8.47
CA GLN A 16 -6.80 14.53 9.54
C GLN A 16 -6.07 13.21 9.24
N PRO A 17 -4.99 13.27 8.45
CA PRO A 17 -4.29 12.09 7.98
C PRO A 17 -3.13 11.64 8.87
N PRO A 18 -2.93 10.32 8.98
CA PRO A 18 -1.79 9.71 9.69
C PRO A 18 -0.50 9.83 8.89
N GLU A 19 -0.59 9.34 7.64
CA GLU A 19 0.47 9.46 6.66
C GLU A 19 1.59 8.50 6.94
N TYR A 20 1.33 7.49 7.76
CA TYR A 20 2.39 6.59 8.17
C TYR A 20 2.82 5.66 7.10
N LEU A 21 2.03 5.62 6.08
CA LEU A 21 2.30 4.82 4.91
C LEU A 21 3.74 5.09 4.44
N ASP A 22 4.62 4.09 4.53
CA ASP A 22 6.01 4.33 4.18
C ASP A 22 6.33 3.79 2.80
N ILE A 23 6.66 4.68 1.88
CA ILE A 23 6.96 4.28 0.51
C ILE A 23 8.46 4.27 0.23
N THR A 24 8.93 3.17 -0.35
CA THR A 24 10.28 3.11 -0.85
C THR A 24 10.31 2.37 -2.18
N ASP A 25 10.48 3.12 -3.26
CA ASP A 25 10.45 2.55 -4.61
C ASP A 25 11.75 1.81 -4.91
N ILE A 26 11.61 0.61 -5.45
CA ILE A 26 12.74 -0.28 -5.70
C ILE A 26 12.62 -0.87 -7.10
N THR A 27 13.04 -0.12 -8.09
CA THR A 27 13.06 -0.59 -9.48
C THR A 27 11.70 -0.39 -10.16
N GLU A 28 11.74 -0.23 -11.47
CA GLU A 28 10.61 0.14 -12.31
C GLU A 28 10.89 -0.44 -13.69
N GLY A 29 9.92 -1.15 -14.26
CA GLY A 29 10.27 -2.06 -15.34
C GLY A 29 9.57 -1.81 -16.66
N ASP A 30 8.38 -2.38 -16.79
CA ASP A 30 7.70 -2.54 -18.07
C ASP A 30 7.51 -1.23 -18.82
N GLY A 31 6.99 -0.21 -18.15
CA GLY A 31 6.72 1.02 -18.86
C GLY A 31 5.83 2.00 -18.11
N PRO A 32 4.60 1.62 -17.74
CA PRO A 32 3.64 2.54 -17.15
C PRO A 32 3.63 2.44 -15.62
N GLU A 33 3.01 3.39 -14.98
CA GLU A 33 3.02 3.47 -13.54
C GLU A 33 1.60 3.64 -13.04
N ALA A 34 1.20 2.75 -12.15
CA ALA A 34 -0.15 2.77 -11.64
C ALA A 34 -0.40 4.03 -10.84
N VAL A 35 -1.20 4.93 -11.38
CA VAL A 35 -1.53 6.15 -10.65
C VAL A 35 -2.85 6.77 -11.10
N LYS A 36 -3.88 6.57 -10.28
CA LYS A 36 -5.19 7.21 -10.43
C LYS A 36 -5.86 6.95 -11.77
N GLY A 37 -6.93 6.16 -11.74
CA GLY A 37 -7.69 5.84 -12.94
C GLY A 37 -7.05 4.72 -13.71
N SER A 38 -5.78 4.50 -13.46
CA SER A 38 -5.06 3.39 -14.04
C SER A 38 -5.43 2.10 -13.34
N ASN A 39 -5.71 1.10 -14.14
CA ASN A 39 -5.98 -0.23 -13.65
C ASN A 39 -4.73 -0.76 -12.99
N VAL A 40 -4.88 -1.37 -11.85
CA VAL A 40 -3.76 -1.81 -11.06
C VAL A 40 -3.70 -3.32 -11.02
N SER A 41 -2.51 -3.85 -11.11
CA SER A 41 -2.29 -5.26 -10.96
C SER A 41 -0.95 -5.50 -10.29
N MET A 42 -0.97 -5.96 -9.04
CA MET A 42 0.26 -6.07 -8.27
C MET A 42 0.10 -7.01 -7.08
N HIS A 43 1.20 -7.22 -6.38
CA HIS A 43 1.20 -8.11 -5.21
C HIS A 43 2.25 -7.68 -4.19
N TYR A 44 1.97 -7.94 -2.91
CA TYR A 44 2.91 -7.67 -1.83
C TYR A 44 3.15 -8.94 -1.07
N VAL A 45 4.07 -8.87 -0.11
CA VAL A 45 4.31 -9.93 0.86
C VAL A 45 4.93 -9.32 2.12
N GLY A 46 4.30 -9.58 3.25
CA GLY A 46 4.68 -8.93 4.48
C GLY A 46 5.72 -9.69 5.26
N VAL A 47 6.54 -8.93 5.99
CA VAL A 47 7.54 -9.52 6.85
C VAL A 47 7.32 -9.11 8.29
N SER A 48 7.89 -9.92 9.17
CA SER A 48 7.96 -9.66 10.60
C SER A 48 6.60 -9.36 11.20
N TRP A 49 6.64 -8.81 12.40
CA TRP A 49 5.46 -8.50 13.20
C TRP A 49 4.71 -9.78 13.61
N SER A 50 4.44 -10.67 12.66
CA SER A 50 3.81 -11.94 12.97
C SER A 50 4.81 -12.98 13.45
N THR A 51 5.86 -13.22 12.66
CA THR A 51 6.74 -14.35 12.94
C THR A 51 8.21 -14.04 12.67
N GLY A 52 8.52 -12.80 12.34
CA GLY A 52 9.88 -12.46 12.02
C GLY A 52 10.18 -12.66 10.56
N GLU A 53 10.16 -11.57 9.82
CA GLU A 53 10.53 -11.55 8.42
C GLU A 53 9.48 -12.20 7.52
N GLU A 54 9.74 -12.10 6.24
CA GLU A 54 8.86 -12.56 5.16
C GLU A 54 8.02 -13.79 5.55
N PHE A 55 6.71 -13.63 5.51
CA PHE A 55 5.80 -14.73 5.80
C PHE A 55 4.59 -14.73 4.87
N ASP A 56 3.94 -13.56 4.71
CA ASP A 56 2.71 -13.47 3.93
C ASP A 56 2.22 -12.01 3.87
N ALA A 57 1.53 -11.64 2.80
CA ALA A 57 0.97 -10.30 2.68
C ALA A 57 -0.54 -10.33 2.84
N SER A 58 -1.10 -9.16 3.00
CA SER A 58 -2.53 -8.96 2.88
C SER A 58 -2.91 -9.12 1.43
N TRP A 59 -2.04 -8.57 0.59
CA TRP A 59 -2.16 -8.63 -0.84
C TRP A 59 -1.92 -10.06 -1.34
N ASN A 60 -1.19 -10.84 -0.57
CA ASN A 60 -0.83 -12.21 -0.97
C ASN A 60 -2.03 -13.13 -0.87
N ARG A 61 -2.84 -13.12 -1.90
CA ARG A 61 -3.99 -14.01 -2.00
C ARG A 61 -3.72 -15.07 -3.06
N GLY A 62 -2.50 -15.05 -3.57
CA GLY A 62 -2.12 -15.97 -4.63
C GLY A 62 -2.33 -15.34 -5.99
N SER A 63 -3.35 -14.50 -6.09
CA SER A 63 -3.68 -13.82 -7.31
C SER A 63 -3.30 -12.35 -7.23
N THR A 64 -2.86 -11.79 -8.35
CA THR A 64 -2.53 -10.38 -8.43
C THR A 64 -3.79 -9.54 -8.19
N LEU A 65 -3.67 -8.50 -7.39
CA LEU A 65 -4.79 -7.60 -7.14
C LEU A 65 -5.01 -6.73 -8.36
N ASP A 66 -6.23 -6.76 -8.88
CA ASP A 66 -6.57 -5.98 -10.05
C ASP A 66 -7.69 -5.02 -9.70
N PHE A 67 -7.33 -3.77 -9.51
CA PHE A 67 -8.31 -2.74 -9.20
C PHE A 67 -7.85 -1.39 -9.72
N THR A 68 -8.77 -0.50 -10.00
CA THR A 68 -8.41 0.81 -10.52
C THR A 68 -8.12 1.78 -9.38
N LEU A 69 -6.89 2.26 -9.31
CA LEU A 69 -6.52 3.35 -8.39
C LEU A 69 -7.38 4.55 -8.76
N GLY A 70 -7.60 5.47 -7.84
CA GLY A 70 -8.35 6.63 -8.24
C GLY A 70 -8.84 7.48 -7.11
N THR A 71 -8.02 7.67 -6.08
CA THR A 71 -8.27 8.75 -5.13
C THR A 71 -9.45 8.44 -4.22
N GLY A 72 -9.16 7.98 -3.01
CA GLY A 72 -10.19 7.60 -2.08
C GLY A 72 -10.70 6.21 -2.38
N ARG A 73 -9.90 5.48 -3.14
CA ARG A 73 -10.25 4.13 -3.56
C ARG A 73 -10.20 3.18 -2.37
N VAL A 74 -9.13 3.28 -1.60
CA VAL A 74 -8.90 2.37 -0.48
C VAL A 74 -8.42 3.14 0.75
N ILE A 75 -7.80 2.44 1.71
CA ILE A 75 -7.39 3.04 2.98
C ILE A 75 -6.32 4.12 2.82
N LYS A 76 -5.97 4.74 3.96
CA LYS A 76 -5.20 5.99 4.01
C LYS A 76 -3.84 5.91 3.31
N GLY A 77 -3.45 4.74 2.88
CA GLY A 77 -2.14 4.61 2.24
C GLY A 77 -2.07 3.64 1.07
N TRP A 78 -3.07 2.78 0.87
CA TRP A 78 -3.04 1.87 -0.27
C TRP A 78 -3.02 2.65 -1.58
N ASP A 79 -3.82 3.71 -1.66
CA ASP A 79 -3.79 4.58 -2.84
C ASP A 79 -2.40 5.20 -2.99
N MET A 80 -1.72 5.43 -1.87
CA MET A 80 -0.41 6.04 -1.88
C MET A 80 0.64 5.08 -2.41
N GLY A 81 0.53 3.83 -1.98
CA GLY A 81 1.51 2.84 -2.33
C GLY A 81 1.51 2.50 -3.81
N ILE A 82 0.31 2.34 -4.34
CA ILE A 82 0.13 2.03 -5.77
C ILE A 82 0.46 3.25 -6.59
N ALA A 83 -0.03 4.41 -6.16
CA ALA A 83 0.16 5.64 -6.92
C ALA A 83 1.62 6.00 -7.00
N GLY A 84 2.25 5.56 -8.08
CA GLY A 84 3.67 5.72 -8.22
C GLY A 84 4.36 4.46 -8.63
N MET A 85 3.78 3.32 -8.26
CA MET A 85 4.29 2.05 -8.68
C MET A 85 4.41 1.97 -10.18
N LYS A 86 5.47 1.35 -10.66
CA LYS A 86 5.67 1.17 -12.08
C LYS A 86 5.59 -0.30 -12.41
N VAL A 87 4.89 -0.62 -13.48
CA VAL A 87 4.69 -1.99 -13.88
C VAL A 87 6.04 -2.65 -14.04
N GLY A 88 6.21 -3.73 -13.35
CA GLY A 88 7.43 -4.51 -13.46
C GLY A 88 8.50 -4.00 -12.53
N GLY A 89 8.05 -3.33 -11.47
CA GLY A 89 8.96 -2.79 -10.49
C GLY A 89 8.59 -3.21 -9.09
N ARG A 90 9.47 -2.93 -8.14
CA ARG A 90 9.29 -3.37 -6.77
C ARG A 90 9.23 -2.17 -5.83
N ARG A 91 8.66 -2.36 -4.66
CA ARG A 91 8.65 -1.33 -3.63
C ARG A 91 8.69 -1.97 -2.26
N LYS A 92 9.29 -1.28 -1.31
CA LYS A 92 9.19 -1.67 0.07
C LYS A 92 8.20 -0.78 0.77
N LEU A 93 7.17 -1.39 1.33
CA LEU A 93 6.14 -0.64 2.01
C LEU A 93 6.09 -1.01 3.48
N VAL A 94 6.11 -0.02 4.34
CA VAL A 94 5.92 -0.27 5.76
C VAL A 94 4.47 0.04 6.13
N ILE A 95 3.85 -0.94 6.78
CA ILE A 95 2.41 -0.92 7.06
C ILE A 95 2.10 -0.31 8.43
N PRO A 96 1.37 0.82 8.44
CA PRO A 96 0.88 1.43 9.67
C PRO A 96 -0.43 0.85 10.16
N PRO A 97 -0.61 0.82 11.48
CA PRO A 97 -1.85 0.38 12.10
C PRO A 97 -2.90 1.47 12.20
N HIS A 98 -2.52 2.68 11.86
CA HIS A 98 -3.49 3.74 11.65
C HIS A 98 -3.73 3.90 10.16
N LEU A 99 -3.49 2.81 9.43
CA LEU A 99 -3.65 2.83 7.99
C LEU A 99 -3.85 1.42 7.43
N ALA A 100 -2.74 0.79 7.10
CA ALA A 100 -2.74 -0.45 6.31
C ALA A 100 -3.06 -1.70 7.11
N TYR A 101 -2.51 -1.81 8.32
CA TYR A 101 -2.65 -3.02 9.12
C TYR A 101 -4.09 -3.35 9.43
N GLY A 102 -4.87 -2.32 9.71
CA GLY A 102 -6.17 -2.54 10.28
C GLY A 102 -6.85 -1.27 10.76
N ASP A 103 -6.08 -0.17 10.87
CA ASP A 103 -6.59 1.12 11.33
C ASP A 103 -7.25 0.99 12.68
N ARG A 104 -6.86 -0.08 13.38
CA ARG A 104 -7.40 -0.43 14.68
C ARG A 104 -6.25 -0.61 15.68
N SER A 105 -5.15 -1.16 15.18
CA SER A 105 -3.87 -1.25 15.91
C SER A 105 -3.91 -2.21 17.11
N PRO A 106 -3.10 -3.28 17.04
CA PRO A 106 -2.94 -4.24 18.13
C PRO A 106 -1.93 -3.77 19.18
N SER A 107 -0.77 -3.33 18.70
CA SER A 107 0.33 -2.89 19.54
C SER A 107 0.23 -1.38 19.74
N PRO A 108 1.12 -0.77 20.57
CA PRO A 108 1.22 0.68 20.69
C PRO A 108 1.10 1.39 19.34
N ALA A 109 1.73 0.80 18.33
CA ALA A 109 1.68 1.31 16.97
C ALA A 109 2.38 0.33 16.04
N ILE A 110 1.96 -0.94 16.10
CA ILE A 110 2.62 -2.07 15.43
C ILE A 110 3.32 -1.67 14.11
N LYS A 111 4.66 -1.67 14.16
CA LYS A 111 5.51 -1.15 13.07
C LYS A 111 6.95 -0.88 13.55
N PRO A 112 7.14 -0.22 14.72
CA PRO A 112 8.45 0.09 15.27
C PRO A 112 8.94 -0.97 16.27
N GLY A 113 8.13 -1.24 17.30
CA GLY A 113 8.40 -2.36 18.19
C GLY A 113 8.34 -3.65 17.40
N GLU A 114 7.45 -3.67 16.45
CA GLU A 114 7.38 -4.72 15.45
C GLU A 114 8.11 -4.27 14.20
N THR A 115 7.84 -4.89 13.08
CA THR A 115 8.41 -4.46 11.80
C THR A 115 7.55 -4.98 10.65
N LEU A 116 6.60 -4.17 10.21
CA LEU A 116 5.63 -4.62 9.20
C LEU A 116 6.09 -4.22 7.80
N ILE A 117 6.79 -5.12 7.11
CA ILE A 117 7.32 -4.76 5.81
C ILE A 117 6.67 -5.55 4.70
N PHE A 118 5.94 -4.87 3.85
CA PHE A 118 5.25 -5.54 2.77
C PHE A 118 5.89 -5.18 1.45
N VAL A 119 6.67 -6.12 0.93
CA VAL A 119 7.39 -5.92 -0.31
C VAL A 119 6.47 -6.15 -1.50
N VAL A 120 6.48 -5.19 -2.40
CA VAL A 120 5.46 -5.11 -3.44
C VAL A 120 6.09 -5.15 -4.82
N ASP A 121 5.37 -5.75 -5.75
CA ASP A 121 5.76 -5.75 -7.15
C ASP A 121 4.57 -5.37 -8.02
N LEU A 122 4.70 -4.27 -8.77
CA LEU A 122 3.72 -3.94 -9.78
C LEU A 122 4.01 -4.81 -10.98
N VAL A 123 2.99 -5.47 -11.50
CA VAL A 123 3.17 -6.39 -12.62
C VAL A 123 2.25 -6.06 -13.79
N GLY A 124 1.38 -5.07 -13.62
CA GLY A 124 0.54 -4.64 -14.72
C GLY A 124 -0.29 -3.42 -14.40
N VAL A 125 -0.58 -2.65 -15.43
CA VAL A 125 -1.45 -1.50 -15.33
C VAL A 125 -2.55 -1.67 -16.39
N GLY A 126 -3.40 -0.68 -16.54
CA GLY A 126 -4.42 -0.73 -17.57
C GLY A 126 -3.92 -0.14 -18.87
N GLY A 1 -19.10 11.77 -0.75
CA GLY A 1 -17.67 11.41 -0.70
C GLY A 1 -16.79 12.45 -1.37
N ALA A 2 -15.86 13.03 -0.62
CA ALA A 2 -15.00 14.08 -1.13
C ALA A 2 -13.54 13.83 -0.79
N MET A 3 -13.26 12.59 -0.37
CA MET A 3 -11.90 12.14 -0.06
C MET A 3 -11.29 12.98 1.06
N ALA A 4 -11.91 12.96 2.22
CA ALA A 4 -11.47 13.75 3.37
C ALA A 4 -10.32 13.07 4.11
N LEU A 5 -9.14 13.20 3.55
CA LEU A 5 -7.90 12.60 4.05
C LEU A 5 -6.83 12.96 3.02
N GLU A 6 -5.66 12.38 3.15
CA GLU A 6 -4.82 12.16 2.01
C GLU A 6 -5.68 11.68 0.87
N ARG A 7 -6.48 10.65 1.17
CA ARG A 7 -7.47 10.17 0.24
C ARG A 7 -8.69 9.51 0.93
N PRO A 8 -8.49 8.34 1.60
CA PRO A 8 -9.57 7.54 2.22
C PRO A 8 -10.45 8.33 3.14
N GLU A 9 -11.72 8.12 3.02
CA GLU A 9 -12.67 8.86 3.75
C GLU A 9 -13.48 7.90 4.63
N ILE A 10 -12.89 7.53 5.76
CA ILE A 10 -13.44 6.47 6.61
C ILE A 10 -12.87 6.48 8.03
N ASP A 11 -13.17 5.40 8.75
CA ASP A 11 -12.60 5.11 10.08
C ASP A 11 -13.20 5.99 11.18
N PHE A 12 -12.90 7.28 11.11
CA PHE A 12 -13.36 8.23 12.08
C PHE A 12 -13.97 9.42 11.36
N PRO A 13 -14.62 10.32 12.11
CA PRO A 13 -14.98 11.63 11.63
C PRO A 13 -13.90 12.17 10.69
N GLU A 14 -14.29 12.30 9.43
CA GLU A 14 -13.38 12.52 8.31
C GLU A 14 -12.30 13.58 8.60
N GLY A 15 -11.11 13.33 8.06
CA GLY A 15 -10.00 14.24 8.26
C GLY A 15 -9.14 13.90 9.47
N GLN A 16 -8.91 12.61 9.70
CA GLN A 16 -8.02 12.18 10.77
C GLN A 16 -6.97 11.21 10.22
N PRO A 17 -5.82 11.74 9.79
CA PRO A 17 -4.83 10.98 9.04
C PRO A 17 -3.76 10.29 9.89
N PRO A 18 -3.27 9.13 9.39
CA PRO A 18 -2.12 8.41 9.97
C PRO A 18 -0.80 9.13 9.71
N GLU A 19 -0.41 9.20 8.43
CA GLU A 19 0.81 9.87 7.99
C GLU A 19 2.05 9.02 8.30
N TYR A 20 1.90 7.70 8.26
CA TYR A 20 3.05 6.84 8.51
C TYR A 20 3.37 5.92 7.37
N LEU A 21 2.53 5.98 6.39
CA LEU A 21 2.73 5.22 5.16
C LEU A 21 4.18 5.34 4.73
N ASP A 22 4.93 4.26 4.76
CA ASP A 22 6.33 4.38 4.40
C ASP A 22 6.58 3.73 3.05
N ILE A 23 6.95 4.53 2.06
CA ILE A 23 7.15 4.01 0.71
C ILE A 23 8.58 4.28 0.21
N THR A 24 9.16 3.27 -0.43
CA THR A 24 10.50 3.37 -0.99
C THR A 24 10.54 2.77 -2.39
N ASP A 25 10.66 3.63 -3.39
CA ASP A 25 10.66 3.18 -4.80
C ASP A 25 11.91 2.38 -5.11
N ILE A 26 11.71 1.19 -5.68
CA ILE A 26 12.82 0.29 -5.99
C ILE A 26 12.65 -0.29 -7.40
N THR A 27 13.05 0.47 -8.41
CA THR A 27 13.11 -0.03 -9.77
C THR A 27 11.72 0.00 -10.46
N GLU A 28 11.75 -0.06 -11.78
CA GLU A 28 10.60 0.02 -12.66
C GLU A 28 10.92 -0.84 -13.86
N GLY A 29 9.90 -1.33 -14.55
CA GLY A 29 10.19 -2.33 -15.57
C GLY A 29 9.41 -2.19 -16.87
N ASP A 30 8.25 -2.82 -16.88
CA ASP A 30 7.50 -3.13 -18.11
C ASP A 30 7.20 -1.89 -18.96
N GLY A 31 6.76 -0.81 -18.35
CA GLY A 31 6.40 0.36 -19.14
C GLY A 31 5.69 1.45 -18.39
N PRO A 32 4.44 1.23 -17.96
CA PRO A 32 3.59 2.28 -17.43
C PRO A 32 3.65 2.40 -15.91
N GLU A 33 3.11 3.49 -15.41
CA GLU A 33 3.11 3.80 -14.00
C GLU A 33 1.66 3.77 -13.54
N ALA A 34 1.32 2.88 -12.64
CA ALA A 34 -0.05 2.77 -12.20
C ALA A 34 -0.49 4.04 -11.49
N VAL A 35 -1.53 4.67 -12.00
CA VAL A 35 -2.00 5.91 -11.41
C VAL A 35 -3.51 5.91 -11.26
N LYS A 36 -4.06 7.04 -10.85
CA LYS A 36 -5.50 7.21 -10.66
C LYS A 36 -6.30 6.75 -11.88
N GLY A 37 -7.37 6.02 -11.63
CA GLY A 37 -8.26 5.58 -12.70
C GLY A 37 -7.70 4.45 -13.53
N SER A 38 -6.40 4.25 -13.44
CA SER A 38 -5.75 3.14 -14.11
C SER A 38 -6.01 1.86 -13.36
N ASN A 39 -6.21 0.81 -14.11
CA ASN A 39 -6.37 -0.50 -13.54
C ASN A 39 -5.05 -0.92 -12.94
N VAL A 40 -5.08 -1.45 -11.74
CA VAL A 40 -3.89 -1.76 -11.00
C VAL A 40 -3.74 -3.24 -10.87
N SER A 41 -2.52 -3.72 -11.00
CA SER A 41 -2.24 -5.12 -10.86
C SER A 41 -0.89 -5.33 -10.20
N MET A 42 -0.88 -5.85 -8.98
CA MET A 42 0.37 -6.01 -8.25
C MET A 42 0.20 -6.93 -7.06
N HIS A 43 1.28 -7.14 -6.33
CA HIS A 43 1.27 -8.02 -5.17
C HIS A 43 2.29 -7.58 -4.14
N TYR A 44 1.98 -7.83 -2.88
CA TYR A 44 2.89 -7.54 -1.77
C TYR A 44 3.09 -8.81 -0.98
N VAL A 45 4.01 -8.73 -0.03
CA VAL A 45 4.23 -9.78 0.95
C VAL A 45 4.82 -9.17 2.21
N GLY A 46 4.19 -9.45 3.34
CA GLY A 46 4.57 -8.81 4.58
C GLY A 46 5.54 -9.63 5.39
N VAL A 47 6.36 -8.94 6.18
CA VAL A 47 7.28 -9.60 7.07
C VAL A 47 7.02 -9.21 8.51
N SER A 48 7.49 -10.09 9.38
CA SER A 48 7.50 -9.88 10.82
C SER A 48 6.11 -9.69 11.38
N TRP A 49 6.07 -9.22 12.61
CA TRP A 49 4.86 -8.94 13.38
C TRP A 49 4.01 -10.20 13.64
N SER A 50 3.71 -10.96 12.59
CA SER A 50 2.92 -12.17 12.72
C SER A 50 3.80 -13.34 13.14
N THR A 51 5.00 -13.47 12.54
CA THR A 51 5.82 -14.64 12.81
C THR A 51 7.32 -14.32 12.80
N GLY A 52 7.67 -13.12 12.37
CA GLY A 52 9.07 -12.78 12.23
C GLY A 52 9.52 -12.93 10.81
N GLU A 53 9.65 -11.79 10.14
CA GLU A 53 10.12 -11.74 8.76
C GLU A 53 9.13 -12.37 7.79
N GLU A 54 9.49 -12.27 6.51
CA GLU A 54 8.69 -12.75 5.37
C GLU A 54 7.77 -13.91 5.73
N PHE A 55 6.46 -13.73 5.48
CA PHE A 55 5.50 -14.79 5.71
C PHE A 55 4.30 -14.70 4.75
N ASP A 56 3.70 -13.51 4.64
CA ASP A 56 2.45 -13.36 3.88
C ASP A 56 1.99 -11.90 3.88
N ALA A 57 1.36 -11.46 2.80
CA ALA A 57 0.84 -10.11 2.72
C ALA A 57 -0.67 -10.09 2.91
N SER A 58 -1.21 -8.89 3.00
CA SER A 58 -2.64 -8.69 2.88
C SER A 58 -3.02 -8.93 1.45
N TRP A 59 -2.18 -8.37 0.59
CA TRP A 59 -2.31 -8.47 -0.84
C TRP A 59 -2.08 -9.90 -1.33
N ASN A 60 -1.35 -10.69 -0.55
CA ASN A 60 -1.03 -12.06 -0.92
C ASN A 60 -2.28 -12.93 -0.84
N ARG A 61 -3.14 -12.82 -1.84
CA ARG A 61 -4.38 -13.59 -1.88
C ARG A 61 -4.27 -14.78 -2.82
N GLY A 62 -3.05 -15.09 -3.24
CA GLY A 62 -2.82 -16.22 -4.10
C GLY A 62 -2.61 -15.81 -5.55
N SER A 63 -2.57 -14.51 -5.78
CA SER A 63 -2.41 -13.97 -7.12
C SER A 63 -2.31 -12.45 -7.05
N THR A 64 -2.04 -11.84 -8.20
CA THR A 64 -1.97 -10.39 -8.31
C THR A 64 -3.36 -9.77 -8.12
N LEU A 65 -3.42 -8.63 -7.45
CA LEU A 65 -4.67 -7.92 -7.28
C LEU A 65 -4.92 -7.03 -8.48
N ASP A 66 -6.17 -6.93 -8.90
CA ASP A 66 -6.54 -6.04 -9.99
C ASP A 66 -7.68 -5.13 -9.55
N PHE A 67 -7.35 -3.87 -9.33
CA PHE A 67 -8.34 -2.88 -8.90
C PHE A 67 -8.02 -1.50 -9.46
N THR A 68 -9.00 -0.63 -9.54
CA THR A 68 -8.79 0.71 -10.07
C THR A 68 -8.32 1.67 -8.98
N LEU A 69 -7.15 2.25 -9.20
CA LEU A 69 -6.64 3.31 -8.33
C LEU A 69 -7.50 4.55 -8.52
N GLY A 70 -7.48 5.48 -7.59
CA GLY A 70 -8.12 6.75 -7.89
C GLY A 70 -8.43 7.63 -6.70
N THR A 71 -7.69 7.48 -5.60
CA THR A 71 -7.77 8.43 -4.50
C THR A 71 -9.05 8.24 -3.69
N GLY A 72 -8.92 7.63 -2.53
CA GLY A 72 -10.06 7.43 -1.66
C GLY A 72 -10.67 6.07 -1.86
N ARG A 73 -9.92 5.16 -2.46
CA ARG A 73 -10.40 3.82 -2.71
C ARG A 73 -10.24 2.95 -1.48
N VAL A 74 -9.15 3.19 -0.74
CA VAL A 74 -8.83 2.43 0.45
C VAL A 74 -7.99 3.26 1.43
N ILE A 75 -7.50 2.62 2.49
CA ILE A 75 -6.73 3.26 3.57
C ILE A 75 -5.56 4.12 3.08
N LYS A 76 -5.11 5.07 3.93
CA LYS A 76 -4.24 6.22 3.55
C LYS A 76 -3.28 5.94 2.40
N GLY A 77 -2.68 4.77 2.36
CA GLY A 77 -1.50 4.58 1.51
C GLY A 77 -1.56 3.47 0.47
N TRP A 78 -2.67 2.74 0.32
CA TRP A 78 -2.74 1.77 -0.80
C TRP A 78 -2.73 2.48 -2.15
N ASP A 79 -3.66 3.43 -2.39
CA ASP A 79 -3.66 4.21 -3.63
C ASP A 79 -2.32 4.89 -3.81
N MET A 80 -1.79 5.45 -2.72
CA MET A 80 -0.59 6.25 -2.77
C MET A 80 0.62 5.39 -3.05
N GLY A 81 0.54 4.14 -2.63
CA GLY A 81 1.61 3.21 -2.90
C GLY A 81 1.67 2.83 -4.36
N ILE A 82 0.49 2.63 -4.95
CA ILE A 82 0.37 2.27 -6.35
C ILE A 82 0.61 3.47 -7.22
N ALA A 83 0.06 4.61 -6.81
CA ALA A 83 0.11 5.83 -7.59
C ALA A 83 1.54 6.26 -7.83
N GLY A 84 2.04 5.93 -9.00
CA GLY A 84 3.43 6.20 -9.31
C GLY A 84 4.23 4.95 -9.57
N MET A 85 3.77 3.83 -9.02
CA MET A 85 4.43 2.55 -9.24
C MET A 85 4.49 2.24 -10.70
N LYS A 86 5.60 1.72 -11.16
CA LYS A 86 5.78 1.42 -12.56
C LYS A 86 5.78 -0.09 -12.75
N VAL A 87 4.96 -0.55 -13.68
CA VAL A 87 4.77 -1.95 -13.91
C VAL A 87 6.12 -2.60 -14.09
N GLY A 88 6.31 -3.66 -13.36
CA GLY A 88 7.54 -4.41 -13.45
C GLY A 88 8.57 -3.86 -12.52
N GLY A 89 8.09 -3.11 -11.53
CA GLY A 89 8.97 -2.48 -10.58
C GLY A 89 8.73 -2.98 -9.18
N ARG A 90 9.53 -2.52 -8.25
CA ARG A 90 9.49 -3.01 -6.88
C ARG A 90 9.44 -1.82 -5.92
N ARG A 91 8.91 -2.03 -4.72
CA ARG A 91 8.90 -0.98 -3.71
C ARG A 91 8.81 -1.59 -2.32
N LYS A 92 9.43 -0.92 -1.36
CA LYS A 92 9.34 -1.31 0.02
C LYS A 92 8.23 -0.51 0.69
N LEU A 93 7.42 -1.19 1.49
CA LEU A 93 6.36 -0.51 2.19
C LEU A 93 6.38 -0.88 3.67
N VAL A 94 6.38 0.13 4.54
CA VAL A 94 6.26 -0.11 5.98
C VAL A 94 4.83 0.23 6.43
N ILE A 95 4.27 -0.70 7.20
CA ILE A 95 2.84 -0.69 7.55
C ILE A 95 2.56 0.00 8.90
N PRO A 96 1.78 1.11 8.87
CA PRO A 96 1.18 1.68 10.07
C PRO A 96 -0.14 1.00 10.45
N PRO A 97 -0.54 1.07 11.73
CA PRO A 97 -1.83 0.55 12.19
C PRO A 97 -3.00 1.30 11.60
N HIS A 98 -2.89 2.62 11.56
CA HIS A 98 -4.01 3.48 11.19
C HIS A 98 -4.17 3.51 9.68
N LEU A 99 -3.30 2.79 9.00
CA LEU A 99 -3.38 2.65 7.57
C LEU A 99 -3.37 1.18 7.19
N ALA A 100 -2.18 0.69 6.91
CA ALA A 100 -2.00 -0.54 6.16
C ALA A 100 -2.30 -1.79 6.96
N TYR A 101 -2.06 -1.75 8.26
CA TYR A 101 -2.33 -2.89 9.08
C TYR A 101 -3.82 -3.09 9.23
N GLY A 102 -4.48 -2.06 9.72
CA GLY A 102 -5.88 -2.20 10.08
C GLY A 102 -6.72 -1.05 9.61
N ASP A 103 -6.29 0.13 10.03
CA ASP A 103 -7.12 1.32 10.22
C ASP A 103 -7.45 1.37 11.71
N ARG A 104 -6.82 0.45 12.44
CA ARG A 104 -6.97 0.32 13.86
C ARG A 104 -5.61 0.22 14.55
N SER A 105 -5.24 -0.99 15.01
CA SER A 105 -4.05 -1.19 15.86
C SER A 105 -4.12 -2.51 16.63
N PRO A 106 -3.08 -3.35 16.49
CA PRO A 106 -2.97 -4.62 17.23
C PRO A 106 -2.20 -4.52 18.54
N SER A 107 -1.20 -3.65 18.59
CA SER A 107 -0.22 -3.66 19.66
C SER A 107 -0.02 -2.25 20.22
N PRO A 108 0.82 -2.07 21.27
CA PRO A 108 1.22 -0.73 21.75
C PRO A 108 1.60 0.19 20.61
N ALA A 109 2.34 -0.38 19.66
CA ALA A 109 2.80 0.34 18.49
C ALA A 109 3.39 -0.63 17.48
N ILE A 110 2.55 -1.13 16.60
CA ILE A 110 2.98 -2.00 15.54
C ILE A 110 3.78 -1.18 14.52
N LYS A 111 4.91 -1.77 14.07
CA LYS A 111 5.89 -1.13 13.14
C LYS A 111 7.21 -0.76 13.87
N PRO A 112 7.17 0.04 14.96
CA PRO A 112 8.38 0.30 15.77
C PRO A 112 8.74 -0.84 16.71
N GLY A 113 7.81 -1.20 17.62
CA GLY A 113 8.04 -2.32 18.52
C GLY A 113 8.22 -3.60 17.74
N GLU A 114 7.47 -3.69 16.66
CA GLU A 114 7.62 -4.75 15.69
C GLU A 114 8.41 -4.23 14.50
N THR A 115 8.27 -4.89 13.37
CA THR A 115 8.72 -4.30 12.11
C THR A 115 7.92 -4.88 10.94
N LEU A 116 6.83 -4.20 10.58
CA LEU A 116 5.93 -4.70 9.55
C LEU A 116 6.38 -4.24 8.17
N ILE A 117 6.91 -5.16 7.39
CA ILE A 117 7.44 -4.78 6.08
C ILE A 117 6.72 -5.49 4.95
N PHE A 118 6.10 -4.74 4.07
CA PHE A 118 5.39 -5.33 2.97
C PHE A 118 6.07 -4.98 1.67
N VAL A 119 6.74 -5.97 1.11
CA VAL A 119 7.48 -5.79 -0.13
C VAL A 119 6.57 -5.98 -1.31
N VAL A 120 6.65 -5.05 -2.25
CA VAL A 120 5.66 -4.94 -3.29
C VAL A 120 6.30 -5.04 -4.68
N ASP A 121 5.55 -5.60 -5.61
CA ASP A 121 5.95 -5.64 -7.02
C ASP A 121 4.78 -5.25 -7.91
N LEU A 122 4.93 -4.16 -8.67
CA LEU A 122 3.93 -3.78 -9.65
C LEU A 122 4.14 -4.67 -10.86
N VAL A 123 3.10 -5.36 -11.31
CA VAL A 123 3.23 -6.29 -12.43
C VAL A 123 2.15 -6.09 -13.48
N GLY A 124 1.38 -5.02 -13.39
CA GLY A 124 0.42 -4.73 -14.44
C GLY A 124 -0.38 -3.47 -14.21
N VAL A 125 -0.86 -2.91 -15.31
CA VAL A 125 -1.73 -1.77 -15.29
C VAL A 125 -2.82 -1.98 -16.34
N GLY A 126 -3.76 -1.07 -16.43
CA GLY A 126 -4.80 -1.17 -17.42
C GLY A 126 -5.47 0.16 -17.65
N GLY A 1 -17.72 3.30 0.40
CA GLY A 1 -18.37 4.54 -0.07
C GLY A 1 -17.69 5.09 -1.31
N ALA A 2 -17.72 6.41 -1.47
CA ALA A 2 -17.06 7.04 -2.59
C ALA A 2 -15.60 7.33 -2.26
N MET A 3 -15.34 8.45 -1.61
CA MET A 3 -14.00 8.82 -1.20
C MET A 3 -13.96 9.03 0.30
N ALA A 4 -13.06 8.32 0.96
CA ALA A 4 -12.97 8.35 2.40
C ALA A 4 -12.15 9.54 2.88
N LEU A 5 -10.82 9.45 2.85
CA LEU A 5 -10.00 10.53 3.37
C LEU A 5 -8.61 10.58 2.72
N GLU A 6 -7.58 10.77 3.56
CA GLU A 6 -6.20 10.85 3.17
C GLU A 6 -5.91 11.87 2.07
N ARG A 7 -4.93 11.55 1.24
CA ARG A 7 -4.44 12.41 0.14
C ARG A 7 -5.47 13.40 -0.42
N PRO A 8 -6.63 12.92 -0.86
CA PRO A 8 -7.73 13.77 -1.31
C PRO A 8 -8.46 14.45 -0.16
N GLU A 9 -9.00 13.60 0.69
CA GLU A 9 -9.76 13.96 1.87
C GLU A 9 -10.63 15.18 1.70
N ILE A 10 -11.85 14.90 1.30
CA ILE A 10 -12.81 15.91 0.96
C ILE A 10 -14.08 15.70 1.75
N ASP A 11 -14.87 16.76 1.86
CA ASP A 11 -16.18 16.72 2.53
C ASP A 11 -16.03 16.63 4.04
N PHE A 12 -15.52 15.50 4.49
CA PHE A 12 -15.26 15.26 5.89
C PHE A 12 -14.02 16.03 6.26
N PRO A 13 -14.04 16.74 7.41
CA PRO A 13 -13.04 17.70 7.87
C PRO A 13 -11.80 17.73 6.98
N GLU A 14 -11.96 18.40 5.84
CA GLU A 14 -11.09 18.23 4.69
C GLU A 14 -9.65 18.59 5.00
N GLY A 15 -8.72 17.80 4.45
CA GLY A 15 -7.31 18.14 4.50
C GLY A 15 -6.68 18.04 5.88
N GLN A 16 -6.89 16.91 6.54
CA GLN A 16 -6.20 16.58 7.78
C GLN A 16 -5.81 15.10 7.77
N PRO A 17 -5.11 14.67 6.72
CA PRO A 17 -4.94 13.27 6.39
C PRO A 17 -3.66 12.64 6.94
N PRO A 18 -3.65 11.31 7.10
CA PRO A 18 -2.46 10.55 7.44
C PRO A 18 -1.61 10.28 6.21
N GLU A 19 -0.53 9.51 6.38
CA GLU A 19 0.44 9.28 5.33
C GLU A 19 1.56 8.42 5.87
N TYR A 20 1.20 7.50 6.74
CA TYR A 20 2.19 6.68 7.41
C TYR A 20 2.66 5.56 6.52
N LEU A 21 2.00 5.48 5.41
CA LEU A 21 2.36 4.54 4.38
C LEU A 21 3.81 4.81 3.99
N ASP A 22 4.70 3.89 4.29
CA ASP A 22 6.11 4.17 4.07
C ASP A 22 6.56 3.53 2.77
N ILE A 23 6.91 4.35 1.80
CA ILE A 23 7.23 3.83 0.47
C ILE A 23 8.64 4.16 0.04
N THR A 24 9.32 3.17 -0.52
CA THR A 24 10.63 3.35 -1.11
C THR A 24 10.69 2.63 -2.46
N ASP A 25 10.66 3.40 -3.55
CA ASP A 25 10.67 2.81 -4.89
C ASP A 25 12.01 2.17 -5.20
N ILE A 26 11.97 1.03 -5.88
CA ILE A 26 13.14 0.24 -6.14
C ILE A 26 12.88 -0.73 -7.30
N THR A 27 13.34 -0.31 -8.45
CA THR A 27 13.22 -1.04 -9.71
C THR A 27 11.90 -0.73 -10.41
N GLU A 28 11.94 -0.77 -11.73
CA GLU A 28 10.83 -0.41 -12.59
C GLU A 28 10.93 -1.22 -13.86
N GLY A 29 9.80 -1.59 -14.41
CA GLY A 29 9.82 -2.57 -15.48
C GLY A 29 9.48 -2.00 -16.84
N ASP A 30 8.19 -1.94 -17.12
CA ASP A 30 7.73 -1.58 -18.46
C ASP A 30 7.59 -0.07 -18.60
N GLY A 31 6.93 0.53 -17.62
CA GLY A 31 6.96 1.98 -17.54
C GLY A 31 5.66 2.74 -17.80
N PRO A 32 4.45 2.24 -17.45
CA PRO A 32 3.25 3.08 -17.51
C PRO A 32 2.99 3.77 -16.17
N GLU A 33 3.45 3.11 -15.09
CA GLU A 33 3.28 3.60 -13.72
C GLU A 33 1.79 3.56 -13.32
N ALA A 34 1.42 2.68 -12.39
CA ALA A 34 0.05 2.66 -11.92
C ALA A 34 -0.27 3.96 -11.23
N VAL A 35 -1.43 4.52 -11.53
CA VAL A 35 -1.83 5.77 -10.92
C VAL A 35 -3.33 5.74 -10.61
N LYS A 36 -3.81 6.76 -9.94
CA LYS A 36 -5.22 6.92 -9.67
C LYS A 36 -6.06 6.73 -10.94
N GLY A 37 -7.03 5.83 -10.85
CA GLY A 37 -7.94 5.57 -11.96
C GLY A 37 -7.38 4.55 -12.92
N SER A 38 -6.12 4.22 -12.73
CA SER A 38 -5.51 3.15 -13.49
C SER A 38 -5.89 1.82 -12.89
N ASN A 39 -6.11 0.88 -13.77
CA ASN A 39 -6.27 -0.49 -13.38
C ASN A 39 -4.96 -0.97 -12.81
N VAL A 40 -5.02 -1.55 -11.65
CA VAL A 40 -3.83 -1.88 -10.91
C VAL A 40 -3.66 -3.38 -10.82
N SER A 41 -2.43 -3.84 -11.01
CA SER A 41 -2.13 -5.24 -10.91
C SER A 41 -0.80 -5.44 -10.17
N MET A 42 -0.85 -5.94 -8.94
CA MET A 42 0.38 -6.08 -8.17
C MET A 42 0.27 -7.14 -7.08
N HIS A 43 1.41 -7.43 -6.45
CA HIS A 43 1.46 -8.40 -5.36
C HIS A 43 2.53 -8.01 -4.35
N TYR A 44 2.19 -8.12 -3.06
CA TYR A 44 3.11 -7.82 -1.97
C TYR A 44 3.32 -9.07 -1.16
N VAL A 45 4.22 -8.97 -0.20
CA VAL A 45 4.41 -9.99 0.81
C VAL A 45 5.01 -9.35 2.05
N GLY A 46 4.38 -9.58 3.19
CA GLY A 46 4.78 -8.93 4.41
C GLY A 46 5.78 -9.74 5.20
N VAL A 47 6.60 -9.03 5.97
CA VAL A 47 7.58 -9.68 6.81
C VAL A 47 7.36 -9.34 8.26
N SER A 48 7.91 -10.21 9.08
CA SER A 48 8.00 -10.04 10.52
C SER A 48 6.65 -9.74 11.13
N TRP A 49 6.68 -9.08 12.27
CA TRP A 49 5.53 -8.67 13.05
C TRP A 49 4.70 -9.87 13.53
N SER A 50 4.19 -10.67 12.60
CA SER A 50 3.38 -11.81 12.94
C SER A 50 4.25 -13.01 13.30
N THR A 51 5.39 -13.17 12.65
CA THR A 51 6.19 -14.36 12.85
C THR A 51 7.70 -14.10 12.80
N GLY A 52 8.12 -13.15 11.98
CA GLY A 52 9.54 -12.92 11.80
C GLY A 52 9.94 -13.08 10.35
N GLU A 53 10.10 -11.94 9.69
CA GLU A 53 10.52 -11.87 8.29
C GLU A 53 9.45 -12.41 7.36
N GLU A 54 9.71 -12.26 6.07
CA GLU A 54 8.76 -12.61 5.01
C GLU A 54 7.95 -13.86 5.31
N PHE A 55 6.63 -13.73 5.25
CA PHE A 55 5.75 -14.84 5.51
C PHE A 55 4.51 -14.80 4.62
N ASP A 56 3.87 -13.63 4.53
CA ASP A 56 2.63 -13.49 3.76
C ASP A 56 2.20 -12.03 3.72
N ALA A 57 1.52 -11.63 2.65
CA ALA A 57 1.00 -10.28 2.54
C ALA A 57 -0.50 -10.26 2.69
N SER A 58 -1.03 -9.08 2.83
CA SER A 58 -2.46 -8.86 2.71
C SER A 58 -2.83 -9.03 1.25
N TRP A 59 -1.93 -8.53 0.42
CA TRP A 59 -2.05 -8.59 -1.01
C TRP A 59 -1.85 -10.01 -1.53
N ASN A 60 -1.17 -10.83 -0.75
CA ASN A 60 -0.87 -12.20 -1.15
C ASN A 60 -2.15 -13.05 -1.11
N ARG A 61 -3.07 -12.76 -2.01
CA ARG A 61 -4.36 -13.45 -2.08
C ARG A 61 -4.27 -14.69 -2.96
N GLY A 62 -3.04 -15.10 -3.25
CA GLY A 62 -2.82 -16.26 -4.10
C GLY A 62 -2.36 -15.87 -5.48
N SER A 63 -2.47 -14.59 -5.77
CA SER A 63 -2.11 -14.05 -7.06
C SER A 63 -2.08 -12.53 -7.00
N THR A 64 -1.85 -11.92 -8.14
CA THR A 64 -1.88 -10.46 -8.25
C THR A 64 -3.27 -9.91 -7.95
N LEU A 65 -3.32 -8.70 -7.41
CA LEU A 65 -4.57 -8.00 -7.23
C LEU A 65 -4.86 -7.17 -8.46
N ASP A 66 -6.11 -7.20 -8.90
CA ASP A 66 -6.55 -6.40 -10.04
C ASP A 66 -7.64 -5.44 -9.58
N PHE A 67 -7.25 -4.23 -9.21
CA PHE A 67 -8.23 -3.23 -8.77
C PHE A 67 -7.84 -1.86 -9.30
N THR A 68 -8.78 -0.95 -9.38
CA THR A 68 -8.49 0.39 -9.86
C THR A 68 -8.29 1.35 -8.69
N LEU A 69 -7.18 2.10 -8.72
CA LEU A 69 -6.98 3.19 -7.77
C LEU A 69 -8.09 4.20 -7.92
N GLY A 70 -8.33 5.02 -6.92
CA GLY A 70 -9.40 5.96 -7.11
C GLY A 70 -9.50 7.10 -6.12
N THR A 71 -8.40 7.48 -5.50
CA THR A 71 -8.38 8.73 -4.72
C THR A 71 -9.11 8.56 -3.38
N GLY A 72 -8.35 8.33 -2.31
CA GLY A 72 -8.93 8.13 -0.98
C GLY A 72 -10.05 7.12 -0.93
N ARG A 73 -10.01 6.13 -1.79
CA ARG A 73 -11.09 5.14 -1.84
C ARG A 73 -10.74 3.87 -1.08
N VAL A 74 -9.51 3.43 -1.21
CA VAL A 74 -9.02 2.27 -0.48
C VAL A 74 -8.51 2.71 0.89
N ILE A 75 -7.67 1.92 1.55
CA ILE A 75 -7.15 2.31 2.84
C ILE A 75 -6.27 3.55 2.68
N LYS A 76 -5.84 4.09 3.80
CA LYS A 76 -5.33 5.45 3.86
C LYS A 76 -4.03 5.67 3.09
N GLY A 77 -3.49 4.62 2.51
CA GLY A 77 -2.32 4.80 1.65
C GLY A 77 -2.24 3.89 0.43
N TRP A 78 -3.21 3.03 0.19
CA TRP A 78 -3.15 2.16 -1.00
C TRP A 78 -3.15 2.99 -2.28
N ASP A 79 -4.09 3.93 -2.39
CA ASP A 79 -4.14 4.87 -3.51
C ASP A 79 -2.80 5.63 -3.59
N MET A 80 -2.19 5.88 -2.44
CA MET A 80 -0.94 6.61 -2.40
C MET A 80 0.21 5.75 -2.92
N GLY A 81 0.21 4.50 -2.50
CA GLY A 81 1.29 3.61 -2.81
C GLY A 81 1.31 3.18 -4.26
N ILE A 82 0.15 2.80 -4.76
CA ILE A 82 0.04 2.34 -6.15
C ILE A 82 0.28 3.50 -7.08
N ALA A 83 -0.25 4.66 -6.73
CA ALA A 83 -0.06 5.84 -7.55
C ALA A 83 1.39 6.30 -7.47
N GLY A 84 2.19 5.74 -8.35
CA GLY A 84 3.62 5.96 -8.32
C GLY A 84 4.39 4.69 -8.61
N MET A 85 3.71 3.56 -8.47
CA MET A 85 4.31 2.27 -8.74
C MET A 85 4.50 2.07 -10.24
N LYS A 86 5.61 1.47 -10.64
CA LYS A 86 5.86 1.21 -12.04
C LYS A 86 5.77 -0.26 -12.34
N VAL A 87 5.02 -0.61 -13.37
CA VAL A 87 4.79 -2.00 -13.70
C VAL A 87 6.10 -2.70 -13.96
N GLY A 88 6.25 -3.79 -13.28
CA GLY A 88 7.44 -4.61 -13.41
C GLY A 88 8.53 -4.14 -12.47
N GLY A 89 8.10 -3.47 -11.42
CA GLY A 89 9.03 -2.89 -10.48
C GLY A 89 8.71 -3.25 -9.04
N ARG A 90 9.68 -3.05 -8.16
CA ARG A 90 9.56 -3.44 -6.77
C ARG A 90 9.53 -2.20 -5.90
N ARG A 91 9.03 -2.36 -4.69
CA ARG A 91 9.10 -1.29 -3.71
C ARG A 91 9.05 -1.84 -2.30
N LYS A 92 9.72 -1.15 -1.41
CA LYS A 92 9.64 -1.44 0.00
C LYS A 92 8.50 -0.65 0.61
N LEU A 93 7.61 -1.33 1.29
CA LEU A 93 6.53 -0.67 1.98
C LEU A 93 6.52 -1.05 3.45
N VAL A 94 6.29 -0.07 4.31
CA VAL A 94 6.08 -0.35 5.72
C VAL A 94 4.63 -0.07 6.06
N ILE A 95 3.99 -1.03 6.74
CA ILE A 95 2.55 -0.93 7.03
C ILE A 95 2.27 -0.31 8.41
N PRO A 96 1.66 0.88 8.40
CA PRO A 96 1.16 1.54 9.62
C PRO A 96 -0.22 1.07 10.06
N PRO A 97 -0.44 1.16 11.37
CA PRO A 97 -1.75 0.91 12.00
C PRO A 97 -2.85 1.84 11.51
N HIS A 98 -2.59 3.14 11.59
CA HIS A 98 -3.62 4.18 11.38
C HIS A 98 -3.81 4.47 9.88
N LEU A 99 -3.30 3.60 9.03
CA LEU A 99 -3.46 3.78 7.59
C LEU A 99 -3.62 2.46 6.87
N ALA A 100 -2.74 1.53 7.16
CA ALA A 100 -2.68 0.29 6.40
C ALA A 100 -3.24 -0.90 7.15
N TYR A 101 -2.64 -1.21 8.27
CA TYR A 101 -2.93 -2.44 8.99
C TYR A 101 -4.41 -2.56 9.35
N GLY A 102 -4.89 -1.67 10.20
CA GLY A 102 -6.25 -1.81 10.68
C GLY A 102 -7.06 -0.52 10.61
N ASP A 103 -6.39 0.59 10.28
CA ASP A 103 -6.96 1.92 10.46
C ASP A 103 -7.21 2.12 11.96
N ARG A 104 -6.48 1.29 12.70
CA ARG A 104 -6.62 1.20 14.14
C ARG A 104 -5.25 0.96 14.77
N SER A 105 -5.01 -0.29 15.21
CA SER A 105 -3.81 -0.70 15.95
C SER A 105 -4.13 -1.87 16.89
N PRO A 106 -3.43 -3.01 16.73
CA PRO A 106 -3.58 -4.17 17.61
C PRO A 106 -2.68 -4.07 18.84
N SER A 107 -1.62 -3.28 18.72
CA SER A 107 -0.62 -3.16 19.74
C SER A 107 -0.32 -1.68 19.99
N PRO A 108 0.49 -1.34 21.01
CA PRO A 108 0.95 0.03 21.25
C PRO A 108 1.41 0.71 19.95
N ALA A 109 2.10 -0.05 19.13
CA ALA A 109 2.64 0.44 17.87
C ALA A 109 3.13 -0.74 17.04
N ILE A 110 2.24 -1.29 16.23
CA ILE A 110 2.58 -2.42 15.39
C ILE A 110 3.40 -1.96 14.17
N LYS A 111 4.72 -1.97 14.33
CA LYS A 111 5.68 -1.52 13.29
C LYS A 111 7.08 -1.30 13.89
N PRO A 112 7.21 -0.49 14.98
CA PRO A 112 8.46 -0.36 15.72
C PRO A 112 8.64 -1.45 16.78
N GLY A 113 7.68 -1.56 17.70
CA GLY A 113 7.67 -2.67 18.64
C GLY A 113 7.54 -3.97 17.88
N GLU A 114 6.81 -3.90 16.80
CA GLU A 114 6.72 -4.98 15.83
C GLU A 114 7.69 -4.69 14.69
N THR A 115 7.44 -5.27 13.52
CA THR A 115 8.18 -4.93 12.31
C THR A 115 7.38 -5.36 11.08
N LEU A 116 6.64 -4.43 10.48
CA LEU A 116 5.76 -4.76 9.36
C LEU A 116 6.34 -4.31 8.05
N ILE A 117 7.06 -5.20 7.35
CA ILE A 117 7.66 -4.80 6.09
C ILE A 117 7.04 -5.55 4.93
N PHE A 118 6.39 -4.83 4.04
CA PHE A 118 5.72 -5.45 2.93
C PHE A 118 6.39 -5.09 1.63
N VAL A 119 7.14 -6.04 1.08
CA VAL A 119 7.84 -5.85 -0.18
C VAL A 119 6.88 -6.08 -1.33
N VAL A 120 6.87 -5.14 -2.25
CA VAL A 120 5.83 -5.08 -3.25
C VAL A 120 6.40 -5.18 -4.65
N ASP A 121 5.54 -5.54 -5.59
CA ASP A 121 5.94 -5.69 -6.98
C ASP A 121 4.75 -5.40 -7.90
N LEU A 122 4.86 -4.31 -8.66
CA LEU A 122 3.85 -3.97 -9.65
C LEU A 122 4.08 -4.83 -10.87
N VAL A 123 3.04 -5.46 -11.40
CA VAL A 123 3.19 -6.36 -12.54
C VAL A 123 2.44 -5.86 -13.78
N GLY A 124 1.40 -5.05 -13.59
CA GLY A 124 0.64 -4.59 -14.72
C GLY A 124 -0.27 -3.44 -14.38
N VAL A 125 -0.74 -2.78 -15.43
CA VAL A 125 -1.64 -1.66 -15.32
C VAL A 125 -2.67 -1.74 -16.43
N GLY A 126 -3.71 -0.94 -16.30
CA GLY A 126 -4.70 -0.83 -17.33
C GLY A 126 -5.25 0.58 -17.42
N GLY A 1 -17.08 10.79 2.23
CA GLY A 1 -17.52 10.81 0.82
C GLY A 1 -16.52 10.16 -0.11
N ALA A 2 -15.50 10.92 -0.52
CA ALA A 2 -14.56 10.45 -1.53
C ALA A 2 -13.12 10.48 -1.03
N MET A 3 -12.55 11.67 -0.86
CA MET A 3 -11.14 11.80 -0.51
C MET A 3 -10.92 13.01 0.44
N ALA A 4 -10.56 12.71 1.69
CA ALA A 4 -10.28 13.73 2.70
C ALA A 4 -9.42 13.15 3.81
N LEU A 5 -8.12 13.31 3.65
CA LEU A 5 -7.10 12.69 4.50
C LEU A 5 -5.77 13.14 3.91
N GLU A 6 -4.73 12.36 4.09
CA GLU A 6 -3.57 12.49 3.28
C GLU A 6 -4.02 12.38 1.84
N ARG A 7 -4.86 11.37 1.59
CA ARG A 7 -5.57 11.27 0.35
C ARG A 7 -7.10 11.01 0.49
N PRO A 8 -7.51 9.82 0.96
CA PRO A 8 -8.88 9.28 0.81
C PRO A 8 -9.83 9.52 1.97
N GLU A 9 -11.05 9.01 1.83
CA GLU A 9 -12.09 9.12 2.83
C GLU A 9 -12.65 7.75 3.22
N ILE A 10 -12.08 7.14 4.26
CA ILE A 10 -12.51 5.81 4.72
C ILE A 10 -11.93 5.48 6.08
N ASP A 11 -12.14 4.22 6.50
CA ASP A 11 -11.64 3.64 7.75
C ASP A 11 -12.26 4.32 8.96
N PHE A 12 -11.88 5.56 9.15
CA PHE A 12 -12.33 6.38 10.24
C PHE A 12 -13.59 7.11 9.77
N PRO A 13 -14.19 7.95 10.64
CA PRO A 13 -15.37 8.75 10.29
C PRO A 13 -15.03 9.88 9.32
N GLU A 14 -13.94 9.68 8.57
CA GLU A 14 -13.46 10.61 7.55
C GLU A 14 -13.09 11.98 8.13
N GLY A 15 -12.30 12.72 7.37
CA GLY A 15 -11.98 14.08 7.75
C GLY A 15 -10.59 14.25 8.35
N GLN A 16 -10.38 13.68 9.54
CA GLN A 16 -9.12 13.87 10.26
C GLN A 16 -8.44 12.55 10.67
N PRO A 17 -8.16 11.66 9.69
CA PRO A 17 -7.46 10.39 9.92
C PRO A 17 -5.91 10.52 9.91
N PRO A 18 -5.17 9.37 10.08
CA PRO A 18 -3.68 9.30 10.13
C PRO A 18 -2.93 9.98 8.98
N GLU A 19 -1.65 9.65 8.82
CA GLU A 19 -0.75 10.45 7.99
C GLU A 19 0.43 9.64 7.48
N TYR A 20 0.37 8.31 7.55
CA TYR A 20 1.55 7.53 7.25
C TYR A 20 1.27 6.20 6.60
N LEU A 21 1.85 6.07 5.43
CA LEU A 21 2.11 4.83 4.73
C LEU A 21 3.57 4.88 4.29
N ASP A 22 4.42 3.99 4.79
CA ASP A 22 5.85 4.11 4.53
C ASP A 22 6.26 3.30 3.30
N ILE A 23 6.71 4.00 2.27
CA ILE A 23 7.07 3.37 1.01
C ILE A 23 8.53 3.59 0.64
N THR A 24 9.14 2.57 0.06
CA THR A 24 10.49 2.66 -0.47
C THR A 24 10.55 2.02 -1.86
N ASP A 25 10.62 2.84 -2.90
CA ASP A 25 10.58 2.34 -4.28
C ASP A 25 11.90 1.71 -4.68
N ILE A 26 11.82 0.53 -5.27
CA ILE A 26 13.00 -0.25 -5.65
C ILE A 26 12.86 -0.70 -7.11
N THR A 27 13.17 0.21 -8.03
CA THR A 27 13.26 -0.11 -9.46
C THR A 27 11.87 -0.13 -10.13
N GLU A 28 11.88 -0.04 -11.47
CA GLU A 28 10.69 -0.06 -12.29
C GLU A 28 11.03 -0.76 -13.60
N GLY A 29 10.04 -1.40 -14.20
CA GLY A 29 10.29 -2.14 -15.42
C GLY A 29 10.01 -1.34 -16.66
N ASP A 30 8.86 -0.67 -16.70
CA ASP A 30 8.50 0.09 -17.89
C ASP A 30 8.22 1.56 -17.58
N GLY A 31 7.28 1.83 -16.68
CA GLY A 31 6.94 3.20 -16.38
C GLY A 31 5.69 3.73 -17.07
N PRO A 32 4.55 3.01 -17.08
CA PRO A 32 3.27 3.62 -17.43
C PRO A 32 2.59 4.15 -16.18
N GLU A 33 3.00 3.56 -15.05
CA GLU A 33 2.56 3.91 -13.72
C GLU A 33 1.15 3.41 -13.44
N ALA A 34 1.03 2.57 -12.39
CA ALA A 34 -0.27 2.27 -11.83
C ALA A 34 -0.85 3.51 -11.18
N VAL A 35 -1.49 4.35 -11.96
CA VAL A 35 -1.89 5.64 -11.46
C VAL A 35 -3.40 5.67 -11.18
N LYS A 36 -3.85 6.73 -10.52
CA LYS A 36 -5.26 6.86 -10.17
C LYS A 36 -6.15 6.86 -11.40
N GLY A 37 -6.92 5.79 -11.52
CA GLY A 37 -7.82 5.61 -12.65
C GLY A 37 -7.33 4.57 -13.62
N SER A 38 -6.04 4.31 -13.61
CA SER A 38 -5.49 3.22 -14.42
C SER A 38 -5.70 1.92 -13.70
N ASN A 39 -5.80 0.86 -14.46
CA ASN A 39 -5.96 -0.44 -13.88
C ASN A 39 -4.65 -0.86 -13.24
N VAL A 40 -4.75 -1.40 -12.05
CA VAL A 40 -3.58 -1.69 -11.25
C VAL A 40 -3.40 -3.18 -11.15
N SER A 41 -2.16 -3.63 -11.23
CA SER A 41 -1.86 -5.03 -11.07
C SER A 41 -0.57 -5.22 -10.28
N MET A 42 -0.68 -5.71 -9.06
CA MET A 42 0.48 -5.86 -8.20
C MET A 42 0.25 -6.96 -7.18
N HIS A 43 1.29 -7.27 -6.42
CA HIS A 43 1.16 -8.26 -5.34
C HIS A 43 2.18 -7.99 -4.23
N TYR A 44 1.77 -8.14 -2.97
CA TYR A 44 2.64 -7.89 -1.83
C TYR A 44 2.79 -9.14 -1.00
N VAL A 45 3.67 -9.06 -0.01
CA VAL A 45 3.83 -10.09 1.04
C VAL A 45 4.51 -9.45 2.25
N GLY A 46 3.92 -9.62 3.42
CA GLY A 46 4.42 -8.96 4.61
C GLY A 46 5.41 -9.79 5.40
N VAL A 47 6.30 -9.11 6.09
CA VAL A 47 7.25 -9.75 6.98
C VAL A 47 7.08 -9.27 8.41
N SER A 48 7.68 -10.05 9.29
CA SER A 48 7.80 -9.75 10.71
C SER A 48 6.49 -9.44 11.36
N TRP A 49 6.58 -8.94 12.59
CA TRP A 49 5.45 -8.61 13.43
C TRP A 49 4.67 -9.87 13.86
N SER A 50 4.31 -10.71 12.89
CA SER A 50 3.67 -11.97 13.16
C SER A 50 4.72 -13.04 13.48
N THR A 51 5.70 -13.22 12.60
CA THR A 51 6.69 -14.28 12.77
C THR A 51 8.12 -13.76 12.63
N GLY A 52 8.28 -12.45 12.51
CA GLY A 52 9.61 -11.86 12.40
C GLY A 52 10.21 -12.04 11.01
N GLU A 53 9.35 -12.19 10.02
CA GLU A 53 9.77 -12.41 8.63
C GLU A 53 8.60 -12.62 7.69
N GLU A 54 8.92 -12.66 6.41
CA GLU A 54 7.97 -12.97 5.33
C GLU A 54 7.01 -14.07 5.74
N PHE A 55 5.72 -13.77 5.68
CA PHE A 55 4.72 -14.76 6.06
C PHE A 55 3.48 -14.66 5.16
N ASP A 56 2.98 -13.46 4.93
CA ASP A 56 1.74 -13.28 4.17
C ASP A 56 1.43 -11.80 3.98
N ALA A 57 0.79 -11.47 2.87
CA ALA A 57 0.32 -10.11 2.66
C ALA A 57 -1.20 -10.07 2.73
N SER A 58 -1.74 -8.88 2.80
CA SER A 58 -3.16 -8.68 2.63
C SER A 58 -3.48 -8.95 1.17
N TRP A 59 -2.57 -8.44 0.35
CA TRP A 59 -2.63 -8.57 -1.08
C TRP A 59 -2.38 -10.01 -1.53
N ASN A 60 -1.70 -10.77 -0.68
CA ASN A 60 -1.32 -12.14 -1.01
C ASN A 60 -2.55 -13.06 -1.04
N ARG A 61 -3.28 -13.00 -2.14
CA ARG A 61 -4.46 -13.81 -2.34
C ARG A 61 -4.13 -14.97 -3.27
N GLY A 62 -2.85 -15.16 -3.52
CA GLY A 62 -2.42 -16.17 -4.47
C GLY A 62 -2.58 -15.69 -5.89
N SER A 63 -2.68 -14.37 -6.03
CA SER A 63 -2.89 -13.75 -7.32
C SER A 63 -2.68 -12.24 -7.21
N THR A 64 -2.08 -11.67 -8.25
CA THR A 64 -1.90 -10.24 -8.35
C THR A 64 -3.25 -9.54 -8.47
N LEU A 65 -3.45 -8.52 -7.64
CA LEU A 65 -4.69 -7.77 -7.64
C LEU A 65 -4.77 -6.89 -8.87
N ASP A 66 -5.88 -6.96 -9.58
CA ASP A 66 -6.08 -6.13 -10.75
C ASP A 66 -7.34 -5.28 -10.57
N PHE A 67 -7.14 -4.03 -10.19
CA PHE A 67 -8.26 -3.11 -9.95
C PHE A 67 -7.88 -1.68 -10.28
N THR A 68 -8.88 -0.84 -10.53
CA THR A 68 -8.64 0.56 -10.88
C THR A 68 -8.27 1.39 -9.65
N LEU A 69 -7.12 2.02 -9.69
CA LEU A 69 -6.67 2.93 -8.63
C LEU A 69 -7.49 4.21 -8.63
N GLY A 70 -7.24 5.06 -7.65
CA GLY A 70 -7.84 6.38 -7.64
C GLY A 70 -9.18 6.39 -6.95
N THR A 71 -9.35 5.53 -5.95
CA THR A 71 -10.67 5.31 -5.37
C THR A 71 -11.02 6.24 -4.20
N GLY A 72 -10.07 6.54 -3.31
CA GLY A 72 -10.38 7.30 -2.12
C GLY A 72 -11.17 6.48 -1.10
N ARG A 73 -11.35 5.20 -1.37
CA ARG A 73 -12.30 4.38 -0.62
C ARG A 73 -11.70 3.08 -0.06
N VAL A 74 -10.40 2.89 -0.15
CA VAL A 74 -9.78 1.71 0.48
C VAL A 74 -9.33 2.03 1.91
N ILE A 75 -8.03 2.03 2.17
CA ILE A 75 -7.51 2.58 3.40
C ILE A 75 -6.84 3.91 3.09
N LYS A 76 -6.09 4.45 4.03
CA LYS A 76 -5.43 5.75 3.83
C LYS A 76 -4.34 5.71 2.74
N GLY A 77 -3.49 4.69 2.74
CA GLY A 77 -2.29 4.75 1.92
C GLY A 77 -2.27 3.88 0.66
N TRP A 78 -3.22 2.96 0.50
CA TRP A 78 -3.19 2.05 -0.66
C TRP A 78 -3.08 2.80 -1.99
N ASP A 79 -3.98 3.73 -2.27
CA ASP A 79 -3.86 4.50 -3.51
C ASP A 79 -2.63 5.38 -3.48
N MET A 80 -2.22 5.81 -2.27
CA MET A 80 -1.04 6.65 -2.13
C MET A 80 0.19 5.87 -2.56
N GLY A 81 0.12 4.57 -2.35
CA GLY A 81 1.23 3.71 -2.68
C GLY A 81 1.26 3.34 -4.14
N ILE A 82 0.12 2.91 -4.66
CA ILE A 82 0.02 2.49 -6.06
C ILE A 82 0.28 3.66 -6.96
N ALA A 83 -0.32 4.81 -6.63
CA ALA A 83 -0.19 6.00 -7.43
C ALA A 83 1.22 6.53 -7.32
N GLY A 84 2.08 5.97 -8.15
CA GLY A 84 3.50 6.23 -8.07
C GLY A 84 4.29 5.01 -8.47
N MET A 85 3.65 3.85 -8.31
CA MET A 85 4.22 2.61 -8.78
C MET A 85 4.18 2.63 -10.31
N LYS A 86 5.22 2.15 -10.97
CA LYS A 86 5.30 2.27 -12.43
C LYS A 86 4.63 1.10 -13.08
N VAL A 87 5.46 0.13 -13.36
CA VAL A 87 5.12 -1.25 -13.57
C VAL A 87 6.42 -2.01 -13.59
N GLY A 88 6.39 -3.23 -13.15
CA GLY A 88 7.54 -4.08 -13.28
C GLY A 88 8.63 -3.74 -12.28
N GLY A 89 8.25 -3.01 -11.25
CA GLY A 89 9.20 -2.57 -10.25
C GLY A 89 8.82 -3.00 -8.85
N ARG A 90 9.81 -3.13 -7.99
CA ARG A 90 9.58 -3.64 -6.65
C ARG A 90 9.62 -2.48 -5.65
N ARG A 91 9.03 -2.70 -4.50
CA ARG A 91 9.02 -1.70 -3.43
C ARG A 91 8.93 -2.37 -2.08
N LYS A 92 9.53 -1.75 -1.09
CA LYS A 92 9.34 -2.18 0.28
C LYS A 92 8.33 -1.28 0.95
N LEU A 93 7.26 -1.86 1.44
CA LEU A 93 6.24 -1.09 2.13
C LEU A 93 6.27 -1.39 3.62
N VAL A 94 6.37 -0.36 4.43
CA VAL A 94 6.25 -0.53 5.85
C VAL A 94 4.86 -0.10 6.28
N ILE A 95 4.13 -1.03 6.88
CA ILE A 95 2.71 -0.80 7.18
C ILE A 95 2.52 -0.22 8.58
N PRO A 96 1.94 1.01 8.64
CA PRO A 96 1.55 1.66 9.90
C PRO A 96 0.24 1.10 10.48
N PRO A 97 0.08 1.18 11.82
CA PRO A 97 -1.14 0.73 12.50
C PRO A 97 -2.43 1.39 11.98
N HIS A 98 -2.50 2.72 12.07
CA HIS A 98 -3.75 3.45 11.85
C HIS A 98 -4.11 3.58 10.38
N LEU A 99 -3.21 3.22 9.48
CA LEU A 99 -3.48 3.40 8.06
C LEU A 99 -3.72 2.07 7.37
N ALA A 100 -2.74 1.20 7.46
CA ALA A 100 -2.76 -0.05 6.69
C ALA A 100 -2.96 -1.29 7.53
N TYR A 101 -2.43 -1.30 8.74
CA TYR A 101 -2.49 -2.50 9.52
C TYR A 101 -3.91 -2.79 9.98
N GLY A 102 -4.45 -1.92 10.82
CA GLY A 102 -5.72 -2.19 11.45
C GLY A 102 -6.58 -0.96 11.59
N ASP A 103 -6.16 0.11 10.91
CA ASP A 103 -6.73 1.46 11.11
C ASP A 103 -6.81 1.76 12.60
N ARG A 104 -5.90 1.11 13.31
CA ARG A 104 -5.89 1.08 14.76
C ARG A 104 -4.46 0.86 15.27
N SER A 105 -4.20 -0.36 15.77
CA SER A 105 -2.94 -0.70 16.45
C SER A 105 -3.17 -1.83 17.48
N PRO A 106 -2.44 -2.95 17.35
CA PRO A 106 -2.43 -4.02 18.35
C PRO A 106 -1.36 -3.76 19.43
N SER A 107 -0.40 -2.95 19.05
CA SER A 107 0.76 -2.64 19.87
C SER A 107 0.97 -1.13 19.86
N PRO A 108 1.89 -0.59 20.71
CA PRO A 108 2.21 0.85 20.76
C PRO A 108 2.13 1.54 19.40
N ALA A 109 2.70 0.92 18.38
CA ALA A 109 2.70 1.48 17.03
C ALA A 109 3.21 0.45 16.04
N ILE A 110 2.66 -0.78 16.14
CA ILE A 110 3.14 -1.96 15.39
C ILE A 110 3.84 -1.62 14.07
N LYS A 111 5.17 -1.71 14.08
CA LYS A 111 6.03 -1.24 12.99
C LYS A 111 7.50 -1.11 13.44
N PRO A 112 7.77 -0.47 14.61
CA PRO A 112 9.12 -0.25 15.12
C PRO A 112 9.56 -1.34 16.09
N GLY A 113 8.77 -1.54 17.15
CA GLY A 113 8.95 -2.69 18.02
C GLY A 113 8.81 -3.95 17.20
N GLU A 114 7.87 -3.89 16.27
CA GLU A 114 7.68 -4.90 15.26
C GLU A 114 8.45 -4.52 14.01
N THR A 115 8.08 -5.10 12.88
CA THR A 115 8.65 -4.72 11.60
C THR A 115 7.75 -5.16 10.44
N LEU A 116 6.78 -4.34 10.12
CA LEU A 116 5.74 -4.72 9.16
C LEU A 116 6.17 -4.39 7.75
N ILE A 117 6.78 -5.35 7.05
CA ILE A 117 7.31 -5.05 5.73
C ILE A 117 6.58 -5.84 4.65
N PHE A 118 5.86 -5.14 3.82
CA PHE A 118 5.11 -5.75 2.77
C PHE A 118 5.81 -5.51 1.45
N VAL A 119 6.62 -6.47 1.08
CA VAL A 119 7.38 -6.40 -0.15
C VAL A 119 6.49 -6.68 -1.32
N VAL A 120 6.59 -5.84 -2.31
CA VAL A 120 5.65 -5.83 -3.42
C VAL A 120 6.34 -5.44 -4.70
N ASP A 121 5.85 -5.98 -5.80
CA ASP A 121 6.27 -5.52 -7.10
C ASP A 121 5.07 -5.28 -8.00
N LEU A 122 5.02 -4.08 -8.55
CA LEU A 122 4.02 -3.72 -9.55
C LEU A 122 4.35 -4.51 -10.80
N VAL A 123 3.36 -5.16 -11.38
CA VAL A 123 3.63 -6.01 -12.54
C VAL A 123 2.95 -5.50 -13.81
N GLY A 124 1.87 -4.73 -13.67
CA GLY A 124 1.20 -4.24 -14.84
C GLY A 124 0.18 -3.18 -14.54
N VAL A 125 -0.21 -2.48 -15.59
CA VAL A 125 -1.20 -1.44 -15.53
C VAL A 125 -2.22 -1.68 -16.65
N GLY A 126 -3.24 -0.86 -16.69
CA GLY A 126 -4.21 -0.93 -17.76
C GLY A 126 -5.22 0.19 -17.67
N GLY A 1 -16.22 -1.59 2.40
CA GLY A 1 -15.26 -0.52 2.07
C GLY A 1 -15.12 0.49 3.18
N ALA A 2 -13.96 1.11 3.29
CA ALA A 2 -13.72 2.10 4.32
C ALA A 2 -13.55 3.49 3.71
N MET A 3 -12.72 3.57 2.66
CA MET A 3 -12.42 4.84 1.98
C MET A 3 -12.10 5.92 2.99
N ALA A 4 -10.92 5.83 3.57
CA ALA A 4 -10.53 6.70 4.68
C ALA A 4 -10.15 8.11 4.22
N LEU A 5 -8.85 8.32 4.00
CA LEU A 5 -8.32 9.63 3.65
C LEU A 5 -6.88 9.48 3.19
N GLU A 6 -6.05 10.50 3.39
CA GLU A 6 -4.70 10.52 2.94
C GLU A 6 -4.58 10.62 1.42
N ARG A 7 -3.54 10.00 0.88
CA ARG A 7 -3.03 10.22 -0.47
C ARG A 7 -3.23 11.67 -1.02
N PRO A 8 -4.17 11.93 -1.95
CA PRO A 8 -4.49 13.27 -2.49
C PRO A 8 -4.94 14.23 -1.41
N GLU A 9 -5.98 13.78 -0.73
CA GLU A 9 -6.72 14.51 0.28
C GLU A 9 -6.65 16.02 0.12
N ILE A 10 -7.70 16.53 -0.46
CA ILE A 10 -7.78 17.90 -0.88
C ILE A 10 -8.54 18.72 0.15
N ASP A 11 -9.82 18.37 0.27
CA ASP A 11 -10.78 18.94 1.24
C ASP A 11 -10.20 20.05 2.12
N PHE A 12 -9.43 19.64 3.11
CA PHE A 12 -8.89 20.57 4.08
C PHE A 12 -7.37 20.68 3.95
N PRO A 13 -6.62 19.57 4.10
CA PRO A 13 -5.17 19.60 4.05
C PRO A 13 -4.66 19.17 2.67
N GLU A 14 -4.85 20.04 1.68
CA GLU A 14 -4.55 19.69 0.30
C GLU A 14 -3.08 19.31 0.16
N GLY A 15 -2.85 18.08 -0.27
CA GLY A 15 -1.50 17.57 -0.42
C GLY A 15 -0.75 17.49 0.90
N GLN A 16 -1.50 17.49 1.99
CA GLN A 16 -0.91 17.44 3.33
C GLN A 16 -1.68 16.46 4.22
N PRO A 17 -1.73 15.18 3.83
CA PRO A 17 -2.47 14.15 4.54
C PRO A 17 -1.57 13.45 5.57
N PRO A 18 -2.04 12.36 6.21
CA PRO A 18 -1.17 11.46 7.01
C PRO A 18 0.08 11.01 6.23
N GLU A 19 0.91 10.18 6.85
CA GLU A 19 2.25 9.89 6.32
C GLU A 19 2.73 8.59 6.92
N TYR A 20 1.78 7.72 7.17
CA TYR A 20 2.04 6.52 7.91
C TYR A 20 2.40 5.39 6.99
N LEU A 21 2.13 5.66 5.75
CA LEU A 21 2.44 4.75 4.68
C LEU A 21 3.89 4.99 4.29
N ASP A 22 4.77 4.03 4.54
CA ASP A 22 6.18 4.28 4.31
C ASP A 22 6.66 3.59 3.04
N ILE A 23 7.07 4.39 2.07
CA ILE A 23 7.47 3.86 0.77
C ILE A 23 8.96 3.98 0.53
N THR A 24 9.55 2.88 0.10
CA THR A 24 10.91 2.88 -0.43
C THR A 24 10.85 2.39 -1.88
N ASP A 25 11.00 3.31 -2.82
CA ASP A 25 10.66 3.02 -4.21
C ASP A 25 11.87 2.62 -5.03
N ILE A 26 11.94 1.33 -5.38
CA ILE A 26 12.88 0.84 -6.37
C ILE A 26 12.08 0.28 -7.53
N THR A 27 11.20 1.11 -8.03
CA THR A 27 10.19 0.68 -8.97
C THR A 27 10.40 1.30 -10.34
N GLU A 28 11.03 0.55 -11.22
CA GLU A 28 11.26 0.97 -12.60
C GLU A 28 11.48 -0.25 -13.46
N GLY A 29 10.40 -0.84 -13.93
CA GLY A 29 10.50 -2.10 -14.64
C GLY A 29 10.28 -1.99 -16.13
N ASP A 30 9.03 -2.08 -16.55
CA ASP A 30 8.71 -2.24 -17.96
C ASP A 30 8.33 -0.94 -18.65
N GLY A 31 7.21 -0.34 -18.24
CA GLY A 31 6.62 0.69 -19.08
C GLY A 31 5.93 1.84 -18.36
N PRO A 32 4.63 1.71 -18.02
CA PRO A 32 3.76 2.85 -17.75
C PRO A 32 3.88 3.37 -16.31
N GLU A 33 3.00 2.90 -15.40
CA GLU A 33 2.91 3.40 -14.01
C GLU A 33 1.47 3.22 -13.53
N ALA A 34 1.23 2.50 -12.42
CA ALA A 34 -0.11 2.42 -11.88
C ALA A 34 -0.49 3.75 -11.22
N VAL A 35 -1.70 4.22 -11.47
CA VAL A 35 -2.13 5.50 -10.94
C VAL A 35 -3.66 5.61 -10.95
N LYS A 36 -4.19 6.73 -10.47
CA LYS A 36 -5.64 6.98 -10.39
C LYS A 36 -6.37 6.58 -11.66
N GLY A 37 -7.44 5.80 -11.50
CA GLY A 37 -8.29 5.41 -12.62
C GLY A 37 -7.70 4.31 -13.47
N SER A 38 -6.38 4.17 -13.42
CA SER A 38 -5.71 3.12 -14.13
C SER A 38 -5.87 1.81 -13.41
N ASN A 39 -5.92 0.76 -14.20
CA ASN A 39 -6.06 -0.57 -13.69
C ASN A 39 -4.78 -0.99 -13.02
N VAL A 40 -4.90 -1.58 -11.86
CA VAL A 40 -3.76 -1.92 -11.06
C VAL A 40 -3.61 -3.42 -10.98
N SER A 41 -2.38 -3.86 -11.08
CA SER A 41 -2.07 -5.25 -10.93
C SER A 41 -0.74 -5.41 -10.23
N MET A 42 -0.76 -5.86 -8.99
CA MET A 42 0.48 -5.97 -8.23
C MET A 42 0.34 -6.92 -7.05
N HIS A 43 1.46 -7.26 -6.43
CA HIS A 43 1.44 -8.15 -5.27
C HIS A 43 2.37 -7.67 -4.17
N TYR A 44 2.00 -7.96 -2.92
CA TYR A 44 2.85 -7.69 -1.77
C TYR A 44 3.04 -8.97 -1.01
N VAL A 45 3.87 -8.88 0.03
CA VAL A 45 4.03 -9.94 1.03
C VAL A 45 4.64 -9.31 2.29
N GLY A 46 3.98 -9.52 3.43
CA GLY A 46 4.40 -8.89 4.66
C GLY A 46 5.44 -9.68 5.41
N VAL A 47 6.25 -8.98 6.21
CA VAL A 47 7.31 -9.62 6.96
C VAL A 47 7.35 -9.18 8.42
N SER A 48 8.11 -9.96 9.19
CA SER A 48 8.49 -9.66 10.57
C SER A 48 7.40 -8.96 11.39
N TRP A 49 6.26 -9.61 11.50
CA TRP A 49 5.28 -9.19 12.48
C TRP A 49 4.38 -10.34 12.88
N SER A 50 4.06 -11.21 11.92
CA SER A 50 3.31 -12.41 12.23
C SER A 50 4.23 -13.51 12.76
N THR A 51 5.53 -13.42 12.45
CA THR A 51 6.46 -14.46 12.91
C THR A 51 7.92 -14.04 12.70
N GLY A 52 8.23 -13.55 11.51
CA GLY A 52 9.61 -13.22 11.18
C GLY A 52 9.84 -13.31 9.71
N GLU A 53 10.01 -12.15 9.11
CA GLU A 53 10.32 -12.02 7.69
C GLU A 53 9.15 -12.46 6.81
N GLU A 54 9.31 -12.19 5.52
CA GLU A 54 8.30 -12.48 4.50
C GLU A 54 7.54 -13.78 4.76
N PHE A 55 6.28 -13.61 5.13
CA PHE A 55 5.42 -14.74 5.41
C PHE A 55 4.25 -14.79 4.43
N ASP A 56 3.57 -13.66 4.25
CA ASP A 56 2.40 -13.58 3.38
C ASP A 56 1.85 -12.16 3.37
N ALA A 57 1.07 -11.82 2.35
CA ALA A 57 0.41 -10.53 2.30
C ALA A 57 -1.09 -10.72 2.11
N SER A 58 -1.83 -9.65 2.34
CA SER A 58 -3.25 -9.63 1.98
C SER A 58 -3.34 -9.62 0.47
N TRP A 59 -2.43 -8.87 -0.12
CA TRP A 59 -2.27 -8.77 -1.55
C TRP A 59 -1.86 -10.12 -2.16
N ASN A 60 -1.25 -10.96 -1.33
CA ASN A 60 -0.68 -12.23 -1.79
C ASN A 60 -1.76 -13.32 -1.96
N ARG A 61 -3.03 -12.93 -1.89
CA ARG A 61 -4.12 -13.90 -1.95
C ARG A 61 -4.27 -14.49 -3.36
N GLY A 62 -3.58 -13.86 -4.31
CA GLY A 62 -3.47 -14.40 -5.64
C GLY A 62 -2.13 -14.05 -6.23
N SER A 63 -1.23 -13.64 -5.33
CA SER A 63 0.08 -13.11 -5.68
C SER A 63 -0.02 -12.05 -6.76
N THR A 64 -1.08 -11.27 -6.65
CA THR A 64 -1.39 -10.16 -7.53
C THR A 64 -2.88 -9.86 -7.41
N LEU A 65 -3.23 -8.59 -7.54
CA LEU A 65 -4.61 -8.18 -7.57
C LEU A 65 -4.85 -7.22 -8.71
N ASP A 66 -6.09 -7.19 -9.17
CA ASP A 66 -6.49 -6.36 -10.31
C ASP A 66 -7.60 -5.42 -9.88
N PHE A 67 -7.26 -4.19 -9.55
CA PHE A 67 -8.27 -3.21 -9.15
C PHE A 67 -7.92 -1.83 -9.67
N THR A 68 -8.90 -0.95 -9.75
CA THR A 68 -8.68 0.40 -10.23
C THR A 68 -8.33 1.34 -9.09
N LEU A 69 -7.21 2.04 -9.22
CA LEU A 69 -6.84 3.10 -8.29
C LEU A 69 -7.75 4.29 -8.53
N GLY A 70 -7.70 5.29 -7.68
CA GLY A 70 -8.41 6.50 -8.05
C GLY A 70 -8.86 7.35 -6.88
N THR A 71 -8.10 7.36 -5.80
CA THR A 71 -8.33 8.34 -4.74
C THR A 71 -9.51 7.93 -3.89
N GLY A 72 -9.22 7.51 -2.68
CA GLY A 72 -10.27 7.07 -1.79
C GLY A 72 -10.97 5.83 -2.28
N ARG A 73 -10.20 4.93 -2.88
CA ARG A 73 -10.75 3.69 -3.36
C ARG A 73 -10.62 2.64 -2.27
N VAL A 74 -9.60 2.82 -1.44
CA VAL A 74 -9.29 1.92 -0.35
C VAL A 74 -8.95 2.71 0.91
N ILE A 75 -8.12 2.15 1.80
CA ILE A 75 -7.69 2.83 3.02
C ILE A 75 -6.93 4.11 2.69
N LYS A 76 -6.36 4.71 3.71
CA LYS A 76 -5.51 5.87 3.55
C LYS A 76 -4.47 5.69 2.44
N GLY A 77 -3.51 4.80 2.65
CA GLY A 77 -2.32 4.82 1.82
C GLY A 77 -2.16 3.68 0.82
N TRP A 78 -3.16 2.83 0.64
CA TRP A 78 -3.09 1.86 -0.46
C TRP A 78 -3.13 2.62 -1.79
N ASP A 79 -3.96 3.66 -1.86
CA ASP A 79 -3.99 4.53 -3.03
C ASP A 79 -2.66 5.28 -3.15
N MET A 80 -2.02 5.56 -2.00
CA MET A 80 -0.75 6.28 -1.99
C MET A 80 0.33 5.43 -2.62
N GLY A 81 0.31 4.16 -2.24
CA GLY A 81 1.34 3.25 -2.65
C GLY A 81 1.30 2.99 -4.14
N ILE A 82 0.14 2.63 -4.64
CA ILE A 82 -0.03 2.28 -6.05
C ILE A 82 0.18 3.49 -6.92
N ALA A 83 -0.35 4.63 -6.49
CA ALA A 83 -0.23 5.85 -7.27
C ALA A 83 1.22 6.30 -7.32
N GLY A 84 1.90 5.87 -8.36
CA GLY A 84 3.32 6.14 -8.47
C GLY A 84 4.10 4.90 -8.80
N MET A 85 3.52 3.75 -8.47
CA MET A 85 4.14 2.47 -8.79
C MET A 85 4.33 2.29 -10.27
N LYS A 86 5.44 1.71 -10.63
CA LYS A 86 5.76 1.46 -12.03
C LYS A 86 5.75 -0.04 -12.31
N VAL A 87 5.04 -0.42 -13.36
CA VAL A 87 4.84 -1.81 -13.68
C VAL A 87 6.19 -2.50 -13.84
N GLY A 88 6.29 -3.61 -13.19
CA GLY A 88 7.49 -4.41 -13.25
C GLY A 88 8.52 -3.95 -12.24
N GLY A 89 8.04 -3.38 -11.14
CA GLY A 89 8.94 -2.72 -10.21
C GLY A 89 8.72 -3.13 -8.78
N ARG A 90 9.69 -2.82 -7.92
CA ARG A 90 9.71 -3.36 -6.56
C ARG A 90 9.84 -2.25 -5.51
N ARG A 91 8.94 -2.25 -4.55
CA ARG A 91 8.98 -1.26 -3.48
C ARG A 91 8.86 -1.92 -2.12
N LYS A 92 9.58 -1.38 -1.15
CA LYS A 92 9.45 -1.83 0.22
C LYS A 92 8.50 -0.92 0.97
N LEU A 93 7.43 -1.50 1.50
CA LEU A 93 6.42 -0.73 2.19
C LEU A 93 6.35 -1.11 3.67
N VAL A 94 6.31 -0.11 4.54
CA VAL A 94 6.08 -0.34 5.96
C VAL A 94 4.64 0.00 6.30
N ILE A 95 3.98 -0.92 7.01
CA ILE A 95 2.55 -0.79 7.34
C ILE A 95 2.33 -0.11 8.69
N PRO A 96 1.62 1.02 8.67
CA PRO A 96 1.15 1.73 9.86
C PRO A 96 -0.11 1.12 10.46
N PRO A 97 -0.25 1.23 11.78
CA PRO A 97 -1.46 0.81 12.49
C PRO A 97 -2.70 1.63 12.14
N HIS A 98 -2.56 2.95 12.13
CA HIS A 98 -3.70 3.86 12.04
C HIS A 98 -3.98 4.28 10.59
N LEU A 99 -3.55 3.46 9.65
CA LEU A 99 -3.69 3.79 8.24
C LEU A 99 -3.97 2.53 7.43
N ALA A 100 -3.16 1.52 7.67
CA ALA A 100 -3.19 0.31 6.88
C ALA A 100 -3.58 -0.91 7.69
N TYR A 101 -2.99 -1.07 8.87
CA TYR A 101 -3.25 -2.25 9.67
C TYR A 101 -4.73 -2.36 10.06
N GLY A 102 -5.14 -1.51 10.99
CA GLY A 102 -6.49 -1.59 11.52
C GLY A 102 -7.16 -0.25 11.51
N ASP A 103 -6.52 0.71 10.82
CA ASP A 103 -6.88 2.13 10.85
C ASP A 103 -6.99 2.66 12.28
N ARG A 104 -6.50 1.85 13.22
CA ARG A 104 -6.52 2.18 14.61
C ARG A 104 -5.12 2.06 15.19
N SER A 105 -4.73 0.84 15.59
CA SER A 105 -3.52 0.60 16.37
C SER A 105 -3.66 -0.64 17.26
N PRO A 106 -2.76 -1.62 17.09
CA PRO A 106 -2.68 -2.79 17.95
C PRO A 106 -1.79 -2.53 19.18
N SER A 107 -0.51 -2.26 18.92
CA SER A 107 0.55 -2.12 19.93
C SER A 107 1.92 -2.05 19.22
N PRO A 108 3.03 -1.79 19.94
CA PRO A 108 4.40 -1.93 19.39
C PRO A 108 4.65 -3.24 18.68
N ALA A 109 3.85 -4.25 19.02
CA ALA A 109 3.89 -5.53 18.32
C ALA A 109 3.61 -5.36 16.82
N ILE A 110 3.32 -4.12 16.41
CA ILE A 110 3.20 -3.77 15.03
C ILE A 110 3.84 -2.42 14.68
N LYS A 111 5.02 -2.50 14.03
CA LYS A 111 5.71 -1.37 13.36
C LYS A 111 6.96 -0.85 14.12
N PRO A 112 6.88 -0.49 15.42
CA PRO A 112 8.04 -0.03 16.16
C PRO A 112 8.74 -1.17 16.89
N GLY A 113 8.02 -1.82 17.81
CA GLY A 113 8.57 -2.98 18.47
C GLY A 113 8.70 -4.15 17.52
N GLU A 114 7.76 -4.22 16.57
CA GLU A 114 7.83 -5.21 15.51
C GLU A 114 8.23 -4.49 14.22
N THR A 115 8.15 -5.14 13.07
CA THR A 115 8.54 -4.49 11.83
C THR A 115 7.73 -5.03 10.65
N LEU A 116 6.59 -4.42 10.41
CA LEU A 116 5.68 -4.88 9.37
C LEU A 116 6.15 -4.43 8.00
N ILE A 117 6.75 -5.33 7.24
CA ILE A 117 7.27 -4.94 5.95
C ILE A 117 6.55 -5.66 4.83
N PHE A 118 5.84 -4.91 4.02
CA PHE A 118 5.14 -5.50 2.92
C PHE A 118 5.84 -5.15 1.63
N VAL A 119 6.66 -6.09 1.18
CA VAL A 119 7.41 -5.91 -0.05
C VAL A 119 6.49 -6.07 -1.23
N VAL A 120 6.53 -5.09 -2.10
CA VAL A 120 5.56 -4.99 -3.16
C VAL A 120 6.24 -5.10 -4.52
N ASP A 121 5.47 -5.51 -5.51
CA ASP A 121 5.95 -5.60 -6.88
C ASP A 121 4.79 -5.33 -7.83
N LEU A 122 4.89 -4.23 -8.57
CA LEU A 122 3.87 -3.90 -9.57
C LEU A 122 4.06 -4.83 -10.75
N VAL A 123 3.01 -5.53 -11.16
CA VAL A 123 3.12 -6.51 -12.23
C VAL A 123 2.34 -6.10 -13.47
N GLY A 124 1.66 -4.95 -13.41
CA GLY A 124 1.01 -4.44 -14.60
C GLY A 124 0.01 -3.33 -14.32
N VAL A 125 -0.33 -2.61 -15.36
CA VAL A 125 -1.34 -1.57 -15.33
C VAL A 125 -2.34 -1.84 -16.45
N GLY A 126 -3.35 -1.02 -16.55
CA GLY A 126 -4.27 -1.10 -17.66
C GLY A 126 -5.29 0.02 -17.61
N GLY A 1 -13.89 14.67 4.17
CA GLY A 1 -14.48 13.57 4.96
C GLY A 1 -13.53 12.40 5.10
N ALA A 2 -13.96 11.23 4.65
CA ALA A 2 -13.14 10.03 4.69
C ALA A 2 -12.01 10.14 3.68
N MET A 3 -12.29 10.80 2.56
CA MET A 3 -11.30 11.03 1.54
C MET A 3 -10.64 12.40 1.77
N ALA A 4 -9.88 12.49 2.86
CA ALA A 4 -9.19 13.73 3.21
C ALA A 4 -7.84 13.46 3.86
N LEU A 5 -7.12 12.50 3.32
CA LEU A 5 -5.79 12.16 3.85
C LEU A 5 -4.90 11.52 2.76
N GLU A 6 -4.15 10.47 3.12
CA GLU A 6 -3.21 9.82 2.21
C GLU A 6 -3.82 9.43 0.87
N ARG A 7 -4.91 8.68 0.89
CA ARG A 7 -5.46 8.15 -0.35
C ARG A 7 -5.75 9.21 -1.43
N PRO A 8 -6.56 10.20 -1.11
CA PRO A 8 -7.06 11.17 -2.06
C PRO A 8 -6.15 12.35 -2.28
N GLU A 9 -6.11 12.79 -3.51
CA GLU A 9 -5.30 13.92 -3.92
C GLU A 9 -6.19 14.96 -4.59
N ILE A 10 -7.02 15.58 -3.77
CA ILE A 10 -8.00 16.56 -4.22
C ILE A 10 -8.47 17.40 -3.04
N ASP A 11 -9.50 18.21 -3.28
CA ASP A 11 -10.13 19.04 -2.24
C ASP A 11 -9.21 20.16 -1.78
N PHE A 12 -8.09 19.76 -1.22
CA PHE A 12 -7.04 20.65 -0.81
C PHE A 12 -6.12 20.84 -2.01
N PRO A 13 -5.12 21.72 -1.92
CA PRO A 13 -4.07 21.84 -2.94
C PRO A 13 -3.22 20.58 -3.09
N GLU A 14 -3.72 19.47 -2.52
CA GLU A 14 -3.10 18.15 -2.60
C GLU A 14 -1.81 18.07 -1.79
N GLY A 15 -1.57 16.92 -1.20
CA GLY A 15 -0.34 16.70 -0.46
C GLY A 15 -0.41 17.16 0.98
N GLN A 16 -1.56 17.01 1.63
CA GLN A 16 -1.68 17.29 3.06
C GLN A 16 -2.27 16.11 3.83
N PRO A 17 -1.68 14.90 3.69
CA PRO A 17 -2.11 13.70 4.39
C PRO A 17 -1.19 13.31 5.55
N PRO A 18 -1.41 12.14 6.15
CA PRO A 18 -0.39 11.47 6.97
C PRO A 18 0.85 11.11 6.13
N GLU A 19 1.45 9.95 6.40
CA GLU A 19 2.68 9.52 5.76
C GLU A 19 3.10 8.26 6.46
N TYR A 20 2.08 7.53 6.87
CA TYR A 20 2.27 6.38 7.71
C TYR A 20 2.67 5.21 6.89
N LEU A 21 2.23 5.28 5.69
CA LEU A 21 2.56 4.32 4.69
C LEU A 21 3.98 4.59 4.22
N ASP A 22 4.90 3.70 4.52
CA ASP A 22 6.30 3.96 4.21
C ASP A 22 6.64 3.42 2.84
N ILE A 23 6.98 4.31 1.93
CA ILE A 23 7.25 3.94 0.55
C ILE A 23 8.73 4.06 0.19
N THR A 24 9.38 2.93 -0.03
CA THR A 24 10.74 2.92 -0.56
C THR A 24 10.68 2.42 -2.00
N ASP A 25 10.83 3.32 -2.96
CA ASP A 25 10.52 3.00 -4.34
C ASP A 25 11.75 2.68 -5.18
N ILE A 26 11.79 1.44 -5.65
CA ILE A 26 12.71 1.03 -6.70
C ILE A 26 11.84 0.33 -7.75
N THR A 27 10.81 1.05 -8.15
CA THR A 27 9.71 0.47 -8.89
C THR A 27 9.64 1.01 -10.31
N GLU A 28 10.68 0.78 -11.10
CA GLU A 28 10.67 1.11 -12.51
C GLU A 28 11.09 -0.10 -13.33
N GLY A 29 10.11 -0.92 -13.68
CA GLY A 29 10.39 -2.15 -14.38
C GLY A 29 10.17 -2.06 -15.87
N ASP A 30 8.96 -2.36 -16.31
CA ASP A 30 8.69 -2.57 -17.72
C ASP A 30 8.26 -1.29 -18.44
N GLY A 31 7.04 -0.81 -18.17
CA GLY A 31 6.44 0.17 -19.05
C GLY A 31 5.69 1.29 -18.32
N PRO A 32 4.44 1.05 -17.88
CA PRO A 32 3.53 2.09 -17.43
C PRO A 32 3.54 2.23 -15.90
N GLU A 33 2.89 3.26 -15.41
CA GLU A 33 2.96 3.65 -14.02
C GLU A 33 1.57 3.67 -13.43
N ALA A 34 1.30 2.79 -12.47
CA ALA A 34 -0.03 2.69 -11.91
C ALA A 34 -0.39 3.97 -11.17
N VAL A 35 -1.58 4.48 -11.43
CA VAL A 35 -1.99 5.74 -10.86
C VAL A 35 -3.51 5.90 -10.94
N LYS A 36 -4.01 7.02 -10.46
CA LYS A 36 -5.44 7.33 -10.48
C LYS A 36 -6.11 7.01 -11.82
N GLY A 37 -7.22 6.29 -11.77
CA GLY A 37 -7.99 5.96 -12.95
C GLY A 37 -7.40 4.79 -13.71
N SER A 38 -6.11 4.58 -13.56
CA SER A 38 -5.46 3.45 -14.16
C SER A 38 -5.74 2.20 -13.34
N ASN A 39 -5.95 1.11 -14.04
CA ASN A 39 -6.19 -0.14 -13.38
C ASN A 39 -4.90 -0.64 -12.80
N VAL A 40 -4.97 -1.22 -11.63
CA VAL A 40 -3.79 -1.62 -10.91
C VAL A 40 -3.72 -3.12 -10.83
N SER A 41 -2.53 -3.64 -11.00
CA SER A 41 -2.31 -5.06 -10.90
C SER A 41 -0.96 -5.29 -10.21
N MET A 42 -0.96 -5.94 -9.06
CA MET A 42 0.30 -6.10 -8.32
C MET A 42 0.19 -7.10 -7.19
N HIS A 43 1.29 -7.27 -6.46
CA HIS A 43 1.32 -8.18 -5.32
C HIS A 43 2.33 -7.74 -4.27
N TYR A 44 1.98 -7.96 -3.00
CA TYR A 44 2.88 -7.70 -1.88
C TYR A 44 3.08 -8.99 -1.14
N VAL A 45 3.94 -8.93 -0.13
CA VAL A 45 4.12 -10.00 0.82
C VAL A 45 4.69 -9.41 2.11
N GLY A 46 4.03 -9.68 3.22
CA GLY A 46 4.43 -9.09 4.48
C GLY A 46 5.47 -9.90 5.20
N VAL A 47 6.33 -9.21 5.93
CA VAL A 47 7.36 -9.85 6.72
C VAL A 47 7.18 -9.51 8.18
N SER A 48 7.78 -10.39 8.98
CA SER A 48 7.88 -10.21 10.42
C SER A 48 6.55 -9.94 11.06
N TRP A 49 6.62 -9.46 12.29
CA TRP A 49 5.47 -9.06 13.09
C TRP A 49 4.58 -10.25 13.47
N SER A 50 4.17 -11.04 12.49
CA SER A 50 3.37 -12.21 12.73
C SER A 50 4.26 -13.39 13.13
N THR A 51 5.46 -13.47 12.56
CA THR A 51 6.34 -14.59 12.83
C THR A 51 7.82 -14.24 12.75
N GLY A 52 8.17 -13.37 11.80
CA GLY A 52 9.57 -13.06 11.58
C GLY A 52 9.94 -13.21 10.14
N GLU A 53 10.00 -12.07 9.45
CA GLU A 53 10.36 -12.00 8.04
C GLU A 53 9.28 -12.57 7.14
N GLU A 54 9.50 -12.39 5.84
CA GLU A 54 8.55 -12.75 4.79
C GLU A 54 7.73 -13.99 5.13
N PHE A 55 6.41 -13.82 5.24
CA PHE A 55 5.53 -14.93 5.52
C PHE A 55 4.29 -14.94 4.61
N ASP A 56 3.67 -13.78 4.39
CA ASP A 56 2.40 -13.69 3.66
C ASP A 56 1.90 -12.24 3.58
N ALA A 57 1.24 -11.87 2.48
CA ALA A 57 0.62 -10.56 2.37
C ALA A 57 -0.89 -10.69 2.31
N SER A 58 -1.55 -9.58 2.52
CA SER A 58 -2.97 -9.48 2.25
C SER A 58 -3.16 -9.49 0.75
N TRP A 59 -2.24 -8.81 0.09
CA TRP A 59 -2.18 -8.73 -1.35
C TRP A 59 -1.78 -10.08 -1.94
N ASN A 60 -1.09 -10.88 -1.14
CA ASN A 60 -0.59 -12.17 -1.61
C ASN A 60 -1.59 -13.26 -1.31
N ARG A 61 -2.47 -13.50 -2.25
CA ARG A 61 -3.47 -14.56 -2.10
C ARG A 61 -3.25 -15.65 -3.14
N GLY A 62 -2.08 -15.63 -3.76
CA GLY A 62 -1.75 -16.62 -4.77
C GLY A 62 -2.05 -16.14 -6.17
N SER A 63 -2.29 -14.85 -6.28
CA SER A 63 -2.64 -14.22 -7.54
C SER A 63 -2.66 -12.72 -7.37
N THR A 64 -2.27 -12.01 -8.42
CA THR A 64 -2.27 -10.56 -8.42
C THR A 64 -3.67 -10.01 -8.20
N LEU A 65 -3.75 -8.82 -7.61
CA LEU A 65 -5.03 -8.15 -7.47
C LEU A 65 -5.14 -7.09 -8.56
N ASP A 66 -6.35 -6.81 -8.99
CA ASP A 66 -6.58 -5.82 -10.02
C ASP A 66 -7.69 -4.87 -9.59
N PHE A 67 -7.35 -3.60 -9.46
CA PHE A 67 -8.34 -2.59 -9.09
C PHE A 67 -7.91 -1.21 -9.57
N THR A 68 -8.87 -0.36 -9.87
CA THR A 68 -8.57 0.98 -10.35
C THR A 68 -8.23 1.91 -9.20
N LEU A 69 -7.01 2.45 -9.24
CA LEU A 69 -6.60 3.52 -8.34
C LEU A 69 -7.49 4.72 -8.61
N GLY A 70 -7.74 5.56 -7.63
CA GLY A 70 -8.54 6.72 -7.92
C GLY A 70 -8.88 7.55 -6.70
N THR A 71 -7.88 7.80 -5.89
CA THR A 71 -7.98 8.79 -4.80
C THR A 71 -9.12 8.48 -3.84
N GLY A 72 -8.87 7.58 -2.91
CA GLY A 72 -9.88 7.19 -1.97
C GLY A 72 -10.63 5.94 -2.37
N ARG A 73 -9.95 5.01 -2.99
CA ARG A 73 -10.56 3.74 -3.40
C ARG A 73 -10.47 2.73 -2.27
N VAL A 74 -9.50 2.94 -1.40
CA VAL A 74 -9.21 2.03 -0.31
C VAL A 74 -8.81 2.82 0.93
N ILE A 75 -8.08 2.20 1.85
CA ILE A 75 -7.62 2.88 3.07
C ILE A 75 -6.71 4.05 2.74
N LYS A 76 -6.25 4.75 3.79
CA LYS A 76 -5.35 5.89 3.63
C LYS A 76 -4.22 5.60 2.65
N GLY A 77 -3.32 4.70 3.03
CA GLY A 77 -2.05 4.61 2.32
C GLY A 77 -2.09 3.89 0.96
N TRP A 78 -2.84 2.79 0.85
CA TRP A 78 -2.83 1.95 -0.37
C TRP A 78 -2.91 2.77 -1.66
N ASP A 79 -3.77 3.79 -1.71
CA ASP A 79 -3.96 4.58 -2.91
C ASP A 79 -2.68 5.36 -3.24
N MET A 80 -2.02 5.84 -2.19
CA MET A 80 -0.78 6.57 -2.34
C MET A 80 0.34 5.63 -2.75
N GLY A 81 0.29 4.41 -2.22
CA GLY A 81 1.32 3.44 -2.44
C GLY A 81 1.44 3.01 -3.89
N ILE A 82 0.31 2.84 -4.54
CA ILE A 82 0.27 2.43 -5.95
C ILE A 82 0.54 3.61 -6.85
N ALA A 83 0.00 4.76 -6.48
CA ALA A 83 0.12 5.94 -7.31
C ALA A 83 1.57 6.38 -7.41
N GLY A 84 2.19 6.06 -8.53
CA GLY A 84 3.60 6.34 -8.71
C GLY A 84 4.41 5.10 -9.01
N MET A 85 3.84 3.95 -8.68
CA MET A 85 4.50 2.69 -8.96
C MET A 85 4.50 2.43 -10.45
N LYS A 86 5.55 1.79 -10.93
CA LYS A 86 5.67 1.47 -12.35
C LYS A 86 5.78 -0.04 -12.52
N VAL A 87 4.93 -0.60 -13.39
CA VAL A 87 4.75 -2.04 -13.53
C VAL A 87 6.09 -2.74 -13.65
N GLY A 88 6.18 -3.80 -12.92
CA GLY A 88 7.37 -4.63 -12.96
C GLY A 88 8.44 -4.09 -12.06
N GLY A 89 8.00 -3.47 -10.97
CA GLY A 89 8.91 -2.78 -10.10
C GLY A 89 8.72 -3.17 -8.65
N ARG A 90 9.73 -2.92 -7.84
CA ARG A 90 9.75 -3.40 -6.47
C ARG A 90 9.75 -2.22 -5.50
N ARG A 91 8.93 -2.30 -4.46
CA ARG A 91 8.91 -1.27 -3.44
C ARG A 91 8.78 -1.88 -2.05
N LYS A 92 9.51 -1.30 -1.11
CA LYS A 92 9.37 -1.68 0.28
C LYS A 92 8.31 -0.83 0.94
N LEU A 93 7.36 -1.49 1.57
CA LEU A 93 6.31 -0.81 2.28
C LEU A 93 6.33 -1.18 3.76
N VAL A 94 6.35 -0.18 4.63
CA VAL A 94 6.22 -0.43 6.05
C VAL A 94 4.80 -0.10 6.51
N ILE A 95 4.22 -0.98 7.30
CA ILE A 95 2.81 -0.90 7.66
C ILE A 95 2.56 -0.16 8.98
N PRO A 96 1.84 0.97 8.89
CA PRO A 96 1.28 1.68 10.05
C PRO A 96 -0.08 1.09 10.44
N PRO A 97 -0.53 1.28 11.69
CA PRO A 97 -1.78 0.74 12.16
C PRO A 97 -2.98 1.64 11.92
N HIS A 98 -2.72 2.91 11.63
CA HIS A 98 -3.81 3.87 11.45
C HIS A 98 -4.50 3.71 10.10
N LEU A 99 -3.91 2.90 9.23
CA LEU A 99 -4.50 2.65 7.92
C LEU A 99 -4.22 1.26 7.38
N ALA A 100 -2.96 0.91 7.28
CA ALA A 100 -2.55 -0.29 6.55
C ALA A 100 -2.87 -1.56 7.31
N TYR A 101 -2.53 -1.58 8.59
CA TYR A 101 -2.74 -2.75 9.43
C TYR A 101 -4.21 -3.02 9.68
N GLY A 102 -4.95 -1.96 9.98
CA GLY A 102 -6.30 -2.15 10.50
C GLY A 102 -7.10 -0.87 10.70
N ASP A 103 -6.40 0.26 10.88
CA ASP A 103 -7.02 1.55 11.22
C ASP A 103 -7.58 1.46 12.65
N ARG A 104 -7.10 0.43 13.34
CA ARG A 104 -7.57 0.11 14.68
C ARG A 104 -6.40 0.15 15.66
N SER A 105 -5.22 -0.28 15.18
CA SER A 105 -3.99 -0.26 15.98
C SER A 105 -4.02 -1.28 17.11
N PRO A 106 -3.15 -2.30 17.02
CA PRO A 106 -3.09 -3.38 18.01
C PRO A 106 -2.28 -2.99 19.23
N SER A 107 -1.09 -2.48 18.99
CA SER A 107 -0.13 -2.14 20.03
C SER A 107 0.82 -1.07 19.49
N PRO A 108 1.71 -0.53 20.33
CA PRO A 108 2.78 0.35 19.86
C PRO A 108 3.70 -0.39 18.90
N ALA A 109 3.70 -1.71 19.10
CA ALA A 109 4.58 -2.62 18.37
C ALA A 109 4.52 -2.41 16.87
N ILE A 110 3.33 -2.50 16.31
CA ILE A 110 3.18 -2.53 14.85
C ILE A 110 3.94 -1.37 14.16
N LYS A 111 5.10 -1.75 13.57
CA LYS A 111 5.99 -0.88 12.77
C LYS A 111 7.28 -0.45 13.51
N PRO A 112 7.21 0.17 14.71
CA PRO A 112 8.40 0.48 15.50
C PRO A 112 8.82 -0.64 16.47
N GLY A 113 8.01 -0.90 17.50
CA GLY A 113 8.32 -1.95 18.46
C GLY A 113 8.45 -3.30 17.78
N GLU A 114 7.62 -3.49 16.79
CA GLU A 114 7.66 -4.64 15.91
C GLU A 114 8.05 -4.13 14.53
N THR A 115 8.09 -5.00 13.53
CA THR A 115 8.49 -4.56 12.21
C THR A 115 7.63 -5.21 11.15
N LEU A 116 6.71 -4.44 10.58
CA LEU A 116 5.81 -4.95 9.56
C LEU A 116 6.25 -4.51 8.17
N ILE A 117 6.80 -5.42 7.37
CA ILE A 117 7.32 -5.01 6.06
C ILE A 117 6.61 -5.71 4.93
N PHE A 118 5.90 -4.97 4.11
CA PHE A 118 5.21 -5.57 3.00
C PHE A 118 5.90 -5.20 1.71
N VAL A 119 6.67 -6.14 1.20
CA VAL A 119 7.42 -5.96 -0.02
C VAL A 119 6.51 -6.12 -1.22
N VAL A 120 6.53 -5.12 -2.07
CA VAL A 120 5.55 -5.02 -3.13
C VAL A 120 6.20 -5.07 -4.50
N ASP A 121 5.47 -5.62 -5.45
CA ASP A 121 5.86 -5.59 -6.84
C ASP A 121 4.67 -5.19 -7.70
N LEU A 122 4.77 -4.02 -8.33
CA LEU A 122 3.79 -3.64 -9.33
C LEU A 122 3.98 -4.59 -10.48
N VAL A 123 2.91 -5.18 -10.99
CA VAL A 123 3.06 -6.24 -11.98
C VAL A 123 2.13 -6.03 -13.17
N GLY A 124 1.34 -4.97 -13.14
CA GLY A 124 0.41 -4.72 -14.21
C GLY A 124 -0.34 -3.42 -14.04
N VAL A 125 -0.87 -2.93 -15.14
CA VAL A 125 -1.71 -1.75 -15.16
C VAL A 125 -2.81 -1.95 -16.20
N GLY A 126 -3.71 -1.03 -16.27
CA GLY A 126 -4.75 -1.06 -17.28
C GLY A 126 -5.57 0.22 -17.28
N GLY A 1 -7.31 17.47 -3.53
CA GLY A 1 -6.49 16.43 -4.19
C GLY A 1 -7.07 15.05 -3.98
N ALA A 2 -7.69 14.50 -5.03
CA ALA A 2 -8.32 13.20 -4.97
C ALA A 2 -7.36 12.13 -4.47
N MET A 3 -7.60 11.67 -3.25
CA MET A 3 -6.78 10.64 -2.61
C MET A 3 -5.29 10.97 -2.69
N ALA A 4 -4.88 12.02 -1.99
CA ALA A 4 -3.47 12.41 -1.91
C ALA A 4 -2.65 11.31 -1.22
N LEU A 5 -3.36 10.42 -0.54
CA LEU A 5 -2.79 9.27 0.15
C LEU A 5 -3.90 8.44 0.68
N GLU A 6 -4.63 9.09 1.57
CA GLU A 6 -5.74 8.50 2.25
C GLU A 6 -6.88 8.23 1.28
N ARG A 7 -7.88 7.57 1.82
CA ARG A 7 -9.04 7.17 1.04
C ARG A 7 -10.35 7.91 1.35
N PRO A 8 -10.57 8.36 2.59
CA PRO A 8 -11.78 9.09 2.95
C PRO A 8 -11.72 10.51 2.45
N GLU A 9 -10.52 11.04 2.58
CA GLU A 9 -10.13 12.39 2.13
C GLU A 9 -11.22 13.44 2.44
N ILE A 10 -11.27 13.86 3.70
CA ILE A 10 -12.39 14.66 4.23
C ILE A 10 -12.04 15.34 5.56
N ASP A 11 -13.08 15.88 6.23
CA ASP A 11 -12.99 16.47 7.57
C ASP A 11 -12.35 17.84 7.53
N PHE A 12 -11.09 17.86 7.22
CA PHE A 12 -10.32 19.06 7.09
C PHE A 12 -10.04 19.31 5.62
N PRO A 13 -9.41 20.44 5.27
CA PRO A 13 -8.84 20.62 3.94
C PRO A 13 -7.95 19.43 3.59
N GLU A 14 -8.55 18.47 2.90
CA GLU A 14 -7.90 17.20 2.63
C GLU A 14 -6.55 17.36 1.95
N GLY A 15 -5.64 16.46 2.26
CA GLY A 15 -4.29 16.55 1.76
C GLY A 15 -3.27 16.69 2.87
N GLN A 16 -3.76 16.70 4.11
CA GLN A 16 -2.90 16.70 5.29
C GLN A 16 -3.15 15.43 6.13
N PRO A 17 -2.84 14.25 5.56
CA PRO A 17 -3.13 12.96 6.16
C PRO A 17 -1.94 12.39 6.94
N PRO A 18 -2.13 11.21 7.57
CA PRO A 18 -1.05 10.48 8.23
C PRO A 18 0.18 10.38 7.34
N GLU A 19 0.05 9.59 6.28
CA GLU A 19 1.12 9.39 5.31
C GLU A 19 2.17 8.51 5.93
N TYR A 20 1.70 7.65 6.82
CA TYR A 20 2.58 6.73 7.50
C TYR A 20 2.93 5.57 6.64
N LEU A 21 2.28 5.55 5.52
CA LEU A 21 2.49 4.55 4.51
C LEU A 21 3.91 4.71 3.97
N ASP A 22 4.76 3.73 4.24
CA ASP A 22 6.16 3.86 3.91
C ASP A 22 6.44 3.27 2.55
N ILE A 23 6.85 4.13 1.63
CA ILE A 23 7.13 3.74 0.26
C ILE A 23 8.62 3.84 -0.04
N THR A 24 9.25 2.70 -0.27
CA THR A 24 10.63 2.67 -0.72
C THR A 24 10.68 2.11 -2.14
N ASP A 25 10.88 2.97 -3.11
CA ASP A 25 10.80 2.60 -4.52
C ASP A 25 12.05 1.87 -4.97
N ILE A 26 11.86 0.67 -5.52
CA ILE A 26 12.96 -0.18 -5.93
C ILE A 26 12.75 -0.65 -7.37
N THR A 27 13.06 0.22 -8.32
CA THR A 27 13.06 -0.11 -9.74
C THR A 27 11.67 0.09 -10.38
N GLU A 28 11.68 0.29 -11.68
CA GLU A 28 10.51 0.52 -12.50
C GLU A 28 10.76 -0.18 -13.82
N GLY A 29 9.83 -1.01 -14.20
CA GLY A 29 10.15 -2.04 -15.17
C GLY A 29 9.80 -1.70 -16.61
N ASP A 30 8.58 -2.01 -16.98
CA ASP A 30 8.21 -2.03 -18.39
C ASP A 30 7.93 -0.64 -18.93
N GLY A 31 7.03 0.10 -18.30
CA GLY A 31 6.55 1.31 -18.94
C GLY A 31 5.80 2.27 -18.03
N PRO A 32 4.55 1.96 -17.67
CA PRO A 32 3.65 2.91 -17.05
C PRO A 32 3.67 2.85 -15.53
N GLU A 33 3.06 3.85 -14.91
CA GLU A 33 3.11 4.04 -13.49
C GLU A 33 1.68 4.00 -12.98
N ALA A 34 1.32 3.01 -12.16
CA ALA A 34 -0.05 2.87 -11.72
C ALA A 34 -0.50 4.11 -10.97
N VAL A 35 -1.58 4.69 -11.42
CA VAL A 35 -2.07 5.91 -10.84
C VAL A 35 -3.59 5.92 -10.84
N LYS A 36 -4.17 6.91 -10.18
CA LYS A 36 -5.63 7.12 -10.14
C LYS A 36 -6.30 6.87 -11.49
N GLY A 37 -7.29 5.99 -11.49
CA GLY A 37 -8.06 5.73 -12.69
C GLY A 37 -7.45 4.69 -13.59
N SER A 38 -6.15 4.48 -13.43
CA SER A 38 -5.46 3.43 -14.15
C SER A 38 -5.72 2.09 -13.50
N ASN A 39 -5.88 1.08 -14.32
CA ASN A 39 -6.08 -0.27 -13.83
C ASN A 39 -4.79 -0.74 -13.20
N VAL A 40 -4.89 -1.38 -12.06
CA VAL A 40 -3.71 -1.75 -11.30
C VAL A 40 -3.55 -3.25 -11.31
N SER A 41 -2.33 -3.69 -11.46
CA SER A 41 -2.01 -5.08 -11.43
C SER A 41 -0.69 -5.30 -10.70
N MET A 42 -0.75 -5.80 -9.47
CA MET A 42 0.45 -5.94 -8.67
C MET A 42 0.23 -6.94 -7.56
N HIS A 43 1.29 -7.27 -6.85
CA HIS A 43 1.17 -8.22 -5.75
C HIS A 43 2.15 -7.89 -4.63
N TYR A 44 1.76 -8.19 -3.39
CA TYR A 44 2.61 -7.96 -2.24
C TYR A 44 2.88 -9.27 -1.54
N VAL A 45 3.85 -9.25 -0.66
CA VAL A 45 4.07 -10.32 0.27
C VAL A 45 4.98 -9.78 1.38
N GLY A 46 4.58 -10.00 2.60
CA GLY A 46 5.14 -9.23 3.67
C GLY A 46 5.80 -10.02 4.75
N VAL A 47 6.35 -9.28 5.69
CA VAL A 47 7.04 -9.83 6.82
C VAL A 47 6.28 -9.47 8.07
N SER A 48 6.55 -10.20 9.11
CA SER A 48 5.66 -10.22 10.24
C SER A 48 6.22 -9.66 11.51
N TRP A 49 5.30 -9.13 12.25
CA TRP A 49 5.45 -8.73 13.61
C TRP A 49 5.02 -9.89 14.51
N SER A 50 4.09 -10.70 13.98
CA SER A 50 3.57 -11.86 14.70
C SER A 50 4.48 -13.07 14.57
N THR A 51 4.78 -13.46 13.33
CA THR A 51 5.57 -14.67 13.13
C THR A 51 7.00 -14.30 12.77
N GLY A 52 7.22 -13.00 12.67
CA GLY A 52 8.52 -12.44 12.43
C GLY A 52 9.03 -12.78 11.07
N GLU A 53 9.05 -11.77 10.22
CA GLU A 53 9.63 -11.85 8.89
C GLU A 53 8.69 -12.45 7.86
N GLU A 54 9.10 -12.33 6.60
CA GLU A 54 8.32 -12.76 5.45
C GLU A 54 7.54 -14.05 5.67
N PHE A 55 6.22 -13.97 5.46
CA PHE A 55 5.35 -15.13 5.59
C PHE A 55 4.30 -15.15 4.47
N ASP A 56 3.63 -14.00 4.25
CA ASP A 56 2.48 -13.89 3.36
C ASP A 56 2.12 -12.43 3.21
N ALA A 57 1.04 -12.14 2.49
CA ALA A 57 0.59 -10.77 2.29
C ALA A 57 -0.89 -10.63 2.58
N SER A 58 -1.37 -9.41 2.57
CA SER A 58 -2.80 -9.15 2.46
C SER A 58 -3.20 -9.44 1.04
N TRP A 59 -2.36 -8.93 0.16
CA TRP A 59 -2.56 -8.92 -1.26
C TRP A 59 -2.43 -10.31 -1.87
N ASN A 60 -1.72 -11.21 -1.18
CA ASN A 60 -1.36 -12.54 -1.72
C ASN A 60 -2.54 -13.26 -2.40
N ARG A 61 -2.73 -12.94 -3.66
CA ARG A 61 -3.78 -13.54 -4.45
C ARG A 61 -3.24 -14.75 -5.18
N GLY A 62 -1.93 -14.79 -5.32
CA GLY A 62 -1.29 -15.84 -6.07
C GLY A 62 -0.88 -15.37 -7.44
N SER A 63 -1.76 -14.61 -8.09
CA SER A 63 -1.47 -14.12 -9.43
C SER A 63 -1.85 -12.64 -9.59
N THR A 64 -1.43 -11.82 -8.64
CA THR A 64 -1.56 -10.36 -8.74
C THR A 64 -3.01 -9.86 -8.69
N LEU A 65 -3.22 -8.75 -7.99
CA LEU A 65 -4.53 -8.10 -7.91
C LEU A 65 -4.74 -7.21 -9.11
N ASP A 66 -5.99 -7.11 -9.55
CA ASP A 66 -6.35 -6.24 -10.67
C ASP A 66 -7.49 -5.32 -10.24
N PHE A 67 -7.17 -4.05 -10.06
CA PHE A 67 -8.20 -3.09 -9.65
C PHE A 67 -7.79 -1.67 -10.04
N THR A 68 -8.77 -0.85 -10.41
CA THR A 68 -8.50 0.52 -10.81
C THR A 68 -8.18 1.40 -9.60
N LEU A 69 -7.01 2.03 -9.63
CA LEU A 69 -6.59 2.96 -8.57
C LEU A 69 -7.51 4.17 -8.53
N GLY A 70 -7.44 4.93 -7.47
CA GLY A 70 -8.36 6.03 -7.28
C GLY A 70 -9.55 5.54 -6.51
N THR A 71 -9.25 4.70 -5.54
CA THR A 71 -10.26 3.96 -4.82
C THR A 71 -11.05 4.86 -3.89
N GLY A 72 -10.36 5.54 -2.99
CA GLY A 72 -11.07 6.24 -1.92
C GLY A 72 -11.91 5.28 -1.09
N ARG A 73 -11.57 4.00 -1.14
CA ARG A 73 -12.36 2.97 -0.47
C ARG A 73 -11.48 2.03 0.35
N VAL A 74 -10.19 2.03 0.05
CA VAL A 74 -9.24 1.15 0.74
C VAL A 74 -8.90 1.71 2.13
N ILE A 75 -7.63 1.70 2.50
CA ILE A 75 -7.21 2.32 3.75
C ILE A 75 -6.44 3.61 3.47
N LYS A 76 -5.90 4.22 4.51
CA LYS A 76 -5.25 5.53 4.44
C LYS A 76 -3.97 5.53 3.65
N GLY A 77 -3.56 4.42 3.09
CA GLY A 77 -2.57 4.55 2.06
C GLY A 77 -2.35 3.36 1.12
N TRP A 78 -3.35 2.51 0.90
CA TRP A 78 -3.24 1.50 -0.17
C TRP A 78 -3.33 2.19 -1.51
N ASP A 79 -4.10 3.27 -1.56
CA ASP A 79 -4.30 3.99 -2.78
C ASP A 79 -3.00 4.68 -3.19
N MET A 80 -2.34 5.34 -2.23
CA MET A 80 -1.05 5.95 -2.52
C MET A 80 0.03 4.90 -2.69
N GLY A 81 -0.16 3.76 -2.02
CA GLY A 81 0.79 2.68 -2.13
C GLY A 81 1.01 2.25 -3.57
N ILE A 82 -0.08 2.22 -4.32
CA ILE A 82 -0.05 1.92 -5.75
C ILE A 82 0.28 3.16 -6.54
N ALA A 83 -0.30 4.28 -6.13
CA ALA A 83 -0.11 5.53 -6.86
C ALA A 83 1.35 5.93 -6.86
N GLY A 84 1.99 5.73 -8.00
CA GLY A 84 3.41 6.00 -8.09
C GLY A 84 4.21 4.77 -8.47
N MET A 85 3.63 3.60 -8.26
CA MET A 85 4.28 2.36 -8.64
C MET A 85 4.41 2.27 -10.15
N LYS A 86 5.47 1.64 -10.61
CA LYS A 86 5.69 1.48 -12.05
C LYS A 86 5.70 -0.01 -12.37
N VAL A 87 4.97 -0.37 -13.42
CA VAL A 87 4.82 -1.75 -13.80
C VAL A 87 6.20 -2.35 -13.99
N GLY A 88 6.41 -3.43 -13.30
CA GLY A 88 7.64 -4.18 -13.40
C GLY A 88 8.69 -3.66 -12.44
N GLY A 89 8.22 -2.99 -11.40
CA GLY A 89 9.13 -2.45 -10.41
C GLY A 89 8.73 -2.85 -9.00
N ARG A 90 9.72 -2.94 -8.12
CA ARG A 90 9.50 -3.42 -6.78
C ARG A 90 9.49 -2.25 -5.79
N ARG A 91 8.88 -2.46 -4.63
CA ARG A 91 8.89 -1.46 -3.59
C ARG A 91 8.74 -2.12 -2.22
N LYS A 92 9.45 -1.59 -1.24
CA LYS A 92 9.29 -2.05 0.12
C LYS A 92 8.29 -1.19 0.84
N LEU A 93 7.30 -1.83 1.43
CA LEU A 93 6.26 -1.12 2.16
C LEU A 93 6.36 -1.39 3.65
N VAL A 94 6.24 -0.34 4.45
CA VAL A 94 6.13 -0.50 5.90
C VAL A 94 4.73 -0.04 6.35
N ILE A 95 4.09 -0.85 7.19
CA ILE A 95 2.70 -0.61 7.55
C ILE A 95 2.54 0.18 8.87
N PRO A 96 1.82 1.32 8.78
CA PRO A 96 1.44 2.13 9.94
C PRO A 96 0.30 1.53 10.76
N PRO A 97 0.23 1.88 12.04
CA PRO A 97 -0.93 1.59 12.87
C PRO A 97 -2.15 2.40 12.45
N HIS A 98 -1.98 3.72 12.38
CA HIS A 98 -3.09 4.63 12.12
C HIS A 98 -3.19 5.00 10.63
N LEU A 99 -3.12 3.97 9.77
CA LEU A 99 -3.30 4.16 8.33
C LEU A 99 -3.56 2.81 7.68
N ALA A 100 -2.91 1.78 8.18
CA ALA A 100 -2.97 0.48 7.54
C ALA A 100 -3.37 -0.63 8.49
N TYR A 101 -2.60 -0.83 9.56
CA TYR A 101 -2.81 -1.94 10.47
C TYR A 101 -4.25 -1.99 10.99
N GLY A 102 -4.60 -1.01 11.82
CA GLY A 102 -5.93 -0.96 12.37
C GLY A 102 -6.58 0.38 12.14
N ASP A 103 -5.82 1.28 11.51
CA ASP A 103 -6.13 2.70 11.52
C ASP A 103 -6.36 3.12 12.97
N ARG A 104 -5.54 2.51 13.81
CA ARG A 104 -5.62 2.65 15.24
C ARG A 104 -4.20 2.61 15.81
N SER A 105 -3.81 1.41 16.28
CA SER A 105 -2.54 1.15 16.99
C SER A 105 -2.77 0.20 18.16
N PRO A 106 -2.01 -0.90 18.22
CA PRO A 106 -2.04 -1.82 19.35
C PRO A 106 -0.99 -1.48 20.42
N SER A 107 0.28 -1.50 20.00
CA SER A 107 1.44 -1.37 20.88
C SER A 107 2.71 -1.37 20.00
N PRO A 108 3.92 -1.17 20.57
CA PRO A 108 5.19 -1.33 19.83
C PRO A 108 5.26 -2.58 18.97
N ALA A 109 4.47 -3.59 19.33
CA ALA A 109 4.36 -4.82 18.55
C ALA A 109 3.99 -4.53 17.09
N ILE A 110 3.50 -3.31 16.83
CA ILE A 110 3.21 -2.92 15.47
C ILE A 110 3.92 -1.61 15.08
N LYS A 111 5.02 -1.78 14.31
CA LYS A 111 5.71 -0.71 13.56
C LYS A 111 7.07 -0.26 14.13
N PRO A 112 7.16 0.15 15.40
CA PRO A 112 8.38 0.69 15.97
C PRO A 112 9.21 -0.37 16.68
N GLY A 113 8.67 -0.92 17.76
CA GLY A 113 9.30 -2.03 18.43
C GLY A 113 9.39 -3.22 17.51
N GLU A 114 8.33 -3.43 16.74
CA GLU A 114 8.33 -4.51 15.76
C GLU A 114 8.45 -3.93 14.37
N THR A 115 8.27 -4.72 13.33
CA THR A 115 8.53 -4.24 12.00
C THR A 115 7.58 -4.89 10.99
N LEU A 116 6.51 -4.18 10.68
CA LEU A 116 5.50 -4.68 9.76
C LEU A 116 5.89 -4.35 8.33
N ILE A 117 6.32 -5.33 7.55
CA ILE A 117 6.83 -5.05 6.22
C ILE A 117 6.03 -5.77 5.17
N PHE A 118 5.83 -5.14 4.03
CA PHE A 118 5.17 -5.79 2.92
C PHE A 118 5.89 -5.46 1.63
N VAL A 119 6.54 -6.46 1.04
CA VAL A 119 7.28 -6.27 -0.20
C VAL A 119 6.35 -6.37 -1.38
N VAL A 120 6.42 -5.37 -2.23
CA VAL A 120 5.47 -5.21 -3.31
C VAL A 120 6.18 -5.06 -4.64
N ASP A 121 5.51 -5.44 -5.70
CA ASP A 121 5.99 -5.14 -7.03
C ASP A 121 4.83 -5.00 -8.00
N LEU A 122 4.87 -3.93 -8.76
CA LEU A 122 3.89 -3.66 -9.80
C LEU A 122 4.26 -4.51 -10.99
N VAL A 123 3.28 -5.18 -11.60
CA VAL A 123 3.57 -6.02 -12.74
C VAL A 123 2.81 -5.57 -13.99
N GLY A 124 1.78 -4.75 -13.81
CA GLY A 124 1.02 -4.30 -14.94
C GLY A 124 0.05 -3.19 -14.61
N VAL A 125 -0.47 -2.57 -15.65
CA VAL A 125 -1.42 -1.49 -15.53
C VAL A 125 -2.45 -1.64 -16.65
N GLY A 126 -3.42 -0.76 -16.67
CA GLY A 126 -4.40 -0.76 -17.73
C GLY A 126 -4.93 0.62 -18.01
N GLY A 1 -17.91 9.04 -2.52
CA GLY A 1 -17.61 8.00 -1.50
C GLY A 1 -16.12 7.76 -1.35
N ALA A 2 -15.67 7.71 -0.08
CA ALA A 2 -14.29 7.37 0.27
C ALA A 2 -13.29 8.48 -0.08
N MET A 3 -13.76 9.51 -0.77
CA MET A 3 -12.87 10.59 -1.21
C MET A 3 -12.88 11.73 -0.19
N ALA A 4 -13.54 11.51 0.93
CA ALA A 4 -13.49 12.45 2.04
C ALA A 4 -12.60 11.88 3.14
N LEU A 5 -11.31 11.85 2.85
CA LEU A 5 -10.34 11.22 3.73
C LEU A 5 -9.04 12.01 3.58
N GLU A 6 -8.05 11.63 4.34
CA GLU A 6 -6.71 12.17 4.21
C GLU A 6 -6.17 12.13 2.78
N ARG A 7 -6.15 10.94 2.20
CA ARG A 7 -5.40 10.71 0.96
C ARG A 7 -5.86 11.53 -0.27
N PRO A 8 -7.17 11.54 -0.56
CA PRO A 8 -7.81 12.22 -1.71
C PRO A 8 -7.08 13.45 -2.26
N GLU A 9 -7.17 13.61 -3.57
CA GLU A 9 -6.41 14.63 -4.28
C GLU A 9 -7.13 15.97 -4.33
N ILE A 10 -7.21 16.60 -3.18
CA ILE A 10 -7.79 17.93 -3.03
C ILE A 10 -7.36 18.53 -1.70
N ASP A 11 -7.97 19.66 -1.37
CA ASP A 11 -7.68 20.39 -0.12
C ASP A 11 -6.27 20.97 -0.12
N PHE A 12 -5.31 20.09 -0.09
CA PHE A 12 -3.90 20.42 -0.04
C PHE A 12 -3.22 19.80 -1.26
N PRO A 13 -1.91 20.02 -1.46
CA PRO A 13 -1.10 19.26 -2.40
C PRO A 13 -1.59 17.82 -2.53
N GLU A 14 -2.10 17.49 -3.71
CA GLU A 14 -2.83 16.24 -3.95
C GLU A 14 -2.09 15.03 -3.38
N GLY A 15 -2.85 14.16 -2.74
CA GLY A 15 -2.27 12.98 -2.13
C GLY A 15 -1.43 13.31 -0.92
N GLN A 16 -2.07 13.80 0.13
CA GLN A 16 -1.36 14.14 1.37
C GLN A 16 -1.99 13.40 2.56
N PRO A 17 -1.91 12.06 2.57
CA PRO A 17 -2.58 11.24 3.57
C PRO A 17 -1.70 11.05 4.81
N PRO A 18 -2.12 10.21 5.80
CA PRO A 18 -1.29 9.94 6.98
C PRO A 18 0.15 9.66 6.59
N GLU A 19 0.28 8.79 5.59
CA GLU A 19 1.52 8.60 4.85
C GLU A 19 2.41 7.71 5.66
N TYR A 20 1.76 7.01 6.58
CA TYR A 20 2.43 6.04 7.40
C TYR A 20 2.80 4.86 6.56
N LEU A 21 2.27 4.92 5.38
CA LEU A 21 2.54 3.98 4.33
C LEU A 21 3.93 4.32 3.80
N ASP A 22 4.90 3.46 4.05
CA ASP A 22 6.29 3.83 3.78
C ASP A 22 6.75 3.28 2.45
N ILE A 23 7.01 4.18 1.52
CA ILE A 23 7.30 3.80 0.16
C ILE A 23 8.78 3.98 -0.17
N THR A 24 9.43 2.90 -0.53
CA THR A 24 10.80 2.95 -1.01
C THR A 24 10.93 2.23 -2.34
N ASP A 25 11.06 3.00 -3.42
CA ASP A 25 11.11 2.44 -4.76
C ASP A 25 12.34 1.56 -4.94
N ILE A 26 12.12 0.32 -5.34
CA ILE A 26 13.18 -0.64 -5.55
C ILE A 26 13.05 -1.21 -6.95
N THR A 27 13.49 -0.43 -7.92
CA THR A 27 13.46 -0.83 -9.32
C THR A 27 12.07 -0.62 -9.92
N GLU A 28 12.07 -0.49 -11.24
CA GLU A 28 10.88 -0.24 -12.03
C GLU A 28 11.24 -0.65 -13.43
N GLY A 29 10.27 -0.90 -14.28
CA GLY A 29 10.65 -1.38 -15.59
C GLY A 29 9.73 -2.38 -16.23
N ASP A 30 8.59 -1.91 -16.66
CA ASP A 30 7.77 -2.64 -17.61
C ASP A 30 7.04 -1.66 -18.49
N GLY A 31 6.92 -0.42 -18.03
CA GLY A 31 6.33 0.60 -18.86
C GLY A 31 5.70 1.75 -18.09
N PRO A 32 4.46 1.59 -17.61
CA PRO A 32 3.65 2.65 -17.05
C PRO A 32 3.67 2.67 -15.51
N GLU A 33 2.99 3.65 -14.95
CA GLU A 33 2.98 3.87 -13.53
C GLU A 33 1.55 3.69 -13.06
N ALA A 34 1.31 2.84 -12.08
CA ALA A 34 -0.04 2.68 -11.60
C ALA A 34 -0.47 3.94 -10.86
N VAL A 35 -1.41 4.66 -11.43
CA VAL A 35 -1.90 5.87 -10.80
C VAL A 35 -3.42 5.85 -10.72
N LYS A 36 -3.98 6.95 -10.25
CA LYS A 36 -5.43 7.08 -10.07
C LYS A 36 -6.19 6.70 -11.36
N GLY A 37 -7.16 5.80 -11.21
CA GLY A 37 -8.03 5.45 -12.31
C GLY A 37 -7.44 4.40 -13.21
N SER A 38 -6.13 4.25 -13.12
CA SER A 38 -5.45 3.20 -13.83
C SER A 38 -5.74 1.89 -13.14
N ASN A 39 -6.01 0.88 -13.92
CA ASN A 39 -6.22 -0.43 -13.39
C ASN A 39 -4.92 -0.87 -12.76
N VAL A 40 -4.99 -1.45 -11.59
CA VAL A 40 -3.80 -1.79 -10.84
C VAL A 40 -3.66 -3.29 -10.78
N SER A 41 -2.45 -3.75 -10.96
CA SER A 41 -2.15 -5.15 -10.92
C SER A 41 -0.80 -5.35 -10.25
N MET A 42 -0.80 -5.92 -9.04
CA MET A 42 0.44 -6.01 -8.28
C MET A 42 0.29 -6.98 -7.12
N HIS A 43 1.38 -7.18 -6.40
CA HIS A 43 1.38 -8.12 -5.27
C HIS A 43 2.42 -7.70 -4.24
N TYR A 44 2.09 -7.92 -2.96
CA TYR A 44 3.02 -7.66 -1.86
C TYR A 44 3.22 -8.93 -1.09
N VAL A 45 4.14 -8.89 -0.13
CA VAL A 45 4.34 -9.96 0.82
C VAL A 45 4.94 -9.39 2.10
N GLY A 46 4.26 -9.64 3.22
CA GLY A 46 4.64 -9.01 4.47
C GLY A 46 5.62 -9.83 5.28
N VAL A 47 6.46 -9.14 6.03
CA VAL A 47 7.43 -9.79 6.87
C VAL A 47 7.31 -9.34 8.31
N SER A 48 7.86 -10.19 9.17
CA SER A 48 8.03 -9.92 10.59
C SER A 48 6.73 -9.54 11.26
N TRP A 49 6.86 -8.84 12.38
CA TRP A 49 5.77 -8.41 13.24
C TRP A 49 4.98 -9.58 13.84
N SER A 50 4.49 -10.49 13.00
CA SER A 50 3.77 -11.65 13.46
C SER A 50 4.71 -12.78 13.86
N THR A 51 5.67 -13.08 12.98
CA THR A 51 6.49 -14.28 13.17
C THR A 51 7.99 -14.01 13.07
N GLY A 52 8.36 -13.05 12.24
CA GLY A 52 9.77 -12.81 11.99
C GLY A 52 10.10 -13.02 10.54
N GLU A 53 10.11 -11.93 9.80
CA GLU A 53 10.40 -11.95 8.36
C GLU A 53 9.26 -12.56 7.56
N GLU A 54 9.43 -12.52 6.25
CA GLU A 54 8.46 -12.97 5.25
C GLU A 54 7.57 -14.12 5.73
N PHE A 55 6.27 -13.85 5.78
CA PHE A 55 5.30 -14.88 6.12
C PHE A 55 4.12 -14.86 5.16
N ASP A 56 3.59 -13.66 4.89
CA ASP A 56 2.40 -13.50 4.04
C ASP A 56 2.03 -12.02 3.93
N ALA A 57 1.47 -11.63 2.80
CA ALA A 57 0.98 -10.27 2.62
C ALA A 57 -0.51 -10.18 2.81
N SER A 58 -0.97 -8.98 3.06
CA SER A 58 -2.38 -8.68 3.07
C SER A 58 -2.87 -8.70 1.64
N TRP A 59 -1.98 -8.26 0.77
CA TRP A 59 -2.18 -8.23 -0.66
C TRP A 59 -2.10 -9.63 -1.25
N ASN A 60 -1.43 -10.53 -0.52
CA ASN A 60 -1.15 -11.89 -1.02
C ASN A 60 -2.44 -12.70 -1.12
N ARG A 61 -3.13 -12.52 -2.22
CA ARG A 61 -4.41 -13.18 -2.47
C ARG A 61 -4.22 -14.50 -3.21
N GLY A 62 -3.00 -14.74 -3.68
CA GLY A 62 -2.72 -15.92 -4.47
C GLY A 62 -1.83 -15.59 -5.65
N SER A 63 -2.39 -14.90 -6.63
CA SER A 63 -1.63 -14.50 -7.81
C SER A 63 -2.09 -13.14 -8.33
N THR A 64 -1.35 -12.10 -7.93
CA THR A 64 -1.57 -10.70 -8.35
C THR A 64 -2.98 -10.15 -8.04
N LEU A 65 -3.00 -8.89 -7.63
CA LEU A 65 -4.24 -8.17 -7.38
C LEU A 65 -4.61 -7.34 -8.58
N ASP A 66 -5.90 -7.10 -8.76
CA ASP A 66 -6.36 -6.23 -9.82
C ASP A 66 -7.49 -5.35 -9.31
N PHE A 67 -7.23 -4.06 -9.26
CA PHE A 67 -8.24 -3.09 -8.81
C PHE A 67 -7.91 -1.70 -9.33
N THR A 68 -8.92 -0.83 -9.44
CA THR A 68 -8.69 0.54 -9.90
C THR A 68 -8.20 1.42 -8.76
N LEU A 69 -7.08 2.08 -8.98
CA LEU A 69 -6.52 3.03 -8.02
C LEU A 69 -7.44 4.25 -7.92
N GLY A 70 -7.58 4.83 -6.72
CA GLY A 70 -8.55 5.91 -6.56
C GLY A 70 -8.04 7.18 -5.90
N THR A 71 -6.86 7.12 -5.29
CA THR A 71 -6.36 8.23 -4.45
C THR A 71 -7.26 8.45 -3.21
N GLY A 72 -8.51 8.03 -3.32
CA GLY A 72 -9.44 8.07 -2.23
C GLY A 72 -10.53 7.03 -2.40
N ARG A 73 -10.17 5.77 -2.25
CA ARG A 73 -11.11 4.67 -2.44
C ARG A 73 -11.04 3.67 -1.30
N VAL A 74 -9.84 3.20 -0.97
CA VAL A 74 -9.69 2.12 -0.01
C VAL A 74 -9.28 2.64 1.37
N ILE A 75 -8.04 2.38 1.78
CA ILE A 75 -7.57 2.82 3.10
C ILE A 75 -6.64 4.01 2.95
N LYS A 76 -6.29 4.62 4.09
CA LYS A 76 -5.64 5.95 4.12
C LYS A 76 -4.43 6.05 3.23
N GLY A 77 -3.77 4.95 2.91
CA GLY A 77 -2.64 5.12 2.02
C GLY A 77 -2.44 4.01 0.97
N TRP A 78 -3.48 3.27 0.59
CA TRP A 78 -3.35 2.30 -0.52
C TRP A 78 -3.40 3.00 -1.86
N ASP A 79 -4.41 3.84 -2.03
CA ASP A 79 -4.55 4.72 -3.18
C ASP A 79 -3.28 5.55 -3.31
N MET A 80 -2.77 5.97 -2.17
CA MET A 80 -1.58 6.80 -2.12
C MET A 80 -0.35 6.00 -2.50
N GLY A 81 -0.32 4.76 -2.03
CA GLY A 81 0.84 3.91 -2.23
C GLY A 81 1.04 3.48 -3.67
N ILE A 82 0.00 2.98 -4.28
CA ILE A 82 0.07 2.52 -5.68
C ILE A 82 0.35 3.69 -6.59
N ALA A 83 -0.29 4.83 -6.32
CA ALA A 83 -0.08 6.01 -7.13
C ALA A 83 1.39 6.41 -7.14
N GLY A 84 2.08 6.05 -8.21
CA GLY A 84 3.51 6.31 -8.29
C GLY A 84 4.31 5.08 -8.66
N MET A 85 3.78 3.91 -8.32
CA MET A 85 4.42 2.66 -8.65
C MET A 85 4.56 2.49 -10.15
N LYS A 86 5.62 1.83 -10.59
CA LYS A 86 5.82 1.56 -12.01
C LYS A 86 5.72 0.08 -12.25
N VAL A 87 4.99 -0.28 -13.29
CA VAL A 87 4.80 -1.67 -13.63
C VAL A 87 6.16 -2.28 -13.87
N GLY A 88 6.37 -3.38 -13.21
CA GLY A 88 7.58 -4.15 -13.38
C GLY A 88 8.62 -3.73 -12.37
N GLY A 89 8.16 -2.97 -11.41
CA GLY A 89 9.02 -2.44 -10.37
C GLY A 89 8.71 -2.99 -9.00
N ARG A 90 9.72 -3.02 -8.15
CA ARG A 90 9.58 -3.56 -6.81
C ARG A 90 9.65 -2.41 -5.81
N ARG A 91 9.11 -2.61 -4.62
CA ARG A 91 9.20 -1.59 -3.59
C ARG A 91 9.24 -2.20 -2.20
N LYS A 92 10.01 -1.56 -1.33
CA LYS A 92 10.01 -1.90 0.07
C LYS A 92 8.98 -1.03 0.77
N LEU A 93 7.96 -1.66 1.31
CA LEU A 93 6.91 -0.94 1.98
C LEU A 93 6.86 -1.31 3.45
N VAL A 94 6.64 -0.32 4.30
CA VAL A 94 6.37 -0.59 5.71
C VAL A 94 4.91 -0.27 6.01
N ILE A 95 4.25 -1.17 6.72
CA ILE A 95 2.80 -1.06 6.95
C ILE A 95 2.47 -0.30 8.23
N PRO A 96 1.58 0.70 8.10
CA PRO A 96 0.98 1.36 9.24
C PRO A 96 -0.25 0.62 9.72
N PRO A 97 -0.54 0.74 11.01
CA PRO A 97 -1.76 0.25 11.60
C PRO A 97 -2.94 1.13 11.24
N HIS A 98 -2.67 2.42 11.12
CA HIS A 98 -3.71 3.43 10.98
C HIS A 98 -4.41 3.35 9.62
N LEU A 99 -3.83 2.59 8.69
CA LEU A 99 -4.53 2.29 7.43
C LEU A 99 -4.30 0.88 6.93
N ALA A 100 -3.06 0.48 6.81
CA ALA A 100 -2.74 -0.75 6.08
C ALA A 100 -3.10 -2.01 6.86
N TYR A 101 -2.60 -2.09 8.09
CA TYR A 101 -2.85 -3.24 8.93
C TYR A 101 -4.34 -3.40 9.22
N GLY A 102 -4.88 -2.42 9.94
CA GLY A 102 -6.22 -2.58 10.49
C GLY A 102 -7.00 -1.29 10.54
N ASP A 103 -6.46 -0.25 9.89
CA ASP A 103 -6.97 1.12 10.04
C ASP A 103 -7.26 1.41 11.51
N ARG A 104 -6.40 0.81 12.33
CA ARG A 104 -6.52 0.83 13.77
C ARG A 104 -5.14 0.71 14.39
N SER A 105 -4.80 -0.51 14.86
CA SER A 105 -3.59 -0.76 15.66
C SER A 105 -3.77 -1.95 16.62
N PRO A 106 -3.12 -3.08 16.36
CA PRO A 106 -3.03 -4.19 17.32
C PRO A 106 -2.11 -3.82 18.49
N SER A 107 -0.91 -3.36 18.14
CA SER A 107 0.07 -2.90 19.10
C SER A 107 -0.14 -1.40 19.31
N PRO A 108 0.63 -0.75 20.22
CA PRO A 108 0.64 0.72 20.35
C PRO A 108 0.59 1.42 18.98
N ALA A 109 1.36 0.89 18.03
CA ALA A 109 1.42 1.41 16.68
C ALA A 109 2.26 0.48 15.82
N ILE A 110 1.80 -0.78 15.72
CA ILE A 110 2.56 -1.87 15.10
C ILE A 110 3.35 -1.44 13.85
N LYS A 111 4.68 -1.52 13.95
CA LYS A 111 5.63 -1.00 12.94
C LYS A 111 7.05 -0.84 13.53
N PRO A 112 7.20 -0.18 14.71
CA PRO A 112 8.49 0.07 15.35
C PRO A 112 8.85 -0.97 16.41
N GLY A 113 7.93 -1.20 17.35
CA GLY A 113 8.07 -2.30 18.29
C GLY A 113 8.15 -3.60 17.54
N GLU A 114 7.43 -3.65 16.45
CA GLU A 114 7.51 -4.72 15.48
C GLU A 114 8.34 -4.27 14.30
N THR A 115 8.22 -4.95 13.18
CA THR A 115 8.77 -4.45 11.93
C THR A 115 7.98 -5.00 10.76
N LEU A 116 7.00 -4.24 10.30
CA LEU A 116 6.08 -4.71 9.27
C LEU A 116 6.58 -4.35 7.88
N ILE A 117 7.20 -5.28 7.20
CA ILE A 117 7.75 -4.97 5.88
C ILE A 117 7.05 -5.74 4.79
N PHE A 118 6.37 -5.03 3.92
CA PHE A 118 5.65 -5.66 2.84
C PHE A 118 6.33 -5.34 1.52
N VAL A 119 7.00 -6.32 0.97
CA VAL A 119 7.69 -6.16 -0.30
C VAL A 119 6.72 -6.27 -1.45
N VAL A 120 6.71 -5.25 -2.27
CA VAL A 120 5.70 -5.12 -3.31
C VAL A 120 6.35 -5.17 -4.68
N ASP A 121 5.57 -5.61 -5.66
CA ASP A 121 6.04 -5.63 -7.03
C ASP A 121 4.88 -5.27 -7.95
N LEU A 122 4.98 -4.11 -8.61
CA LEU A 122 3.98 -3.70 -9.59
C LEU A 122 4.20 -4.52 -10.83
N VAL A 123 3.15 -5.17 -11.33
CA VAL A 123 3.30 -6.06 -12.49
C VAL A 123 2.28 -5.74 -13.58
N GLY A 124 1.38 -4.81 -13.31
CA GLY A 124 0.36 -4.51 -14.29
C GLY A 124 -0.37 -3.22 -14.03
N VAL A 125 -0.84 -2.62 -15.10
CA VAL A 125 -1.68 -1.45 -15.05
C VAL A 125 -2.76 -1.60 -16.13
N GLY A 126 -3.57 -0.58 -16.33
CA GLY A 126 -4.54 -0.63 -17.40
C GLY A 126 -5.61 0.43 -17.23
N GLY A 1 -11.70 16.90 -4.40
CA GLY A 1 -11.12 15.61 -4.85
C GLY A 1 -9.61 15.69 -5.00
N ALA A 2 -8.92 15.73 -3.88
CA ALA A 2 -7.46 15.80 -3.88
C ALA A 2 -6.87 14.42 -3.62
N MET A 3 -6.98 13.97 -2.36
CA MET A 3 -6.49 12.66 -1.94
C MET A 3 -5.02 12.48 -2.30
N ALA A 4 -4.16 13.04 -1.50
CA ALA A 4 -2.72 12.90 -1.70
C ALA A 4 -2.28 11.51 -1.30
N LEU A 5 -3.01 10.90 -0.36
CA LEU A 5 -2.68 9.57 0.09
C LEU A 5 -3.91 8.73 0.42
N GLU A 6 -4.79 9.28 1.24
CA GLU A 6 -5.75 8.46 1.93
C GLU A 6 -7.13 8.52 1.32
N ARG A 7 -7.95 7.57 1.75
CA ARG A 7 -9.36 7.53 1.38
C ARG A 7 -10.06 8.89 1.52
N PRO A 8 -10.05 9.46 2.72
CA PRO A 8 -10.83 10.65 3.05
C PRO A 8 -10.22 11.95 2.58
N GLU A 9 -9.30 12.45 3.38
CA GLU A 9 -8.77 13.81 3.24
C GLU A 9 -9.90 14.80 3.08
N ILE A 10 -10.75 14.82 4.10
CA ILE A 10 -11.98 15.58 4.10
C ILE A 10 -11.89 16.72 5.07
N ASP A 11 -13.02 17.39 5.29
CA ASP A 11 -13.04 18.64 6.00
C ASP A 11 -12.38 18.61 7.38
N PHE A 12 -12.87 17.75 8.27
CA PHE A 12 -12.38 17.71 9.65
C PHE A 12 -10.84 17.69 9.71
N PRO A 13 -10.16 16.75 9.04
CA PRO A 13 -8.72 16.74 8.96
C PRO A 13 -8.19 17.22 7.62
N GLU A 14 -8.81 18.25 7.02
CA GLU A 14 -8.36 18.75 5.74
C GLU A 14 -6.87 19.01 5.71
N GLY A 15 -6.25 18.42 4.73
CA GLY A 15 -4.83 18.59 4.51
C GLY A 15 -3.93 18.05 5.62
N GLN A 16 -4.52 17.50 6.67
CA GLN A 16 -3.73 17.00 7.79
C GLN A 16 -4.11 15.54 8.13
N PRO A 17 -3.81 14.63 7.20
CA PRO A 17 -4.10 13.20 7.35
C PRO A 17 -2.90 12.40 7.86
N PRO A 18 -2.98 11.05 7.92
CA PRO A 18 -1.81 10.20 8.12
C PRO A 18 -0.81 10.33 6.97
N GLU A 19 0.10 9.36 6.88
CA GLU A 19 1.19 9.34 5.89
C GLU A 19 2.18 8.22 6.21
N TYR A 20 1.78 7.28 7.05
CA TYR A 20 2.75 6.36 7.62
C TYR A 20 3.02 5.18 6.73
N LEU A 21 2.17 5.05 5.77
CA LEU A 21 2.34 4.03 4.74
C LEU A 21 3.71 4.27 4.10
N ASP A 22 4.69 3.38 4.31
CA ASP A 22 6.02 3.70 3.80
C ASP A 22 6.15 3.26 2.37
N ILE A 23 6.42 4.24 1.52
CA ILE A 23 6.61 4.00 0.10
C ILE A 23 8.06 4.25 -0.31
N THR A 24 8.81 3.17 -0.50
CA THR A 24 10.18 3.28 -0.98
C THR A 24 10.32 2.61 -2.34
N ASP A 25 10.42 3.42 -3.39
CA ASP A 25 10.47 2.91 -4.76
C ASP A 25 11.76 2.16 -5.03
N ILE A 26 11.64 0.91 -5.46
CA ILE A 26 12.79 0.04 -5.69
C ILE A 26 12.69 -0.58 -7.08
N THR A 27 13.06 0.19 -8.09
CA THR A 27 13.13 -0.29 -9.47
C THR A 27 11.76 -0.31 -10.14
N GLU A 28 11.77 -0.34 -11.48
CA GLU A 28 10.58 -0.33 -12.31
C GLU A 28 10.87 -1.12 -13.56
N GLY A 29 9.85 -1.73 -14.13
CA GLY A 29 10.07 -2.62 -15.26
C GLY A 29 9.60 -2.03 -16.57
N ASP A 30 8.31 -2.13 -16.83
CA ASP A 30 7.75 -1.67 -18.09
C ASP A 30 7.42 -0.19 -18.00
N GLY A 31 6.95 0.20 -16.83
CA GLY A 31 6.89 1.59 -16.45
C GLY A 31 5.82 2.43 -17.11
N PRO A 32 4.54 2.00 -17.13
CA PRO A 32 3.44 2.87 -17.52
C PRO A 32 2.89 3.60 -16.29
N GLU A 33 3.30 3.08 -15.13
CA GLU A 33 2.95 3.60 -13.81
C GLU A 33 1.50 3.27 -13.44
N ALA A 34 1.28 2.73 -12.25
CA ALA A 34 -0.08 2.59 -11.76
C ALA A 34 -0.50 3.86 -11.04
N VAL A 35 -1.58 4.48 -11.50
CA VAL A 35 -2.09 5.69 -10.87
C VAL A 35 -3.61 5.72 -10.88
N LYS A 36 -4.17 6.85 -10.48
CA LYS A 36 -5.62 7.02 -10.43
C LYS A 36 -6.29 6.72 -11.77
N GLY A 37 -7.31 5.88 -11.73
CA GLY A 37 -8.06 5.52 -12.92
C GLY A 37 -7.39 4.42 -13.71
N SER A 38 -6.12 4.21 -13.44
CA SER A 38 -5.39 3.11 -14.03
C SER A 38 -5.72 1.82 -13.30
N ASN A 39 -5.94 0.78 -14.07
CA ASN A 39 -6.03 -0.54 -13.51
C ASN A 39 -4.72 -0.85 -12.83
N VAL A 40 -4.81 -1.43 -11.66
CA VAL A 40 -3.65 -1.72 -10.86
C VAL A 40 -3.45 -3.21 -10.80
N SER A 41 -2.22 -3.63 -10.91
CA SER A 41 -1.88 -5.01 -10.75
C SER A 41 -0.58 -5.14 -9.97
N MET A 42 -0.67 -5.59 -8.73
CA MET A 42 0.51 -5.68 -7.89
C MET A 42 0.39 -6.82 -6.91
N HIS A 43 1.52 -7.22 -6.36
CA HIS A 43 1.54 -8.28 -5.36
C HIS A 43 2.55 -7.97 -4.26
N TYR A 44 2.13 -8.14 -3.01
CA TYR A 44 2.97 -7.86 -1.86
C TYR A 44 3.16 -9.13 -1.09
N VAL A 45 4.03 -9.05 -0.08
CA VAL A 45 4.20 -10.08 0.91
C VAL A 45 4.80 -9.46 2.16
N GLY A 46 4.13 -9.66 3.29
CA GLY A 46 4.55 -9.01 4.52
C GLY A 46 5.63 -9.80 5.22
N VAL A 47 6.44 -9.08 6.00
CA VAL A 47 7.48 -9.71 6.78
C VAL A 47 7.27 -9.44 8.25
N SER A 48 7.81 -10.37 9.02
CA SER A 48 7.86 -10.28 10.46
C SER A 48 6.49 -10.03 11.06
N TRP A 49 6.51 -9.60 12.30
CA TRP A 49 5.32 -9.19 13.04
C TRP A 49 4.40 -10.37 13.35
N SER A 50 4.00 -11.11 12.32
CA SER A 50 3.18 -12.29 12.50
C SER A 50 4.05 -13.50 12.83
N THR A 51 5.29 -13.51 12.32
CA THR A 51 6.13 -14.70 12.48
C THR A 51 7.63 -14.36 12.51
N GLY A 52 8.07 -13.50 11.61
CA GLY A 52 9.48 -13.21 11.49
C GLY A 52 9.92 -13.25 10.05
N GLU A 53 10.01 -12.08 9.45
CA GLU A 53 10.40 -11.91 8.05
C GLU A 53 9.33 -12.42 7.10
N GLU A 54 9.57 -12.17 5.82
CA GLU A 54 8.60 -12.44 4.75
C GLU A 54 7.86 -13.76 4.92
N PHE A 55 6.54 -13.67 4.95
CA PHE A 55 5.70 -14.85 5.17
C PHE A 55 4.49 -14.84 4.24
N ASP A 56 3.78 -13.71 4.17
CA ASP A 56 2.53 -13.63 3.41
C ASP A 56 1.98 -12.20 3.45
N ALA A 57 1.24 -11.81 2.42
CA ALA A 57 0.64 -10.49 2.37
C ALA A 57 -0.87 -10.57 2.36
N SER A 58 -1.50 -9.43 2.57
CA SER A 58 -2.93 -9.30 2.37
C SER A 58 -3.20 -9.36 0.87
N TRP A 59 -2.29 -8.73 0.16
CA TRP A 59 -2.29 -8.69 -1.28
C TRP A 59 -1.97 -10.07 -1.86
N ASN A 60 -1.27 -10.88 -1.06
CA ASN A 60 -0.84 -12.20 -1.50
C ASN A 60 -2.01 -13.17 -1.57
N ARG A 61 -2.83 -13.03 -2.60
CA ARG A 61 -3.95 -13.92 -2.82
C ARG A 61 -3.54 -15.11 -3.69
N GLY A 62 -2.24 -15.29 -3.84
CA GLY A 62 -1.71 -16.33 -4.69
C GLY A 62 -0.94 -15.75 -5.84
N SER A 63 -1.41 -14.60 -6.29
CA SER A 63 -0.78 -13.86 -7.36
C SER A 63 -1.14 -12.40 -7.23
N THR A 64 -0.78 -11.61 -8.23
CA THR A 64 -1.15 -10.21 -8.28
C THR A 64 -2.68 -10.04 -8.24
N LEU A 65 -3.13 -9.03 -7.52
CA LEU A 65 -4.52 -8.63 -7.60
C LEU A 65 -4.64 -7.46 -8.55
N ASP A 66 -5.84 -7.20 -9.03
CA ASP A 66 -6.05 -6.15 -10.00
C ASP A 66 -7.29 -5.35 -9.65
N PHE A 67 -7.09 -4.05 -9.45
CA PHE A 67 -8.20 -3.13 -9.22
C PHE A 67 -7.80 -1.73 -9.65
N THR A 68 -8.78 -0.91 -9.97
CA THR A 68 -8.50 0.44 -10.43
C THR A 68 -8.27 1.40 -9.26
N LEU A 69 -7.09 2.01 -9.22
CA LEU A 69 -6.84 3.12 -8.31
C LEU A 69 -7.79 4.25 -8.69
N GLY A 70 -8.10 5.14 -7.79
CA GLY A 70 -8.97 6.21 -8.20
C GLY A 70 -9.34 7.17 -7.11
N THR A 71 -8.35 7.54 -6.31
CA THR A 71 -8.47 8.72 -5.47
C THR A 71 -9.31 8.47 -4.23
N GLY A 72 -8.65 8.07 -3.16
CA GLY A 72 -9.32 7.86 -1.89
C GLY A 72 -10.38 6.79 -1.96
N ARG A 73 -9.96 5.58 -2.30
CA ARG A 73 -10.86 4.46 -2.42
C ARG A 73 -10.55 3.42 -1.37
N VAL A 74 -9.27 3.16 -1.21
CA VAL A 74 -8.79 2.21 -0.22
C VAL A 74 -8.14 2.95 0.94
N ILE A 75 -7.70 2.21 1.96
CA ILE A 75 -7.26 2.79 3.25
C ILE A 75 -6.21 3.90 3.11
N LYS A 76 -5.85 4.53 4.26
CA LYS A 76 -5.10 5.82 4.29
C LYS A 76 -3.87 5.84 3.41
N GLY A 77 -3.41 4.75 2.87
CA GLY A 77 -2.41 4.92 1.87
C GLY A 77 -2.22 3.76 0.91
N TRP A 78 -3.26 2.97 0.64
CA TRP A 78 -3.20 2.02 -0.46
C TRP A 78 -3.26 2.78 -1.78
N ASP A 79 -4.03 3.87 -1.80
CA ASP A 79 -4.07 4.74 -2.97
C ASP A 79 -2.72 5.44 -3.14
N MET A 80 -2.12 5.85 -2.02
CA MET A 80 -0.84 6.55 -2.08
C MET A 80 0.25 5.58 -2.49
N GLY A 81 0.08 4.34 -2.07
CA GLY A 81 1.06 3.31 -2.34
C GLY A 81 1.20 3.00 -3.81
N ILE A 82 0.09 2.72 -4.45
CA ILE A 82 0.10 2.31 -5.85
C ILE A 82 0.36 3.50 -6.74
N ALA A 83 -0.30 4.61 -6.46
CA ALA A 83 -0.21 5.79 -7.29
C ALA A 83 1.22 6.30 -7.32
N GLY A 84 1.91 6.02 -8.41
CA GLY A 84 3.31 6.38 -8.52
C GLY A 84 4.19 5.19 -8.79
N MET A 85 3.68 4.01 -8.48
CA MET A 85 4.41 2.78 -8.73
C MET A 85 4.51 2.53 -10.22
N LYS A 86 5.61 1.93 -10.67
CA LYS A 86 5.74 1.59 -12.06
C LYS A 86 5.65 0.10 -12.23
N VAL A 87 4.96 -0.33 -13.27
CA VAL A 87 4.72 -1.73 -13.40
C VAL A 87 6.02 -2.44 -13.70
N GLY A 88 6.26 -3.45 -12.91
CA GLY A 88 7.44 -4.28 -13.06
C GLY A 88 8.51 -3.89 -12.07
N GLY A 89 8.11 -3.15 -11.06
CA GLY A 89 9.05 -2.65 -10.08
C GLY A 89 8.71 -3.08 -8.67
N ARG A 90 9.68 -2.99 -7.79
CA ARG A 90 9.52 -3.42 -6.41
C ARG A 90 9.46 -2.21 -5.49
N ARG A 91 8.89 -2.39 -4.31
CA ARG A 91 8.86 -1.32 -3.33
C ARG A 91 8.82 -1.88 -1.92
N LYS A 92 9.52 -1.20 -1.03
CA LYS A 92 9.47 -1.52 0.38
C LYS A 92 8.33 -0.75 1.01
N LEU A 93 7.42 -1.47 1.63
CA LEU A 93 6.28 -0.86 2.26
C LEU A 93 6.27 -1.12 3.76
N VAL A 94 6.01 -0.10 4.56
CA VAL A 94 5.75 -0.33 5.97
C VAL A 94 4.26 -0.23 6.27
N ILE A 95 3.78 -1.15 7.08
CA ILE A 95 2.37 -1.14 7.50
C ILE A 95 2.20 -0.45 8.85
N PRO A 96 1.50 0.70 8.87
CA PRO A 96 1.14 1.39 10.10
C PRO A 96 -0.16 0.90 10.69
N PRO A 97 -0.33 1.08 12.00
CA PRO A 97 -1.58 0.79 12.70
C PRO A 97 -2.77 1.50 12.09
N HIS A 98 -2.63 2.82 11.94
CA HIS A 98 -3.75 3.66 11.59
C HIS A 98 -3.81 3.85 10.09
N LEU A 99 -3.61 2.74 9.39
CA LEU A 99 -3.65 2.75 7.96
C LEU A 99 -3.79 1.34 7.42
N ALA A 100 -2.67 0.68 7.33
CA ALA A 100 -2.59 -0.60 6.63
C ALA A 100 -2.90 -1.76 7.55
N TYR A 101 -2.56 -1.63 8.81
CA TYR A 101 -2.85 -2.66 9.77
C TYR A 101 -4.33 -2.69 10.09
N GLY A 102 -4.81 -1.66 10.76
CA GLY A 102 -6.18 -1.69 11.23
C GLY A 102 -6.93 -0.41 11.01
N ASP A 103 -6.24 0.61 10.49
CA ASP A 103 -6.76 1.97 10.52
C ASP A 103 -7.09 2.32 11.98
N ARG A 104 -6.34 1.65 12.86
CA ARG A 104 -6.54 1.70 14.30
C ARG A 104 -5.20 1.51 15.01
N SER A 105 -4.97 0.30 15.58
CA SER A 105 -3.79 0.01 16.40
C SER A 105 -3.97 -1.24 17.27
N PRO A 106 -3.07 -2.22 17.10
CA PRO A 106 -2.96 -3.38 17.98
C PRO A 106 -2.13 -3.11 19.24
N SER A 107 -0.92 -2.58 19.04
CA SER A 107 0.05 -2.40 20.11
C SER A 107 1.15 -1.43 19.66
N PRO A 108 2.13 -1.12 20.53
CA PRO A 108 3.39 -0.51 20.09
C PRO A 108 4.19 -1.47 19.23
N ALA A 109 3.92 -2.76 19.44
CA ALA A 109 4.61 -3.82 18.73
C ALA A 109 4.03 -4.02 17.34
N ILE A 110 3.84 -2.93 16.63
CA ILE A 110 3.44 -2.96 15.26
C ILE A 110 4.11 -1.82 14.48
N LYS A 111 5.28 -2.15 13.91
CA LYS A 111 6.14 -1.22 13.12
C LYS A 111 7.37 -0.72 13.93
N PRO A 112 7.23 -0.12 15.12
CA PRO A 112 8.36 0.27 15.94
C PRO A 112 8.86 -0.85 16.85
N GLY A 113 8.01 -1.26 17.80
CA GLY A 113 8.37 -2.37 18.67
C GLY A 113 8.54 -3.64 17.89
N GLU A 114 7.69 -3.80 16.87
CA GLU A 114 7.79 -4.91 15.94
C GLU A 114 8.29 -4.36 14.60
N THR A 115 8.17 -5.12 13.53
CA THR A 115 8.58 -4.64 12.22
C THR A 115 7.71 -5.24 11.12
N LEU A 116 6.76 -4.46 10.63
CA LEU A 116 5.83 -4.91 9.60
C LEU A 116 6.25 -4.43 8.23
N ILE A 117 6.86 -5.30 7.42
CA ILE A 117 7.39 -4.87 6.14
C ILE A 117 6.75 -5.60 4.98
N PHE A 118 6.06 -4.89 4.14
CA PHE A 118 5.39 -5.52 3.03
C PHE A 118 6.09 -5.21 1.73
N VAL A 119 6.79 -6.20 1.20
CA VAL A 119 7.53 -6.04 -0.03
C VAL A 119 6.62 -6.25 -1.22
N VAL A 120 6.59 -5.26 -2.09
CA VAL A 120 5.59 -5.21 -3.15
C VAL A 120 6.23 -5.18 -4.51
N ASP A 121 5.53 -5.73 -5.49
CA ASP A 121 5.92 -5.63 -6.87
C ASP A 121 4.74 -5.16 -7.70
N LEU A 122 4.83 -3.96 -8.27
CA LEU A 122 3.88 -3.54 -9.27
C LEU A 122 4.17 -4.38 -10.48
N VAL A 123 3.15 -4.97 -11.08
CA VAL A 123 3.40 -5.95 -12.12
C VAL A 123 2.48 -5.76 -13.33
N GLY A 124 1.57 -4.78 -13.26
CA GLY A 124 0.72 -4.51 -14.39
C GLY A 124 -0.16 -3.29 -14.20
N VAL A 125 -0.62 -2.77 -15.32
CA VAL A 125 -1.54 -1.65 -15.36
C VAL A 125 -2.55 -1.93 -16.48
N GLY A 126 -3.57 -1.12 -16.55
CA GLY A 126 -4.55 -1.27 -17.62
C GLY A 126 -5.70 -0.30 -17.47
N GLY A 1 -19.82 8.33 2.04
CA GLY A 1 -19.33 8.43 0.65
C GLY A 1 -18.62 7.16 0.22
N ALA A 2 -18.49 6.97 -1.08
CA ALA A 2 -17.81 5.79 -1.62
C ALA A 2 -16.33 5.85 -1.25
N MET A 3 -15.64 6.82 -1.82
CA MET A 3 -14.25 7.06 -1.48
C MET A 3 -14.16 8.28 -0.57
N ALA A 4 -14.12 8.04 0.74
CA ALA A 4 -14.13 9.12 1.72
C ALA A 4 -13.09 8.88 2.80
N LEU A 5 -11.98 9.60 2.73
CA LEU A 5 -10.90 9.46 3.69
C LEU A 5 -9.96 10.69 3.60
N GLU A 6 -8.78 10.50 3.05
CA GLU A 6 -7.79 11.56 2.93
C GLU A 6 -7.38 11.77 1.49
N ARG A 7 -6.51 10.90 1.03
CA ARG A 7 -5.95 10.98 -0.32
C ARG A 7 -6.97 10.76 -1.43
N PRO A 8 -8.00 9.94 -1.18
CA PRO A 8 -9.28 9.92 -1.89
C PRO A 8 -9.68 11.25 -2.51
N GLU A 9 -9.31 12.29 -1.80
CA GLU A 9 -9.43 13.68 -2.24
C GLU A 9 -10.81 14.25 -1.97
N ILE A 10 -10.97 14.79 -0.75
CA ILE A 10 -12.21 15.42 -0.30
C ILE A 10 -11.93 16.23 0.97
N ASP A 11 -12.94 16.98 1.42
CA ASP A 11 -12.90 17.71 2.69
C ASP A 11 -11.93 18.88 2.65
N PHE A 12 -10.67 18.54 2.53
CA PHE A 12 -9.59 19.50 2.52
C PHE A 12 -9.35 19.97 1.09
N PRO A 13 -8.44 20.94 0.89
CA PRO A 13 -7.93 21.31 -0.44
C PRO A 13 -7.27 20.13 -1.16
N GLU A 14 -7.33 18.95 -0.53
CA GLU A 14 -6.83 17.69 -1.09
C GLU A 14 -5.31 17.66 -1.20
N GLY A 15 -4.76 16.46 -1.20
CA GLY A 15 -3.34 16.29 -1.41
C GLY A 15 -2.53 16.20 -0.13
N GLN A 16 -3.18 16.41 1.01
CA GLN A 16 -2.48 16.34 2.30
C GLN A 16 -3.10 15.30 3.23
N PRO A 17 -2.87 14.01 2.97
CA PRO A 17 -3.30 12.91 3.83
C PRO A 17 -2.15 12.49 4.77
N PRO A 18 -2.36 11.45 5.64
CA PRO A 18 -1.31 10.97 6.57
C PRO A 18 0.05 10.78 5.91
N GLU A 19 0.15 9.77 5.04
CA GLU A 19 1.32 9.58 4.19
C GLU A 19 2.45 8.94 4.98
N TYR A 20 2.10 8.12 5.94
CA TYR A 20 3.12 7.54 6.79
C TYR A 20 3.70 6.28 6.23
N LEU A 21 2.93 5.72 5.35
CA LEU A 21 3.30 4.52 4.66
C LEU A 21 4.59 4.76 3.87
N ASP A 22 5.65 4.06 4.24
CA ASP A 22 6.95 4.34 3.65
C ASP A 22 7.04 3.73 2.27
N ILE A 23 7.16 4.56 1.27
CA ILE A 23 7.33 4.08 -0.09
C ILE A 23 8.78 4.22 -0.55
N THR A 24 9.49 3.11 -0.52
CA THR A 24 10.87 3.08 -0.99
C THR A 24 10.89 2.61 -2.45
N ASP A 25 11.13 3.54 -3.36
CA ASP A 25 10.96 3.27 -4.78
C ASP A 25 12.20 2.65 -5.41
N ILE A 26 12.04 1.41 -5.84
CA ILE A 26 13.01 0.73 -6.70
C ILE A 26 12.20 0.11 -7.82
N THR A 27 11.40 0.93 -8.46
CA THR A 27 10.29 0.47 -9.26
C THR A 27 10.41 0.93 -10.72
N GLU A 28 11.15 0.17 -11.51
CA GLU A 28 11.27 0.45 -12.95
C GLU A 28 11.26 -0.85 -13.73
N GLY A 29 10.07 -1.26 -14.15
CA GLY A 29 9.94 -2.50 -14.86
C GLY A 29 9.77 -2.31 -16.36
N ASP A 30 8.52 -2.22 -16.78
CA ASP A 30 8.21 -2.05 -18.20
C ASP A 30 8.09 -0.58 -18.55
N GLY A 31 7.29 0.15 -17.77
CA GLY A 31 7.36 1.60 -17.85
C GLY A 31 6.06 2.38 -18.17
N PRO A 32 4.85 2.02 -17.67
CA PRO A 32 3.74 2.96 -17.66
C PRO A 32 3.66 3.69 -16.33
N GLU A 33 2.95 3.06 -15.35
CA GLU A 33 2.79 3.55 -13.96
C GLU A 33 1.36 3.22 -13.51
N ALA A 34 1.18 2.60 -12.36
CA ALA A 34 -0.15 2.49 -11.81
C ALA A 34 -0.51 3.80 -11.11
N VAL A 35 -1.53 4.47 -11.61
CA VAL A 35 -1.94 5.73 -11.01
C VAL A 35 -3.44 5.79 -10.80
N LYS A 36 -3.89 6.89 -10.21
CA LYS A 36 -5.30 7.12 -9.89
C LYS A 36 -6.22 6.91 -11.09
N GLY A 37 -7.01 5.84 -11.04
CA GLY A 37 -7.98 5.57 -12.10
C GLY A 37 -7.45 4.62 -13.15
N SER A 38 -6.16 4.38 -13.13
CA SER A 38 -5.55 3.34 -13.95
C SER A 38 -5.80 1.99 -13.31
N ASN A 39 -5.90 0.99 -14.14
CA ASN A 39 -6.12 -0.36 -13.67
C ASN A 39 -4.84 -0.87 -13.04
N VAL A 40 -4.98 -1.53 -11.90
CA VAL A 40 -3.84 -1.92 -11.10
C VAL A 40 -3.71 -3.43 -11.11
N SER A 41 -2.47 -3.89 -11.21
CA SER A 41 -2.17 -5.29 -11.13
C SER A 41 -0.87 -5.48 -10.35
N MET A 42 -0.97 -6.01 -9.14
CA MET A 42 0.19 -6.03 -8.25
C MET A 42 0.09 -7.11 -7.19
N HIS A 43 1.16 -7.23 -6.40
CA HIS A 43 1.19 -8.17 -5.28
C HIS A 43 2.20 -7.71 -4.24
N TYR A 44 1.90 -7.97 -2.97
CA TYR A 44 2.82 -7.64 -1.88
C TYR A 44 3.08 -8.87 -1.05
N VAL A 45 3.95 -8.72 -0.07
CA VAL A 45 4.11 -9.70 0.98
C VAL A 45 4.83 -9.06 2.15
N GLY A 46 4.37 -9.37 3.34
CA GLY A 46 4.81 -8.65 4.51
C GLY A 46 5.69 -9.46 5.40
N VAL A 47 6.46 -8.77 6.22
CA VAL A 47 7.34 -9.41 7.15
C VAL A 47 7.02 -9.02 8.57
N SER A 48 7.38 -9.94 9.45
CA SER A 48 7.35 -9.77 10.89
C SER A 48 6.00 -9.32 11.40
N TRP A 49 6.00 -8.88 12.65
CA TRP A 49 4.84 -8.37 13.38
C TRP A 49 3.75 -9.41 13.57
N SER A 50 3.39 -10.13 12.51
CA SER A 50 2.44 -11.22 12.62
C SER A 50 3.13 -12.49 13.10
N THR A 51 4.44 -12.61 12.85
CA THR A 51 5.14 -13.82 13.27
C THR A 51 6.66 -13.64 13.34
N GLY A 52 7.22 -12.98 12.34
CA GLY A 52 8.67 -12.83 12.29
C GLY A 52 9.20 -12.99 10.89
N GLU A 53 9.41 -11.85 10.25
CA GLU A 53 9.91 -11.79 8.87
C GLU A 53 8.86 -12.29 7.89
N GLU A 54 9.23 -12.22 6.63
CA GLU A 54 8.39 -12.62 5.49
C GLU A 54 7.46 -13.78 5.83
N PHE A 55 6.17 -13.51 5.90
CA PHE A 55 5.19 -14.53 6.20
C PHE A 55 4.14 -14.64 5.11
N ASP A 56 3.55 -13.50 4.73
CA ASP A 56 2.47 -13.44 3.77
C ASP A 56 2.01 -12.00 3.64
N ALA A 57 1.01 -11.75 2.81
CA ALA A 57 0.48 -10.40 2.62
C ALA A 57 -1.02 -10.41 2.58
N SER A 58 -1.62 -9.24 2.69
CA SER A 58 -3.03 -9.08 2.38
C SER A 58 -3.20 -9.23 0.89
N TRP A 59 -2.22 -8.67 0.20
CA TRP A 59 -2.15 -8.67 -1.24
C TRP A 59 -1.76 -10.05 -1.76
N ASN A 60 -1.12 -10.85 -0.93
CA ASN A 60 -0.62 -12.17 -1.34
C ASN A 60 -1.78 -13.16 -1.32
N ARG A 61 -2.70 -13.02 -2.26
CA ARG A 61 -3.93 -13.79 -2.26
C ARG A 61 -3.87 -14.96 -3.25
N GLY A 62 -2.81 -15.02 -4.02
CA GLY A 62 -2.69 -16.04 -5.06
C GLY A 62 -2.60 -15.44 -6.44
N SER A 63 -3.65 -14.72 -6.85
CA SER A 63 -3.70 -14.14 -8.18
C SER A 63 -3.70 -12.61 -8.11
N THR A 64 -2.77 -12.01 -8.86
CA THR A 64 -2.49 -10.56 -8.83
C THR A 64 -3.76 -9.72 -8.69
N LEU A 65 -3.68 -8.70 -7.83
CA LEU A 65 -4.81 -7.81 -7.62
C LEU A 65 -5.02 -6.97 -8.85
N ASP A 66 -6.18 -7.15 -9.48
CA ASP A 66 -6.52 -6.41 -10.69
C ASP A 66 -7.70 -5.50 -10.42
N PHE A 67 -7.41 -4.29 -9.97
CA PHE A 67 -8.45 -3.33 -9.63
C PHE A 67 -8.05 -1.92 -10.02
N THR A 68 -9.02 -1.09 -10.35
CA THR A 68 -8.76 0.30 -10.72
C THR A 68 -8.37 1.11 -9.48
N LEU A 69 -7.19 1.74 -9.54
CA LEU A 69 -6.77 2.64 -8.49
C LEU A 69 -7.75 3.81 -8.38
N GLY A 70 -7.61 4.60 -7.34
CA GLY A 70 -8.64 5.57 -7.04
C GLY A 70 -9.48 5.05 -5.91
N THR A 71 -8.88 4.13 -5.17
CA THR A 71 -9.53 3.46 -4.09
C THR A 71 -9.26 4.20 -2.79
N GLY A 72 -9.54 5.50 -2.80
CA GLY A 72 -9.56 6.27 -1.57
C GLY A 72 -10.67 5.82 -0.64
N ARG A 73 -10.68 4.53 -0.42
CA ARG A 73 -11.72 3.85 0.36
C ARG A 73 -11.07 2.85 1.29
N VAL A 74 -9.90 2.36 0.87
CA VAL A 74 -9.08 1.51 1.69
C VAL A 74 -8.36 2.35 2.75
N ILE A 75 -7.38 1.76 3.43
CA ILE A 75 -6.66 2.50 4.46
C ILE A 75 -5.89 3.68 3.85
N LYS A 76 -5.40 4.55 4.71
CA LYS A 76 -4.96 5.89 4.32
C LYS A 76 -3.74 5.93 3.40
N GLY A 77 -3.16 4.81 3.02
CA GLY A 77 -2.04 4.90 2.11
C GLY A 77 -2.07 3.95 0.91
N TRP A 78 -2.79 2.83 1.00
CA TRP A 78 -2.82 1.83 -0.09
C TRP A 78 -3.06 2.49 -1.45
N ASP A 79 -3.94 3.47 -1.47
CA ASP A 79 -4.29 4.14 -2.71
C ASP A 79 -3.06 4.81 -3.30
N MET A 80 -2.37 5.61 -2.49
CA MET A 80 -1.18 6.28 -2.98
C MET A 80 -0.02 5.33 -3.16
N GLY A 81 -0.02 4.26 -2.38
CA GLY A 81 1.01 3.26 -2.49
C GLY A 81 1.13 2.74 -3.92
N ILE A 82 -0.02 2.53 -4.53
CA ILE A 82 -0.09 2.12 -5.94
C ILE A 82 0.16 3.30 -6.83
N ALA A 83 -0.45 4.44 -6.49
CA ALA A 83 -0.35 5.63 -7.31
C ALA A 83 1.08 6.15 -7.31
N GLY A 84 1.87 5.62 -8.21
CA GLY A 84 3.28 5.93 -8.24
C GLY A 84 4.12 4.70 -8.50
N MET A 85 3.50 3.55 -8.39
CA MET A 85 4.16 2.30 -8.70
C MET A 85 4.31 2.14 -10.21
N LYS A 86 5.43 1.58 -10.63
CA LYS A 86 5.67 1.32 -12.05
C LYS A 86 5.66 -0.17 -12.30
N VAL A 87 4.97 -0.57 -13.36
CA VAL A 87 4.77 -1.98 -13.65
C VAL A 87 6.11 -2.68 -13.81
N GLY A 88 6.18 -3.79 -13.15
CA GLY A 88 7.36 -4.64 -13.25
C GLY A 88 8.44 -4.20 -12.30
N GLY A 89 8.04 -3.52 -11.24
CA GLY A 89 8.99 -2.91 -10.34
C GLY A 89 8.71 -3.22 -8.89
N ARG A 90 9.68 -2.95 -8.04
CA ARG A 90 9.59 -3.33 -6.64
C ARG A 90 9.66 -2.10 -5.73
N ARG A 91 9.01 -2.21 -4.58
CA ARG A 91 9.05 -1.13 -3.60
C ARG A 91 8.90 -1.68 -2.19
N LYS A 92 9.64 -1.11 -1.27
CA LYS A 92 9.51 -1.47 0.13
C LYS A 92 8.48 -0.57 0.78
N LEU A 93 7.55 -1.18 1.49
CA LEU A 93 6.51 -0.42 2.15
C LEU A 93 6.49 -0.69 3.64
N VAL A 94 6.62 0.36 4.45
CA VAL A 94 6.46 0.22 5.88
C VAL A 94 5.02 0.54 6.27
N ILE A 95 4.49 -0.20 7.22
CA ILE A 95 3.13 0.04 7.68
C ILE A 95 3.10 1.01 8.87
N PRO A 96 2.40 2.15 8.67
CA PRO A 96 2.13 3.18 9.71
C PRO A 96 0.89 2.87 10.53
N PRO A 97 0.70 3.56 11.65
CA PRO A 97 -0.45 3.33 12.47
C PRO A 97 -1.67 4.13 12.05
N HIS A 98 -1.50 5.44 11.78
CA HIS A 98 -2.62 6.32 11.47
C HIS A 98 -2.95 6.25 9.98
N LEU A 99 -2.48 5.21 9.36
CA LEU A 99 -2.72 5.01 7.94
C LEU A 99 -2.98 3.55 7.65
N ALA A 100 -2.30 2.66 8.35
CA ALA A 100 -2.42 1.24 8.05
C ALA A 100 -2.74 0.35 9.27
N TYR A 101 -2.06 0.57 10.41
CA TYR A 101 -2.26 -0.30 11.59
C TYR A 101 -3.73 -0.47 11.91
N GLY A 102 -4.27 0.62 12.41
CA GLY A 102 -5.63 0.66 12.86
C GLY A 102 -6.10 2.09 12.87
N ASP A 103 -5.38 2.90 12.11
CA ASP A 103 -5.35 4.33 12.31
C ASP A 103 -5.28 4.62 13.82
N ARG A 104 -4.32 3.94 14.45
CA ARG A 104 -4.14 3.98 15.88
C ARG A 104 -2.74 3.52 16.29
N SER A 105 -2.60 2.20 16.56
CA SER A 105 -1.46 1.61 17.28
C SER A 105 -1.86 0.26 17.91
N PRO A 106 -1.26 -0.86 17.46
CA PRO A 106 -1.65 -2.21 17.89
C PRO A 106 -0.81 -2.80 19.05
N SER A 107 0.51 -2.78 18.93
CA SER A 107 1.39 -3.54 19.81
C SER A 107 2.38 -2.62 20.53
N PRO A 108 3.09 -3.12 21.57
CA PRO A 108 4.04 -2.33 22.36
C PRO A 108 4.92 -1.41 21.52
N ALA A 109 5.37 -1.90 20.38
CA ALA A 109 6.37 -1.20 19.60
C ALA A 109 6.04 -1.24 18.12
N ILE A 110 5.57 -2.40 17.67
CA ILE A 110 5.06 -2.61 16.34
C ILE A 110 5.90 -1.95 15.22
N LYS A 111 7.19 -2.24 15.21
CA LYS A 111 8.14 -1.78 14.18
C LYS A 111 9.59 -2.07 14.59
N PRO A 112 9.97 -1.79 15.86
CA PRO A 112 11.26 -2.16 16.41
C PRO A 112 11.18 -3.49 17.18
N GLY A 113 10.29 -3.53 18.18
CA GLY A 113 9.89 -4.78 18.79
C GLY A 113 9.43 -5.76 17.73
N GLU A 114 8.74 -5.22 16.76
CA GLU A 114 8.28 -5.95 15.60
C GLU A 114 9.09 -5.51 14.38
N THR A 115 8.52 -5.69 13.20
CA THR A 115 9.10 -5.16 11.95
C THR A 115 8.07 -5.25 10.83
N LEU A 116 7.22 -4.25 10.70
CA LEU A 116 6.10 -4.36 9.74
C LEU A 116 6.50 -3.91 8.36
N ILE A 117 7.07 -4.84 7.58
CA ILE A 117 7.59 -4.47 6.26
C ILE A 117 6.91 -5.23 5.14
N PHE A 118 6.31 -4.51 4.22
CA PHE A 118 5.59 -5.14 3.13
C PHE A 118 6.25 -4.81 1.80
N VAL A 119 6.92 -5.80 1.24
CA VAL A 119 7.59 -5.65 -0.03
C VAL A 119 6.60 -5.84 -1.16
N VAL A 120 6.65 -4.96 -2.13
CA VAL A 120 5.62 -4.87 -3.13
C VAL A 120 6.19 -4.98 -4.54
N ASP A 121 5.39 -5.52 -5.45
CA ASP A 121 5.77 -5.60 -6.85
C ASP A 121 4.58 -5.23 -7.74
N LEU A 122 4.73 -4.18 -8.54
CA LEU A 122 3.74 -3.84 -9.55
C LEU A 122 4.01 -4.72 -10.75
N VAL A 123 2.99 -5.34 -11.33
CA VAL A 123 3.20 -6.23 -12.46
C VAL A 123 2.35 -5.87 -13.69
N GLY A 124 1.44 -4.91 -13.55
CA GLY A 124 0.64 -4.50 -14.69
C GLY A 124 -0.24 -3.30 -14.42
N VAL A 125 -0.60 -2.62 -15.48
CA VAL A 125 -1.51 -1.49 -15.43
C VAL A 125 -2.52 -1.63 -16.57
N GLY A 126 -3.53 -0.80 -16.55
CA GLY A 126 -4.49 -0.77 -17.62
C GLY A 126 -5.09 0.60 -17.81
N GLY A 1 -12.00 6.15 6.00
CA GLY A 1 -13.44 5.93 5.75
C GLY A 1 -13.72 5.54 4.31
N ALA A 2 -14.98 5.28 4.01
CA ALA A 2 -15.38 4.89 2.67
C ALA A 2 -15.18 6.03 1.68
N MET A 3 -14.16 5.88 0.84
CA MET A 3 -13.79 6.87 -0.17
C MET A 3 -13.45 8.21 0.49
N ALA A 4 -12.86 8.16 1.67
CA ALA A 4 -12.52 9.37 2.40
C ALA A 4 -11.44 9.12 3.44
N LEU A 5 -10.40 9.95 3.40
CA LEU A 5 -9.35 9.93 4.41
C LEU A 5 -8.42 11.12 4.23
N GLU A 6 -7.60 11.07 3.20
CA GLU A 6 -6.56 12.05 2.95
C GLU A 6 -6.30 12.14 1.46
N ARG A 7 -6.01 11.00 0.86
CA ARG A 7 -5.69 10.93 -0.55
C ARG A 7 -6.87 11.21 -1.50
N PRO A 8 -8.07 10.66 -1.22
CA PRO A 8 -9.29 10.90 -1.99
C PRO A 8 -9.37 12.28 -2.58
N GLU A 9 -9.79 12.33 -3.83
CA GLU A 9 -9.74 13.55 -4.61
C GLU A 9 -11.04 14.31 -4.56
N ILE A 10 -11.31 14.85 -3.39
CA ILE A 10 -12.51 15.64 -3.13
C ILE A 10 -12.30 16.53 -1.92
N ASP A 11 -13.38 17.20 -1.51
CA ASP A 11 -13.40 18.10 -0.35
C ASP A 11 -12.45 19.28 -0.51
N PHE A 12 -11.17 18.98 -0.50
CA PHE A 12 -10.11 19.97 -0.48
C PHE A 12 -9.66 20.19 -1.94
N PRO A 13 -8.59 20.97 -2.19
CA PRO A 13 -8.08 21.18 -3.56
C PRO A 13 -7.43 19.92 -4.16
N GLU A 14 -7.75 18.77 -3.56
CA GLU A 14 -7.31 17.45 -4.03
C GLU A 14 -5.80 17.26 -3.94
N GLY A 15 -5.41 16.07 -3.50
CA GLY A 15 -4.00 15.72 -3.46
C GLY A 15 -3.32 16.14 -2.17
N GLN A 16 -4.01 16.04 -1.05
CA GLN A 16 -3.41 16.27 0.26
C GLN A 16 -3.55 15.02 1.12
N PRO A 17 -2.83 13.94 0.76
CA PRO A 17 -3.02 12.63 1.36
C PRO A 17 -2.18 12.41 2.64
N PRO A 18 -2.15 11.16 3.18
CA PRO A 18 -1.41 10.85 4.41
C PRO A 18 0.08 11.07 4.28
N GLU A 19 0.83 10.65 5.28
CA GLU A 19 2.26 10.94 5.29
C GLU A 19 3.02 9.85 6.01
N TYR A 20 2.31 8.84 6.46
CA TYR A 20 2.92 7.85 7.31
C TYR A 20 3.26 6.62 6.53
N LEU A 21 2.67 6.56 5.38
CA LEU A 21 2.85 5.46 4.46
C LEU A 21 4.29 5.49 3.96
N ASP A 22 5.09 4.49 4.30
CA ASP A 22 6.48 4.53 3.87
C ASP A 22 6.64 3.82 2.54
N ILE A 23 6.99 4.57 1.52
CA ILE A 23 7.10 4.02 0.17
C ILE A 23 8.52 4.13 -0.37
N THR A 24 9.21 3.00 -0.43
CA THR A 24 10.56 2.96 -0.97
C THR A 24 10.55 2.41 -2.39
N ASP A 25 10.77 3.28 -3.36
CA ASP A 25 10.77 2.89 -4.77
C ASP A 25 11.97 2.00 -5.08
N ILE A 26 11.69 0.79 -5.56
CA ILE A 26 12.74 -0.19 -5.83
C ILE A 26 12.58 -0.79 -7.22
N THR A 27 13.02 -0.05 -8.24
CA THR A 27 13.04 -0.55 -9.61
C THR A 27 11.68 -0.36 -10.31
N GLU A 28 11.73 -0.30 -11.63
CA GLU A 28 10.60 -0.06 -12.50
C GLU A 28 10.86 -0.76 -13.81
N GLY A 29 9.92 -1.57 -14.24
CA GLY A 29 10.20 -2.56 -15.25
C GLY A 29 9.89 -2.15 -16.66
N ASP A 30 8.62 -2.28 -17.03
CA ASP A 30 8.26 -2.31 -18.45
C ASP A 30 7.98 -0.95 -19.05
N GLY A 31 7.18 -0.11 -18.39
CA GLY A 31 6.71 1.07 -19.07
C GLY A 31 6.03 2.11 -18.19
N PRO A 32 4.75 1.91 -17.83
CA PRO A 32 3.93 2.95 -17.24
C PRO A 32 3.96 2.90 -15.73
N GLU A 33 2.95 3.44 -15.11
CA GLU A 33 2.85 3.50 -13.67
C GLU A 33 1.41 3.27 -13.27
N ALA A 34 1.19 2.62 -12.15
CA ALA A 34 -0.16 2.45 -11.67
C ALA A 34 -0.63 3.71 -10.97
N VAL A 35 -1.64 4.36 -11.51
CA VAL A 35 -2.16 5.57 -10.90
C VAL A 35 -3.68 5.59 -10.88
N LYS A 36 -4.23 6.69 -10.39
CA LYS A 36 -5.69 6.87 -10.28
C LYS A 36 -6.41 6.53 -11.57
N GLY A 37 -7.47 5.72 -11.46
CA GLY A 37 -8.27 5.39 -12.62
C GLY A 37 -7.64 4.35 -13.52
N SER A 38 -6.34 4.20 -13.43
CA SER A 38 -5.62 3.18 -14.15
C SER A 38 -5.82 1.85 -13.45
N ASN A 39 -5.89 0.82 -14.24
CA ASN A 39 -6.04 -0.51 -13.72
C ASN A 39 -4.73 -0.92 -13.07
N VAL A 40 -4.83 -1.56 -11.94
CA VAL A 40 -3.66 -1.88 -11.16
C VAL A 40 -3.46 -3.36 -11.15
N SER A 41 -2.22 -3.77 -11.29
CA SER A 41 -1.88 -5.15 -11.21
C SER A 41 -0.62 -5.32 -10.36
N MET A 42 -0.77 -5.72 -9.12
CA MET A 42 0.38 -5.86 -8.25
C MET A 42 0.14 -6.87 -7.14
N HIS A 43 1.21 -7.22 -6.45
CA HIS A 43 1.12 -8.12 -5.31
C HIS A 43 2.10 -7.70 -4.22
N TYR A 44 1.69 -7.87 -2.97
CA TYR A 44 2.56 -7.61 -1.82
C TYR A 44 2.77 -8.90 -1.09
N VAL A 45 3.63 -8.82 -0.09
CA VAL A 45 3.83 -9.88 0.89
C VAL A 45 4.46 -9.26 2.14
N GLY A 46 3.82 -9.47 3.28
CA GLY A 46 4.25 -8.80 4.49
C GLY A 46 5.32 -9.55 5.24
N VAL A 47 6.10 -8.83 6.03
CA VAL A 47 7.15 -9.41 6.83
C VAL A 47 6.96 -9.10 8.29
N SER A 48 7.48 -10.03 9.07
CA SER A 48 7.63 -9.90 10.51
C SER A 48 6.32 -9.55 11.19
N TRP A 49 6.42 -9.27 12.47
CA TRP A 49 5.32 -8.80 13.28
C TRP A 49 4.28 -9.89 13.53
N SER A 50 3.83 -10.54 12.46
CA SER A 50 2.90 -11.64 12.59
C SER A 50 3.66 -12.93 12.91
N THR A 51 4.94 -12.99 12.51
CA THR A 51 5.74 -14.17 12.81
C THR A 51 7.25 -13.89 12.76
N GLY A 52 7.72 -13.32 11.66
CA GLY A 52 9.15 -13.08 11.51
C GLY A 52 9.56 -13.08 10.06
N GLU A 53 9.65 -11.88 9.50
CA GLU A 53 9.99 -11.69 8.09
C GLU A 53 8.93 -12.23 7.17
N GLU A 54 9.17 -12.05 5.89
CA GLU A 54 8.28 -12.46 4.81
C GLU A 54 7.43 -13.69 5.18
N PHE A 55 6.14 -13.47 5.34
CA PHE A 55 5.22 -14.55 5.67
C PHE A 55 4.04 -14.59 4.70
N ASP A 56 3.37 -13.46 4.51
CA ASP A 56 2.15 -13.40 3.71
C ASP A 56 1.63 -11.96 3.64
N ALA A 57 0.91 -11.63 2.57
CA ALA A 57 0.31 -10.32 2.44
C ALA A 57 -1.20 -10.40 2.47
N SER A 58 -1.82 -9.25 2.65
CA SER A 58 -3.26 -9.11 2.44
C SER A 58 -3.53 -9.25 0.96
N TRP A 59 -2.62 -8.65 0.20
CA TRP A 59 -2.64 -8.68 -1.24
C TRP A 59 -2.34 -10.07 -1.77
N ASN A 60 -1.65 -10.86 -0.96
CA ASN A 60 -1.25 -12.20 -1.38
C ASN A 60 -2.45 -13.15 -1.32
N ARG A 61 -3.42 -12.91 -2.19
CA ARG A 61 -4.61 -13.76 -2.25
C ARG A 61 -4.41 -14.90 -3.25
N GLY A 62 -3.17 -15.12 -3.64
CA GLY A 62 -2.86 -16.18 -4.58
C GLY A 62 -2.13 -15.68 -5.79
N SER A 63 -2.40 -14.44 -6.16
CA SER A 63 -1.78 -13.83 -7.32
C SER A 63 -1.97 -12.32 -7.29
N THR A 64 -1.51 -11.65 -8.34
CA THR A 64 -1.63 -10.21 -8.47
C THR A 64 -3.10 -9.76 -8.36
N LEU A 65 -3.30 -8.59 -7.77
CA LEU A 65 -4.61 -7.98 -7.72
C LEU A 65 -4.80 -7.10 -8.95
N ASP A 66 -5.97 -7.19 -9.56
CA ASP A 66 -6.32 -6.35 -10.69
C ASP A 66 -7.46 -5.42 -10.32
N PHE A 67 -7.13 -4.21 -9.91
CA PHE A 67 -8.17 -3.27 -9.46
C PHE A 67 -7.85 -1.84 -9.91
N THR A 68 -8.89 -1.04 -10.13
CA THR A 68 -8.71 0.34 -10.55
C THR A 68 -8.32 1.24 -9.38
N LEU A 69 -7.20 1.94 -9.52
CA LEU A 69 -6.71 2.85 -8.50
C LEU A 69 -7.57 4.11 -8.40
N GLY A 70 -7.35 4.89 -7.36
CA GLY A 70 -8.02 6.15 -7.22
C GLY A 70 -9.41 5.97 -6.67
N THR A 71 -9.55 4.97 -5.83
CA THR A 71 -10.87 4.60 -5.32
C THR A 71 -11.16 5.23 -3.95
N GLY A 72 -10.11 5.73 -3.29
CA GLY A 72 -10.24 6.34 -1.96
C GLY A 72 -10.89 5.43 -0.92
N ARG A 73 -11.09 4.17 -1.24
CA ARG A 73 -11.91 3.28 -0.42
C ARG A 73 -11.12 2.65 0.72
N VAL A 74 -9.91 2.22 0.41
CA VAL A 74 -9.13 1.43 1.35
C VAL A 74 -8.46 2.31 2.40
N ILE A 75 -7.56 1.74 3.20
CA ILE A 75 -6.91 2.50 4.27
C ILE A 75 -6.04 3.62 3.70
N LYS A 76 -5.54 4.48 4.58
CA LYS A 76 -4.97 5.77 4.19
C LYS A 76 -3.95 5.73 3.04
N GLY A 77 -3.21 4.65 2.84
CA GLY A 77 -2.15 4.74 1.85
C GLY A 77 -2.08 3.60 0.85
N TRP A 78 -3.06 2.72 0.78
CA TRP A 78 -3.04 1.68 -0.24
C TRP A 78 -3.11 2.29 -1.64
N ASP A 79 -4.08 3.18 -1.88
CA ASP A 79 -4.13 3.87 -3.17
C ASP A 79 -2.89 4.73 -3.37
N MET A 80 -2.38 5.29 -2.26
CA MET A 80 -1.20 6.16 -2.34
C MET A 80 0.04 5.35 -2.68
N GLY A 81 0.04 4.10 -2.26
CA GLY A 81 1.18 3.23 -2.51
C GLY A 81 1.26 2.83 -3.96
N ILE A 82 0.11 2.48 -4.52
CA ILE A 82 -0.01 2.14 -5.93
C ILE A 82 0.32 3.34 -6.77
N ALA A 83 -0.29 4.47 -6.42
CA ALA A 83 -0.14 5.69 -7.19
C ALA A 83 1.31 6.11 -7.24
N GLY A 84 1.94 5.84 -8.36
CA GLY A 84 3.36 6.13 -8.50
C GLY A 84 4.18 4.90 -8.81
N MET A 85 3.67 3.74 -8.43
CA MET A 85 4.33 2.49 -8.71
C MET A 85 4.49 2.30 -10.19
N LYS A 86 5.60 1.72 -10.61
CA LYS A 86 5.82 1.47 -12.01
C LYS A 86 5.72 0.01 -12.30
N VAL A 87 5.23 -0.30 -13.48
CA VAL A 87 4.94 -1.64 -13.79
C VAL A 87 6.23 -2.43 -13.91
N GLY A 88 6.25 -3.54 -13.27
CA GLY A 88 7.40 -4.41 -13.32
C GLY A 88 8.47 -3.99 -12.34
N GLY A 89 8.05 -3.27 -11.31
CA GLY A 89 8.98 -2.77 -10.31
C GLY A 89 8.63 -3.24 -8.93
N ARG A 90 9.45 -2.90 -7.96
CA ARG A 90 9.27 -3.34 -6.59
C ARG A 90 9.27 -2.13 -5.65
N ARG A 91 8.69 -2.29 -4.48
CA ARG A 91 8.71 -1.23 -3.48
C ARG A 91 8.60 -1.79 -2.08
N LYS A 92 9.35 -1.21 -1.17
CA LYS A 92 9.26 -1.57 0.23
C LYS A 92 8.30 -0.66 0.95
N LEU A 93 7.27 -1.25 1.54
CA LEU A 93 6.27 -0.48 2.25
C LEU A 93 6.35 -0.72 3.75
N VAL A 94 6.51 0.35 4.51
CA VAL A 94 6.47 0.25 5.97
C VAL A 94 5.11 0.74 6.48
N ILE A 95 4.57 0.00 7.44
CA ILE A 95 3.20 0.19 7.90
C ILE A 95 3.09 1.15 9.10
N PRO A 96 2.37 2.31 8.94
CA PRO A 96 2.10 3.27 10.04
C PRO A 96 0.79 3.06 10.76
N PRO A 97 0.65 3.59 11.98
CA PRO A 97 -0.56 3.43 12.77
C PRO A 97 -1.80 3.90 12.10
N HIS A 98 -1.80 5.15 11.70
CA HIS A 98 -3.02 5.81 11.24
C HIS A 98 -3.32 5.39 9.83
N LEU A 99 -2.54 4.46 9.33
CA LEU A 99 -2.73 3.96 7.99
C LEU A 99 -2.93 2.47 8.01
N ALA A 100 -1.85 1.76 8.24
CA ALA A 100 -1.84 0.33 8.01
C ALA A 100 -1.78 -0.51 9.29
N TYR A 101 -1.39 0.06 10.43
CA TYR A 101 -1.52 -0.66 11.69
C TYR A 101 -2.97 -1.03 11.86
N GLY A 102 -3.73 0.03 12.11
CA GLY A 102 -5.12 -0.10 12.45
C GLY A 102 -5.92 1.13 12.11
N ASP A 103 -5.28 2.07 11.41
CA ASP A 103 -5.76 3.45 11.38
C ASP A 103 -5.89 3.92 12.83
N ARG A 104 -5.00 3.36 13.67
CA ARG A 104 -5.06 3.49 15.11
C ARG A 104 -3.66 3.46 15.74
N SER A 105 -3.32 2.32 16.37
CA SER A 105 -2.12 2.16 17.21
C SER A 105 -2.30 1.00 18.20
N PRO A 106 -1.62 -0.14 18.00
CA PRO A 106 -1.69 -1.30 18.90
C PRO A 106 -0.78 -1.14 20.13
N SER A 107 0.52 -0.95 19.85
CA SER A 107 1.62 -0.99 20.83
C SER A 107 2.92 -1.15 20.04
N PRO A 108 4.11 -1.01 20.65
CA PRO A 108 5.39 -1.33 20.00
C PRO A 108 5.40 -2.65 19.26
N ALA A 109 4.53 -3.58 19.67
CA ALA A 109 4.40 -4.86 19.02
C ALA A 109 4.09 -4.72 17.53
N ILE A 110 3.82 -3.50 17.10
CA ILE A 110 3.66 -3.21 15.69
C ILE A 110 4.52 -1.99 15.24
N LYS A 111 5.72 -2.30 14.69
CA LYS A 111 6.59 -1.38 13.91
C LYS A 111 7.83 -0.82 14.65
N PRO A 112 7.71 -0.21 15.84
CA PRO A 112 8.89 0.25 16.56
C PRO A 112 9.53 -0.87 17.38
N GLY A 113 8.72 -1.53 18.17
CA GLY A 113 9.19 -2.70 18.89
C GLY A 113 9.24 -3.90 17.98
N GLU A 114 8.34 -3.91 17.00
CA GLU A 114 8.32 -4.94 15.99
C GLU A 114 8.78 -4.35 14.66
N THR A 115 8.41 -4.96 13.54
CA THR A 115 8.75 -4.43 12.24
C THR A 115 7.77 -4.92 11.18
N LEU A 116 6.82 -4.06 10.81
CA LEU A 116 5.81 -4.41 9.82
C LEU A 116 6.20 -3.96 8.42
N ILE A 117 6.60 -4.88 7.56
CA ILE A 117 7.00 -4.51 6.20
C ILE A 117 6.13 -5.21 5.19
N PHE A 118 5.78 -4.53 4.12
CA PHE A 118 5.05 -5.17 3.05
C PHE A 118 5.72 -4.86 1.72
N VAL A 119 6.47 -5.83 1.23
CA VAL A 119 7.17 -5.68 -0.03
C VAL A 119 6.21 -5.89 -1.19
N VAL A 120 6.26 -4.98 -2.14
CA VAL A 120 5.28 -4.94 -3.20
C VAL A 120 5.93 -5.06 -4.56
N ASP A 121 5.22 -5.67 -5.50
CA ASP A 121 5.67 -5.77 -6.87
C ASP A 121 4.57 -5.34 -7.82
N LEU A 122 4.77 -4.24 -8.52
CA LEU A 122 3.84 -3.83 -9.57
C LEU A 122 4.15 -4.69 -10.79
N VAL A 123 3.16 -5.37 -11.33
CA VAL A 123 3.39 -6.26 -12.45
C VAL A 123 2.65 -5.80 -13.70
N GLY A 124 1.81 -4.77 -13.58
CA GLY A 124 1.16 -4.23 -14.75
C GLY A 124 0.17 -3.13 -14.42
N VAL A 125 -0.30 -2.48 -15.47
CA VAL A 125 -1.28 -1.43 -15.37
C VAL A 125 -2.35 -1.68 -16.44
N GLY A 126 -3.32 -0.81 -16.54
CA GLY A 126 -4.34 -0.92 -17.57
C GLY A 126 -5.08 0.37 -17.75
N GLY A 1 -12.76 7.37 -7.69
CA GLY A 1 -13.73 7.41 -6.58
C GLY A 1 -13.29 8.34 -5.47
N ALA A 2 -13.80 8.14 -4.28
CA ALA A 2 -13.43 8.96 -3.14
C ALA A 2 -13.58 8.19 -1.85
N MET A 3 -12.46 7.97 -1.15
CA MET A 3 -12.49 7.26 0.10
C MET A 3 -12.15 8.21 1.23
N ALA A 4 -13.17 8.74 1.89
CA ALA A 4 -12.99 9.81 2.87
C ALA A 4 -11.91 9.50 3.91
N LEU A 5 -10.79 10.20 3.78
CA LEU A 5 -9.71 10.14 4.77
C LEU A 5 -8.76 11.33 4.62
N GLU A 6 -7.84 11.22 3.67
CA GLU A 6 -6.76 12.17 3.53
C GLU A 6 -6.40 12.35 2.06
N ARG A 7 -6.07 11.26 1.39
CA ARG A 7 -5.72 11.32 -0.04
C ARG A 7 -6.89 11.77 -0.94
N PRO A 8 -8.12 11.27 -0.69
CA PRO A 8 -9.33 11.64 -1.45
C PRO A 8 -9.37 13.09 -1.87
N GLU A 9 -9.81 13.30 -3.09
CA GLU A 9 -9.75 14.58 -3.71
C GLU A 9 -11.09 15.29 -3.59
N ILE A 10 -11.36 15.72 -2.35
CA ILE A 10 -12.58 16.43 -1.97
C ILE A 10 -12.46 16.96 -0.56
N ASP A 11 -13.55 17.57 -0.07
CA ASP A 11 -13.66 18.15 1.27
C ASP A 11 -12.61 19.24 1.51
N PHE A 12 -11.38 18.81 1.55
CA PHE A 12 -10.24 19.68 1.67
C PHE A 12 -9.96 20.30 0.31
N PRO A 13 -9.01 21.24 0.22
CA PRO A 13 -8.46 21.71 -1.06
C PRO A 13 -7.75 20.60 -1.85
N GLU A 14 -8.13 19.35 -1.57
CA GLU A 14 -7.62 18.15 -2.24
C GLU A 14 -6.12 17.94 -1.98
N GLY A 15 -5.72 16.67 -2.00
CA GLY A 15 -4.31 16.33 -1.88
C GLY A 15 -3.75 16.62 -0.50
N GLN A 16 -4.30 15.98 0.52
CA GLN A 16 -3.77 16.06 1.88
C GLN A 16 -3.78 14.67 2.53
N PRO A 17 -3.01 13.72 1.98
CA PRO A 17 -3.10 12.33 2.35
C PRO A 17 -2.26 11.94 3.57
N PRO A 18 -2.29 10.65 4.00
CA PRO A 18 -1.65 10.22 5.24
C PRO A 18 -0.13 10.39 5.23
N GLU A 19 0.49 9.85 6.25
CA GLU A 19 1.93 9.95 6.41
C GLU A 19 2.40 8.69 7.08
N TYR A 20 1.58 7.67 6.94
CA TYR A 20 1.78 6.44 7.62
C TYR A 20 2.33 5.41 6.70
N LEU A 21 1.67 5.31 5.60
CA LEU A 21 2.03 4.39 4.54
C LEU A 21 3.45 4.76 4.09
N ASP A 22 4.42 3.89 4.35
CA ASP A 22 5.80 4.26 4.11
C ASP A 22 6.29 3.68 2.79
N ILE A 23 6.61 4.54 1.85
CA ILE A 23 6.97 4.11 0.51
C ILE A 23 8.45 4.32 0.21
N THR A 24 9.14 3.23 -0.09
CA THR A 24 10.53 3.28 -0.52
C THR A 24 10.69 2.56 -1.86
N ASP A 25 10.87 3.32 -2.93
CA ASP A 25 10.90 2.78 -4.29
C ASP A 25 12.10 1.86 -4.50
N ILE A 26 11.84 0.69 -5.07
CA ILE A 26 12.88 -0.28 -5.35
C ILE A 26 12.74 -0.82 -6.78
N THR A 27 13.07 0.02 -7.75
CA THR A 27 13.07 -0.36 -9.17
C THR A 27 11.69 -0.17 -9.82
N GLU A 28 11.73 0.01 -11.14
CA GLU A 28 10.58 0.33 -12.00
C GLU A 28 10.88 -0.28 -13.33
N GLY A 29 9.93 -1.04 -13.84
CA GLY A 29 10.28 -2.00 -14.85
C GLY A 29 9.61 -1.82 -16.18
N ASP A 30 8.57 -2.60 -16.40
CA ASP A 30 8.13 -2.95 -17.75
C ASP A 30 7.74 -1.76 -18.61
N GLY A 31 7.19 -0.69 -18.03
CA GLY A 31 6.78 0.41 -18.91
C GLY A 31 6.17 1.63 -18.22
N PRO A 32 4.87 1.59 -17.87
CA PRO A 32 4.06 2.77 -17.63
C PRO A 32 4.18 3.33 -16.21
N GLU A 33 3.26 2.92 -15.33
CA GLU A 33 3.07 3.52 -14.00
C GLU A 33 1.63 3.29 -13.57
N ALA A 34 1.38 2.73 -12.39
CA ALA A 34 0.03 2.67 -11.89
C ALA A 34 -0.39 4.01 -11.32
N VAL A 35 -1.55 4.49 -11.71
CA VAL A 35 -2.04 5.78 -11.26
C VAL A 35 -3.57 5.82 -11.35
N LYS A 36 -4.17 6.91 -10.89
CA LYS A 36 -5.63 7.07 -10.91
C LYS A 36 -6.23 6.79 -12.28
N GLY A 37 -7.29 6.00 -12.30
CA GLY A 37 -7.98 5.65 -13.52
C GLY A 37 -7.31 4.52 -14.26
N SER A 38 -6.03 4.33 -14.00
CA SER A 38 -5.31 3.22 -14.57
C SER A 38 -5.61 1.97 -13.80
N ASN A 39 -5.73 0.87 -14.52
CA ASN A 39 -5.96 -0.40 -13.91
C ASN A 39 -4.68 -0.84 -13.22
N VAL A 40 -4.82 -1.45 -12.07
CA VAL A 40 -3.68 -1.79 -11.25
C VAL A 40 -3.51 -3.28 -11.20
N SER A 41 -2.28 -3.71 -11.27
CA SER A 41 -1.94 -5.11 -11.13
C SER A 41 -0.72 -5.24 -10.24
N MET A 42 -0.88 -5.80 -9.05
CA MET A 42 0.23 -5.79 -8.10
C MET A 42 0.21 -6.96 -7.12
N HIS A 43 1.35 -7.15 -6.47
CA HIS A 43 1.46 -8.13 -5.37
C HIS A 43 2.53 -7.71 -4.37
N TYR A 44 2.18 -7.76 -3.09
CA TYR A 44 3.09 -7.44 -2.00
C TYR A 44 3.27 -8.69 -1.19
N VAL A 45 4.12 -8.62 -0.18
CA VAL A 45 4.33 -9.72 0.75
C VAL A 45 4.81 -9.16 2.08
N GLY A 46 4.08 -9.46 3.14
CA GLY A 46 4.37 -8.88 4.43
C GLY A 46 5.34 -9.71 5.24
N VAL A 47 6.13 -9.02 6.06
CA VAL A 47 7.08 -9.67 6.92
C VAL A 47 6.89 -9.28 8.37
N SER A 48 7.37 -10.17 9.22
CA SER A 48 7.43 -9.98 10.66
C SER A 48 6.09 -9.65 11.27
N TRP A 49 6.16 -9.11 12.48
CA TRP A 49 5.03 -8.71 13.29
C TRP A 49 4.15 -9.89 13.70
N SER A 50 3.69 -10.68 12.74
CA SER A 50 2.86 -11.84 13.05
C SER A 50 3.73 -13.03 13.44
N THR A 51 4.87 -13.20 12.77
CA THR A 51 5.69 -14.38 13.02
C THR A 51 7.18 -14.06 12.99
N GLY A 52 7.61 -13.30 12.00
CA GLY A 52 9.02 -13.02 11.85
C GLY A 52 9.43 -13.12 10.41
N GLU A 53 9.54 -11.95 9.78
CA GLU A 53 9.95 -11.86 8.38
C GLU A 53 8.90 -12.43 7.43
N GLU A 54 9.23 -12.30 6.15
CA GLU A 54 8.38 -12.74 5.03
C GLU A 54 7.53 -13.96 5.37
N PHE A 55 6.22 -13.74 5.43
CA PHE A 55 5.28 -14.83 5.68
C PHE A 55 4.16 -14.81 4.64
N ASP A 56 3.54 -13.64 4.44
CA ASP A 56 2.37 -13.50 3.57
C ASP A 56 1.90 -12.05 3.56
N ALA A 57 1.40 -11.59 2.42
CA ALA A 57 0.86 -10.25 2.32
C ALA A 57 -0.65 -10.25 2.40
N SER A 58 -1.19 -9.08 2.65
CA SER A 58 -2.63 -8.86 2.50
C SER A 58 -2.95 -8.89 1.02
N TRP A 59 -2.01 -8.32 0.27
CA TRP A 59 -2.06 -8.30 -1.16
C TRP A 59 -1.86 -9.69 -1.74
N ASN A 60 -1.25 -10.57 -0.95
CA ASN A 60 -1.10 -11.97 -1.36
C ASN A 60 -2.46 -12.68 -1.30
N ARG A 61 -3.29 -12.43 -2.28
CA ARG A 61 -4.66 -12.96 -2.28
C ARG A 61 -4.84 -14.07 -3.32
N GLY A 62 -3.74 -14.51 -3.92
CA GLY A 62 -3.81 -15.62 -4.86
C GLY A 62 -3.45 -15.22 -6.27
N SER A 63 -4.22 -14.30 -6.82
CA SER A 63 -3.99 -13.82 -8.18
C SER A 63 -3.91 -12.29 -8.18
N THR A 64 -2.87 -11.76 -8.84
CA THR A 64 -2.53 -10.33 -8.83
C THR A 64 -3.75 -9.42 -8.72
N LEU A 65 -3.68 -8.47 -7.79
CA LEU A 65 -4.76 -7.51 -7.60
C LEU A 65 -4.94 -6.73 -8.88
N ASP A 66 -6.12 -6.85 -9.48
CA ASP A 66 -6.42 -6.15 -10.71
C ASP A 66 -7.57 -5.20 -10.47
N PHE A 67 -7.23 -3.94 -10.20
CA PHE A 67 -8.28 -2.96 -9.93
C PHE A 67 -7.86 -1.55 -10.30
N THR A 68 -8.82 -0.72 -10.70
CA THR A 68 -8.53 0.65 -11.08
C THR A 68 -8.31 1.55 -9.86
N LEU A 69 -7.15 2.18 -9.81
CA LEU A 69 -6.85 3.18 -8.79
C LEU A 69 -7.77 4.38 -8.97
N GLY A 70 -8.14 5.07 -7.90
CA GLY A 70 -8.99 6.23 -8.08
C GLY A 70 -9.13 7.13 -6.86
N THR A 71 -8.10 7.17 -6.03
CA THR A 71 -8.01 8.15 -4.93
C THR A 71 -8.97 7.84 -3.78
N GLY A 72 -9.82 6.83 -3.94
CA GLY A 72 -10.71 6.47 -2.91
C GLY A 72 -11.35 5.12 -3.12
N ARG A 73 -10.60 4.06 -2.94
CA ARG A 73 -11.16 2.72 -3.06
C ARG A 73 -10.89 1.89 -1.80
N VAL A 74 -9.67 1.97 -1.30
CA VAL A 74 -9.26 1.14 -0.17
C VAL A 74 -8.83 1.99 1.03
N ILE A 75 -8.05 1.40 1.94
CA ILE A 75 -7.63 2.09 3.17
C ILE A 75 -6.69 3.27 2.89
N LYS A 76 -6.47 4.09 3.94
CA LYS A 76 -5.86 5.43 3.84
C LYS A 76 -4.69 5.58 2.88
N GLY A 77 -3.88 4.56 2.68
CA GLY A 77 -2.69 4.78 1.90
C GLY A 77 -2.46 3.82 0.75
N TRP A 78 -3.32 2.83 0.55
CA TRP A 78 -3.15 1.92 -0.60
C TRP A 78 -3.25 2.70 -1.91
N ASP A 79 -4.28 3.54 -2.06
CA ASP A 79 -4.42 4.35 -3.26
C ASP A 79 -3.20 5.25 -3.43
N MET A 80 -2.69 5.75 -2.31
CA MET A 80 -1.54 6.64 -2.33
C MET A 80 -0.29 5.89 -2.74
N GLY A 81 -0.26 4.61 -2.42
CA GLY A 81 0.89 3.80 -2.71
C GLY A 81 0.99 3.42 -4.17
N ILE A 82 -0.11 2.98 -4.73
CA ILE A 82 -0.15 2.53 -6.12
C ILE A 82 0.12 3.69 -7.04
N ALA A 83 -0.49 4.82 -6.74
CA ALA A 83 -0.36 5.99 -7.57
C ALA A 83 1.08 6.50 -7.54
N GLY A 84 1.81 6.12 -8.57
CA GLY A 84 3.23 6.42 -8.61
C GLY A 84 4.06 5.21 -8.95
N MET A 85 3.61 4.05 -8.46
CA MET A 85 4.27 2.79 -8.74
C MET A 85 4.43 2.56 -10.23
N LYS A 86 5.51 1.91 -10.62
CA LYS A 86 5.74 1.60 -12.03
C LYS A 86 5.82 0.12 -12.20
N VAL A 87 5.03 -0.36 -13.17
CA VAL A 87 4.88 -1.76 -13.43
C VAL A 87 6.24 -2.41 -13.53
N GLY A 88 6.35 -3.52 -12.88
CA GLY A 88 7.55 -4.32 -12.92
C GLY A 88 8.59 -3.81 -11.96
N GLY A 89 8.13 -3.12 -10.93
CA GLY A 89 9.03 -2.54 -9.97
C GLY A 89 8.70 -2.94 -8.56
N ARG A 90 9.70 -2.96 -7.71
CA ARG A 90 9.56 -3.37 -6.32
C ARG A 90 9.52 -2.16 -5.42
N ARG A 91 8.97 -2.33 -4.23
CA ARG A 91 9.01 -1.28 -3.24
C ARG A 91 8.99 -1.86 -1.84
N LYS A 92 9.76 -1.27 -0.96
CA LYS A 92 9.70 -1.63 0.44
C LYS A 92 8.66 -0.76 1.12
N LEU A 93 7.62 -1.40 1.61
CA LEU A 93 6.52 -0.69 2.23
C LEU A 93 6.42 -1.02 3.71
N VAL A 94 6.35 0.01 4.54
CA VAL A 94 6.13 -0.20 5.97
C VAL A 94 4.66 0.04 6.29
N ILE A 95 4.09 -0.87 7.07
CA ILE A 95 2.67 -0.83 7.39
C ILE A 95 2.41 -0.07 8.69
N PRO A 96 1.60 1.00 8.61
CA PRO A 96 1.17 1.75 9.79
C PRO A 96 -0.04 1.11 10.47
N PRO A 97 -0.18 1.34 11.77
CA PRO A 97 -1.32 0.88 12.53
C PRO A 97 -2.61 1.56 12.08
N HIS A 98 -2.54 2.87 11.85
CA HIS A 98 -3.73 3.67 11.63
C HIS A 98 -4.09 3.72 10.16
N LEU A 99 -3.69 2.68 9.45
CA LEU A 99 -3.93 2.58 8.02
C LEU A 99 -3.90 1.13 7.57
N ALA A 100 -2.72 0.63 7.32
CA ALA A 100 -2.55 -0.64 6.62
C ALA A 100 -2.79 -1.82 7.54
N TYR A 101 -2.44 -1.67 8.81
CA TYR A 101 -2.60 -2.73 9.75
C TYR A 101 -4.05 -2.85 10.22
N GLY A 102 -4.55 -1.81 10.87
CA GLY A 102 -5.84 -1.95 11.54
C GLY A 102 -6.61 -0.67 11.71
N ASP A 103 -6.16 0.40 11.03
CA ASP A 103 -6.65 1.78 11.27
C ASP A 103 -6.72 2.04 12.76
N ARG A 104 -5.83 1.37 13.48
CA ARG A 104 -5.81 1.33 14.93
C ARG A 104 -4.39 1.09 15.44
N SER A 105 -4.08 -0.16 15.82
CA SER A 105 -2.82 -0.52 16.49
C SER A 105 -2.98 -1.79 17.32
N PRO A 106 -1.98 -2.70 17.26
CA PRO A 106 -1.93 -3.90 18.09
C PRO A 106 -1.13 -3.71 19.39
N SER A 107 -0.02 -3.01 19.28
CA SER A 107 0.95 -2.87 20.35
C SER A 107 1.84 -1.66 20.08
N PRO A 108 2.78 -1.32 20.98
CA PRO A 108 3.80 -0.30 20.70
C PRO A 108 4.75 -0.80 19.62
N ALA A 109 4.87 -2.11 19.58
CA ALA A 109 5.89 -2.77 18.79
C ALA A 109 5.71 -2.54 17.31
N ILE A 110 4.48 -2.35 16.86
CA ILE A 110 4.20 -2.27 15.44
C ILE A 110 5.06 -1.19 14.75
N LYS A 111 6.13 -1.68 14.08
CA LYS A 111 7.17 -0.88 13.38
C LYS A 111 8.50 -0.84 14.18
N PRO A 112 8.53 -0.33 15.43
CA PRO A 112 9.74 -0.35 16.26
C PRO A 112 10.02 -1.69 16.96
N GLY A 113 9.19 -2.04 17.95
CA GLY A 113 9.35 -3.31 18.64
C GLY A 113 9.31 -4.48 17.66
N GLU A 114 8.43 -4.34 16.69
CA GLU A 114 8.32 -5.25 15.58
C GLU A 114 8.97 -4.65 14.36
N THR A 115 8.65 -5.19 13.19
CA THR A 115 9.00 -4.54 11.95
C THR A 115 8.07 -5.01 10.82
N LEU A 116 7.00 -4.26 10.60
CA LEU A 116 6.00 -4.66 9.61
C LEU A 116 6.41 -4.24 8.21
N ILE A 117 6.89 -5.18 7.40
CA ILE A 117 7.41 -4.82 6.08
C ILE A 117 6.69 -5.56 4.98
N PHE A 118 6.09 -4.82 4.07
CA PHE A 118 5.40 -5.44 2.97
C PHE A 118 6.10 -5.08 1.67
N VAL A 119 6.89 -6.03 1.17
CA VAL A 119 7.64 -5.83 -0.06
C VAL A 119 6.73 -6.01 -1.26
N VAL A 120 6.69 -4.98 -2.08
CA VAL A 120 5.71 -4.90 -3.14
C VAL A 120 6.35 -5.03 -4.50
N ASP A 121 5.56 -5.48 -5.45
CA ASP A 121 5.95 -5.48 -6.84
C ASP A 121 4.77 -5.06 -7.68
N LEU A 122 4.86 -3.90 -8.32
CA LEU A 122 3.88 -3.53 -9.31
C LEU A 122 4.11 -4.45 -10.46
N VAL A 123 3.07 -5.10 -10.93
CA VAL A 123 3.26 -6.17 -11.88
C VAL A 123 2.45 -5.93 -13.16
N GLY A 124 1.74 -4.80 -13.22
CA GLY A 124 1.08 -4.41 -14.43
C GLY A 124 0.14 -3.23 -14.25
N VAL A 125 -0.32 -2.70 -15.35
CA VAL A 125 -1.27 -1.61 -15.38
C VAL A 125 -2.33 -1.94 -16.44
N GLY A 126 -3.26 -1.03 -16.66
CA GLY A 126 -4.25 -1.24 -17.70
C GLY A 126 -4.99 0.05 -18.04
N GLY A 1 -13.84 8.32 7.38
CA GLY A 1 -14.19 6.88 7.21
C GLY A 1 -13.05 6.09 6.63
N ALA A 2 -13.33 4.85 6.24
CA ALA A 2 -12.31 4.00 5.66
C ALA A 2 -12.06 4.37 4.19
N MET A 3 -13.13 4.72 3.49
CA MET A 3 -13.04 5.11 2.10
C MET A 3 -12.78 6.61 2.00
N ALA A 4 -13.61 7.35 2.71
CA ALA A 4 -13.56 8.80 2.70
C ALA A 4 -12.59 9.32 3.75
N LEU A 5 -11.48 9.87 3.29
CA LEU A 5 -10.45 10.41 4.16
C LEU A 5 -9.53 11.33 3.35
N GLU A 6 -8.26 11.30 3.69
CA GLU A 6 -7.25 12.17 3.09
C GLU A 6 -7.06 11.96 1.57
N ARG A 7 -6.97 10.72 1.11
CA ARG A 7 -6.63 10.47 -0.30
C ARG A 7 -7.74 10.76 -1.32
N PRO A 8 -8.96 10.24 -1.11
CA PRO A 8 -10.10 10.39 -2.03
C PRO A 8 -10.25 11.81 -2.56
N GLU A 9 -10.49 11.89 -3.86
CA GLU A 9 -10.44 13.16 -4.55
C GLU A 9 -11.80 13.80 -4.68
N ILE A 10 -12.34 14.22 -3.55
CA ILE A 10 -13.67 14.83 -3.49
C ILE A 10 -13.75 15.87 -2.39
N ASP A 11 -13.76 15.39 -1.17
CA ASP A 11 -13.87 16.20 0.04
C ASP A 11 -12.96 17.41 0.01
N PHE A 12 -11.67 17.13 0.03
CA PHE A 12 -10.65 18.15 0.01
C PHE A 12 -10.45 18.65 -1.42
N PRO A 13 -9.62 19.69 -1.62
CA PRO A 13 -9.15 20.11 -2.96
C PRO A 13 -8.39 19.00 -3.71
N GLU A 14 -8.59 17.76 -3.27
CA GLU A 14 -8.06 16.56 -3.89
C GLU A 14 -6.55 16.44 -3.70
N GLY A 15 -6.11 15.22 -3.46
CA GLY A 15 -4.68 14.96 -3.31
C GLY A 15 -4.09 15.56 -2.05
N GLN A 16 -4.67 15.20 -0.91
CA GLN A 16 -4.13 15.61 0.38
C GLN A 16 -4.19 14.43 1.35
N PRO A 17 -3.58 13.29 0.97
CA PRO A 17 -3.72 12.03 1.67
C PRO A 17 -2.67 11.85 2.79
N PRO A 18 -2.70 10.72 3.53
CA PRO A 18 -1.86 10.55 4.72
C PRO A 18 -0.37 10.48 4.42
N GLU A 19 0.37 10.04 5.43
CA GLU A 19 1.81 9.93 5.36
C GLU A 19 2.18 8.71 6.18
N TYR A 20 1.28 7.76 6.13
CA TYR A 20 1.37 6.58 6.94
C TYR A 20 1.95 5.45 6.17
N LEU A 21 1.42 5.34 5.00
CA LEU A 21 1.88 4.38 4.02
C LEU A 21 3.32 4.72 3.66
N ASP A 22 4.26 3.87 4.03
CA ASP A 22 5.66 4.19 3.84
C ASP A 22 6.15 3.66 2.49
N ILE A 23 6.51 4.57 1.61
CA ILE A 23 6.84 4.22 0.23
C ILE A 23 8.34 4.31 -0.06
N THR A 24 8.97 3.15 -0.25
CA THR A 24 10.35 3.09 -0.70
C THR A 24 10.42 2.64 -2.17
N ASP A 25 10.95 3.51 -3.03
CA ASP A 25 10.90 3.27 -4.47
C ASP A 25 12.06 2.42 -4.98
N ILE A 26 11.70 1.24 -5.48
CA ILE A 26 12.63 0.36 -6.20
C ILE A 26 12.01 0.07 -7.57
N THR A 27 11.72 1.14 -8.27
CA THR A 27 10.70 1.12 -9.31
C THR A 27 11.24 0.81 -10.72
N GLU A 28 10.40 0.11 -11.49
CA GLU A 28 10.70 -0.26 -12.87
C GLU A 28 9.95 0.59 -13.83
N GLY A 29 8.79 0.16 -14.21
CA GLY A 29 8.20 0.71 -15.36
C GLY A 29 8.88 0.15 -16.57
N ASP A 30 8.68 -1.15 -16.75
CA ASP A 30 8.99 -1.83 -17.98
C ASP A 30 8.22 -1.14 -19.08
N GLY A 31 7.29 -0.32 -18.64
CA GLY A 31 6.48 0.45 -19.57
C GLY A 31 5.79 1.65 -18.95
N PRO A 32 4.56 1.47 -18.47
CA PRO A 32 3.67 2.54 -18.05
C PRO A 32 3.73 2.75 -16.53
N GLU A 33 2.66 3.32 -15.99
CA GLU A 33 2.61 3.69 -14.59
C GLU A 33 1.26 3.39 -13.99
N ALA A 34 1.25 3.05 -12.71
CA ALA A 34 0.01 2.80 -12.01
C ALA A 34 -0.37 4.01 -11.18
N VAL A 35 -1.47 4.65 -11.57
CA VAL A 35 -1.93 5.83 -10.88
C VAL A 35 -3.47 5.93 -10.97
N LYS A 36 -4.04 7.00 -10.43
CA LYS A 36 -5.49 7.22 -10.45
C LYS A 36 -6.14 6.91 -11.80
N GLY A 37 -7.13 6.02 -11.77
CA GLY A 37 -7.86 5.67 -12.98
C GLY A 37 -7.20 4.56 -13.77
N SER A 38 -5.91 4.41 -13.58
CA SER A 38 -5.18 3.33 -14.22
C SER A 38 -5.43 2.05 -13.46
N ASN A 39 -5.56 0.98 -14.21
CA ASN A 39 -5.78 -0.31 -13.62
C ASN A 39 -4.52 -0.79 -12.96
N VAL A 40 -4.66 -1.38 -11.80
CA VAL A 40 -3.50 -1.79 -11.03
C VAL A 40 -3.43 -3.29 -10.94
N SER A 41 -2.23 -3.81 -11.09
CA SER A 41 -1.98 -5.23 -10.96
C SER A 41 -0.69 -5.46 -10.20
N MET A 42 -0.76 -6.12 -9.06
CA MET A 42 0.44 -6.20 -8.20
C MET A 42 0.38 -7.34 -7.18
N HIS A 43 1.52 -7.59 -6.54
CA HIS A 43 1.64 -8.54 -5.44
C HIS A 43 2.42 -7.89 -4.30
N TYR A 44 1.98 -8.07 -3.07
CA TYR A 44 2.79 -7.72 -1.91
C TYR A 44 2.95 -8.95 -1.06
N VAL A 45 3.83 -8.87 -0.08
CA VAL A 45 4.00 -9.91 0.93
C VAL A 45 4.61 -9.29 2.18
N GLY A 46 3.98 -9.52 3.32
CA GLY A 46 4.41 -8.90 4.55
C GLY A 46 5.41 -9.73 5.31
N VAL A 47 6.23 -9.07 6.10
CA VAL A 47 7.20 -9.73 6.95
C VAL A 47 6.95 -9.40 8.39
N SER A 48 7.44 -10.31 9.23
CA SER A 48 7.48 -10.18 10.66
C SER A 48 6.14 -9.78 11.25
N TRP A 49 6.19 -9.34 12.50
CA TRP A 49 5.06 -8.84 13.24
C TRP A 49 4.04 -9.94 13.56
N SER A 50 3.61 -10.66 12.54
CA SER A 50 2.70 -11.77 12.71
C SER A 50 3.47 -13.01 13.15
N THR A 51 4.74 -13.10 12.75
CA THR A 51 5.52 -14.27 13.09
C THR A 51 7.02 -13.98 13.10
N GLY A 52 7.54 -13.43 12.02
CA GLY A 52 8.96 -13.23 11.89
C GLY A 52 9.39 -13.35 10.46
N GLU A 53 9.55 -12.20 9.83
CA GLU A 53 9.99 -12.11 8.44
C GLU A 53 8.92 -12.61 7.48
N GLU A 54 9.21 -12.43 6.20
CA GLU A 54 8.32 -12.78 5.09
C GLU A 54 7.41 -13.97 5.41
N PHE A 55 6.12 -13.71 5.51
CA PHE A 55 5.15 -14.76 5.78
C PHE A 55 4.01 -14.75 4.77
N ASP A 56 3.41 -13.57 4.54
CA ASP A 56 2.24 -13.45 3.68
C ASP A 56 1.77 -12.00 3.65
N ALA A 57 1.05 -11.62 2.60
CA ALA A 57 0.49 -10.28 2.50
C ALA A 57 -1.02 -10.31 2.54
N SER A 58 -1.60 -9.14 2.63
CA SER A 58 -3.02 -8.98 2.41
C SER A 58 -3.29 -9.13 0.94
N TRP A 59 -2.38 -8.53 0.18
CA TRP A 59 -2.40 -8.55 -1.26
C TRP A 59 -2.09 -9.95 -1.80
N ASN A 60 -1.34 -10.73 -1.02
CA ASN A 60 -0.89 -12.03 -1.48
C ASN A 60 -2.03 -13.04 -1.44
N ARG A 61 -2.84 -13.03 -2.49
CA ARG A 61 -3.95 -13.96 -2.60
C ARG A 61 -3.49 -15.26 -3.24
N GLY A 62 -2.18 -15.38 -3.43
CA GLY A 62 -1.65 -16.48 -4.21
C GLY A 62 -1.67 -16.14 -5.68
N SER A 63 -1.85 -14.85 -5.95
CA SER A 63 -1.96 -14.34 -7.30
C SER A 63 -1.95 -12.81 -7.24
N THR A 64 -1.90 -12.19 -8.39
CA THR A 64 -1.94 -10.73 -8.48
C THR A 64 -3.37 -10.24 -8.33
N LEU A 65 -3.53 -9.04 -7.75
CA LEU A 65 -4.84 -8.44 -7.71
C LEU A 65 -4.94 -7.37 -8.80
N ASP A 66 -6.17 -7.07 -9.20
CA ASP A 66 -6.43 -6.20 -10.32
C ASP A 66 -7.53 -5.20 -9.97
N PHE A 67 -7.15 -3.94 -9.75
CA PHE A 67 -8.15 -2.92 -9.43
C PHE A 67 -7.69 -1.52 -9.86
N THR A 68 -8.66 -0.65 -10.14
CA THR A 68 -8.37 0.71 -10.59
C THR A 68 -8.04 1.63 -9.42
N LEU A 69 -6.87 2.25 -9.47
CA LEU A 69 -6.48 3.24 -8.48
C LEU A 69 -7.39 4.46 -8.54
N GLY A 70 -7.41 5.23 -7.46
CA GLY A 70 -8.33 6.33 -7.35
C GLY A 70 -9.67 5.83 -6.88
N THR A 71 -9.61 4.74 -6.12
CA THR A 71 -10.79 4.01 -5.75
C THR A 71 -11.53 4.65 -4.57
N GLY A 72 -10.79 5.31 -3.66
CA GLY A 72 -11.40 5.77 -2.42
C GLY A 72 -12.29 4.71 -1.79
N ARG A 73 -11.71 3.56 -1.49
CA ARG A 73 -12.46 2.42 -1.01
C ARG A 73 -11.65 1.59 -0.01
N VAL A 74 -10.35 1.45 -0.31
CA VAL A 74 -9.44 0.67 0.55
C VAL A 74 -9.13 1.41 1.84
N ILE A 75 -8.13 0.94 2.59
CA ILE A 75 -7.71 1.63 3.82
C ILE A 75 -6.93 2.92 3.48
N LYS A 76 -6.67 3.71 4.50
CA LYS A 76 -6.22 5.12 4.38
C LYS A 76 -5.08 5.39 3.37
N GLY A 77 -4.27 4.41 3.02
CA GLY A 77 -3.13 4.72 2.20
C GLY A 77 -2.77 3.67 1.16
N TRP A 78 -3.57 2.61 1.02
CA TRP A 78 -3.33 1.64 -0.06
C TRP A 78 -3.38 2.34 -1.40
N ASP A 79 -4.40 3.18 -1.59
CA ASP A 79 -4.53 3.95 -2.82
C ASP A 79 -3.35 4.90 -2.96
N MET A 80 -2.95 5.49 -1.82
CA MET A 80 -1.81 6.40 -1.81
C MET A 80 -0.55 5.67 -2.21
N GLY A 81 -0.45 4.43 -1.77
CA GLY A 81 0.75 3.68 -1.95
C GLY A 81 0.97 3.24 -3.37
N ILE A 82 -0.11 2.91 -4.05
CA ILE A 82 -0.02 2.44 -5.41
C ILE A 82 0.35 3.59 -6.33
N ALA A 83 -0.26 4.74 -6.06
CA ALA A 83 -0.09 5.91 -6.91
C ALA A 83 1.38 6.28 -7.08
N GLY A 84 1.92 5.94 -8.23
CA GLY A 84 3.31 6.22 -8.50
C GLY A 84 4.03 4.99 -9.00
N MET A 85 3.65 3.83 -8.48
CA MET A 85 4.27 2.57 -8.85
C MET A 85 4.25 2.38 -10.37
N LYS A 86 5.38 1.93 -10.90
CA LYS A 86 5.47 1.66 -12.33
C LYS A 86 5.33 0.17 -12.56
N VAL A 87 5.41 -0.28 -13.81
CA VAL A 87 5.15 -1.66 -14.04
C VAL A 87 6.42 -2.45 -13.98
N GLY A 88 6.40 -3.42 -13.12
CA GLY A 88 7.57 -4.21 -12.83
C GLY A 88 8.27 -3.63 -11.63
N GLY A 89 7.61 -2.64 -11.04
CA GLY A 89 8.22 -1.84 -10.00
C GLY A 89 8.16 -2.50 -8.65
N ARG A 90 9.27 -2.49 -7.95
CA ARG A 90 9.34 -3.07 -6.62
C ARG A 90 9.29 -1.93 -5.60
N ARG A 91 8.70 -2.18 -4.46
CA ARG A 91 8.62 -1.18 -3.43
C ARG A 91 8.70 -1.82 -2.06
N LYS A 92 9.42 -1.19 -1.16
CA LYS A 92 9.42 -1.61 0.22
C LYS A 92 8.43 -0.78 1.00
N LEU A 93 7.41 -1.43 1.50
CA LEU A 93 6.34 -0.74 2.18
C LEU A 93 6.38 -1.01 3.68
N VAL A 94 6.42 0.07 4.46
CA VAL A 94 6.31 -0.05 5.90
C VAL A 94 4.91 0.31 6.34
N ILE A 95 4.35 -0.50 7.24
CA ILE A 95 2.95 -0.35 7.63
C ILE A 95 2.77 0.56 8.86
N PRO A 96 1.89 1.60 8.73
CA PRO A 96 1.51 2.54 9.81
C PRO A 96 0.32 2.06 10.64
N PRO A 97 0.14 2.60 11.87
CA PRO A 97 -1.04 2.28 12.68
C PRO A 97 -2.34 2.75 12.07
N HIS A 98 -2.50 4.07 11.95
CA HIS A 98 -3.74 4.66 11.47
C HIS A 98 -3.90 4.49 9.96
N LEU A 99 -3.58 3.31 9.47
CA LEU A 99 -3.87 2.96 8.10
C LEU A 99 -3.84 1.45 7.91
N ALA A 100 -2.70 0.86 8.17
CA ALA A 100 -2.49 -0.54 7.82
C ALA A 100 -2.41 -1.46 9.04
N TYR A 101 -2.00 -0.96 10.21
CA TYR A 101 -2.06 -1.79 11.42
C TYR A 101 -3.51 -2.19 11.65
N GLY A 102 -4.24 -1.18 12.09
CA GLY A 102 -5.61 -1.36 12.49
C GLY A 102 -6.42 -0.09 12.28
N ASP A 103 -5.81 0.85 11.57
CA ASP A 103 -6.24 2.24 11.60
C ASP A 103 -6.28 2.69 13.05
N ARG A 104 -5.39 2.09 13.84
CA ARG A 104 -5.42 2.20 15.29
C ARG A 104 -4.02 2.17 15.89
N SER A 105 -3.65 1.01 16.45
CA SER A 105 -2.50 0.83 17.35
C SER A 105 -2.66 -0.46 18.18
N PRO A 106 -1.95 -1.54 17.80
CA PRO A 106 -2.01 -2.83 18.49
C PRO A 106 -1.06 -2.90 19.70
N SER A 107 -0.02 -2.09 19.65
CA SER A 107 1.09 -2.15 20.59
C SER A 107 1.65 -0.74 20.77
N PRO A 108 2.72 -0.55 21.59
CA PRO A 108 3.42 0.74 21.66
C PRO A 108 3.72 1.30 20.27
N ALA A 109 4.19 0.39 19.43
CA ALA A 109 4.55 0.68 18.07
C ALA A 109 4.97 -0.62 17.42
N ILE A 110 4.04 -1.23 16.73
CA ILE A 110 4.32 -2.48 16.09
C ILE A 110 5.05 -2.25 14.74
N LYS A 111 6.39 -2.30 14.80
CA LYS A 111 7.25 -1.88 13.66
C LYS A 111 8.71 -1.72 14.15
N PRO A 112 8.95 -1.00 15.27
CA PRO A 112 10.21 -1.08 15.99
C PRO A 112 10.32 -2.35 16.83
N GLY A 113 9.39 -2.51 17.78
CA GLY A 113 9.31 -3.72 18.57
C GLY A 113 9.09 -4.92 17.69
N GLU A 114 8.28 -4.72 16.67
CA GLU A 114 8.05 -5.71 15.63
C GLU A 114 8.76 -5.27 14.37
N THR A 115 8.32 -5.76 13.23
CA THR A 115 8.73 -5.19 11.95
C THR A 115 7.71 -5.50 10.85
N LEU A 116 6.79 -4.59 10.60
CA LEU A 116 5.73 -4.81 9.61
C LEU A 116 6.17 -4.34 8.23
N ILE A 117 6.71 -5.26 7.42
CA ILE A 117 7.23 -4.85 6.13
C ILE A 117 6.56 -5.58 4.98
N PHE A 118 5.92 -4.84 4.11
CA PHE A 118 5.23 -5.45 2.99
C PHE A 118 5.95 -5.13 1.69
N VAL A 119 6.68 -6.12 1.21
CA VAL A 119 7.44 -5.98 -0.03
C VAL A 119 6.53 -6.20 -1.22
N VAL A 120 6.60 -5.28 -2.17
CA VAL A 120 5.60 -5.21 -3.23
C VAL A 120 6.22 -5.22 -4.61
N ASP A 121 5.49 -5.80 -5.56
CA ASP A 121 5.85 -5.75 -6.95
C ASP A 121 4.65 -5.36 -7.80
N LEU A 122 4.70 -4.19 -8.41
CA LEU A 122 3.70 -3.81 -9.40
C LEU A 122 4.02 -4.55 -10.67
N VAL A 123 3.11 -5.37 -11.16
CA VAL A 123 3.42 -6.22 -12.31
C VAL A 123 2.78 -5.72 -13.59
N GLY A 124 1.73 -4.92 -13.50
CA GLY A 124 1.08 -4.44 -14.69
C GLY A 124 0.06 -3.36 -14.41
N VAL A 125 -0.37 -2.73 -15.48
CA VAL A 125 -1.33 -1.66 -15.44
C VAL A 125 -2.41 -1.93 -16.48
N GLY A 126 -3.37 -1.04 -16.57
CA GLY A 126 -4.41 -1.14 -17.57
C GLY A 126 -5.07 0.20 -17.83
N GLY A 1 -15.04 -0.50 6.83
CA GLY A 1 -13.91 -0.50 5.88
C GLY A 1 -14.37 -0.30 4.45
N ALA A 2 -13.48 -0.61 3.50
CA ALA A 2 -13.74 -0.41 2.08
C ALA A 2 -13.97 1.07 1.77
N MET A 3 -12.86 1.77 1.50
CA MET A 3 -12.81 3.22 1.23
C MET A 3 -13.38 4.05 2.39
N ALA A 4 -12.52 4.85 2.99
CA ALA A 4 -12.89 5.69 4.12
C ALA A 4 -11.78 6.68 4.45
N LEU A 5 -12.16 7.84 4.99
CA LEU A 5 -11.21 8.79 5.58
C LEU A 5 -10.35 9.51 4.53
N GLU A 6 -9.47 8.76 3.87
CA GLU A 6 -8.49 9.32 2.97
C GLU A 6 -9.12 9.92 1.70
N ARG A 7 -8.27 10.09 0.69
CA ARG A 7 -8.67 10.56 -0.65
C ARG A 7 -9.99 9.98 -1.20
N PRO A 8 -10.33 8.71 -0.92
CA PRO A 8 -11.65 8.13 -1.17
C PRO A 8 -12.77 9.13 -0.97
N GLU A 9 -12.60 9.91 0.07
CA GLU A 9 -13.44 11.07 0.31
C GLU A 9 -14.88 10.69 0.58
N ILE A 10 -15.07 10.01 1.71
CA ILE A 10 -16.36 9.50 2.14
C ILE A 10 -16.26 8.94 3.55
N ASP A 11 -17.34 8.32 4.00
CA ASP A 11 -17.40 7.58 5.27
C ASP A 11 -17.25 8.49 6.48
N PHE A 12 -16.06 9.01 6.63
CA PHE A 12 -15.67 9.81 7.76
C PHE A 12 -15.04 11.08 7.23
N PRO A 13 -15.40 12.23 7.83
CA PRO A 13 -14.99 13.59 7.44
C PRO A 13 -13.78 13.62 6.53
N GLU A 14 -14.06 13.52 5.24
CA GLU A 14 -13.06 13.40 4.18
C GLU A 14 -11.98 14.48 4.27
N GLY A 15 -10.81 14.17 3.72
CA GLY A 15 -9.76 15.17 3.57
C GLY A 15 -8.94 15.39 4.83
N GLN A 16 -8.74 14.33 5.62
CA GLN A 16 -7.85 14.40 6.75
C GLN A 16 -7.02 13.11 6.86
N PRO A 17 -6.27 12.79 5.80
CA PRO A 17 -5.68 11.47 5.61
C PRO A 17 -4.43 11.20 6.47
N PRO A 18 -4.26 9.93 6.90
CA PRO A 18 -3.06 9.47 7.62
C PRO A 18 -1.81 9.51 6.76
N GLU A 19 -1.77 8.64 5.74
CA GLU A 19 -0.69 8.66 4.75
C GLU A 19 0.62 8.25 5.38
N TYR A 20 0.55 7.37 6.37
CA TYR A 20 1.76 6.90 7.04
C TYR A 20 2.42 5.82 6.24
N LEU A 21 1.73 5.46 5.22
CA LEU A 21 2.20 4.50 4.24
C LEU A 21 3.61 4.90 3.80
N ASP A 22 4.60 4.10 4.12
CA ASP A 22 5.97 4.47 3.83
C ASP A 22 6.49 3.74 2.61
N ILE A 23 6.78 4.49 1.56
CA ILE A 23 7.18 3.89 0.29
C ILE A 23 8.69 3.95 0.06
N THR A 24 9.24 2.85 -0.46
CA THR A 24 10.62 2.82 -0.91
C THR A 24 10.67 2.32 -2.35
N ASP A 25 11.16 3.15 -3.25
CA ASP A 25 11.15 2.83 -4.68
C ASP A 25 12.23 1.82 -5.02
N ILE A 26 11.84 0.74 -5.70
CA ILE A 26 12.75 -0.33 -6.05
C ILE A 26 12.57 -0.69 -7.52
N THR A 27 13.26 0.06 -8.38
CA THR A 27 13.31 -0.19 -9.82
C THR A 27 12.30 0.65 -10.57
N GLU A 28 11.07 0.19 -10.57
CA GLU A 28 9.98 0.88 -11.27
C GLU A 28 10.29 0.87 -12.75
N GLY A 29 10.22 -0.32 -13.32
CA GLY A 29 10.81 -0.54 -14.61
C GLY A 29 10.25 -1.71 -15.38
N ASP A 30 9.20 -1.46 -16.14
CA ASP A 30 8.81 -2.35 -17.23
C ASP A 30 8.07 -1.56 -18.28
N GLY A 31 7.03 -0.83 -17.88
CA GLY A 31 6.24 -0.17 -18.93
C GLY A 31 5.57 1.15 -18.56
N PRO A 32 4.26 1.12 -18.31
CA PRO A 32 3.40 2.31 -18.30
C PRO A 32 3.55 3.17 -17.04
N GLU A 33 2.81 2.81 -15.99
CA GLU A 33 2.82 3.50 -14.70
C GLU A 33 1.56 3.12 -13.94
N ALA A 34 1.66 3.02 -12.63
CA ALA A 34 0.51 2.76 -11.80
C ALA A 34 0.20 3.97 -10.94
N VAL A 35 -0.85 4.67 -11.30
CA VAL A 35 -1.17 5.90 -10.60
C VAL A 35 -2.69 6.01 -10.37
N LYS A 36 -3.11 7.08 -9.72
CA LYS A 36 -4.52 7.35 -9.43
C LYS A 36 -5.41 7.16 -10.67
N GLY A 37 -6.48 6.41 -10.50
CA GLY A 37 -7.43 6.21 -11.59
C GLY A 37 -7.02 5.12 -12.56
N SER A 38 -5.73 4.79 -12.54
CA SER A 38 -5.24 3.69 -13.34
C SER A 38 -5.58 2.38 -12.70
N ASN A 39 -6.02 1.45 -13.52
CA ASN A 39 -6.21 0.09 -13.10
C ASN A 39 -4.90 -0.46 -12.58
N VAL A 40 -4.93 -1.07 -11.43
CA VAL A 40 -3.73 -1.55 -10.80
C VAL A 40 -3.73 -3.07 -10.76
N SER A 41 -2.57 -3.63 -11.02
CA SER A 41 -2.37 -5.05 -10.97
C SER A 41 -1.03 -5.36 -10.31
N MET A 42 -1.06 -5.94 -9.12
CA MET A 42 0.18 -6.18 -8.38
C MET A 42 -0.04 -7.10 -7.19
N HIS A 43 1.04 -7.42 -6.48
CA HIS A 43 0.93 -8.20 -5.24
C HIS A 43 2.11 -7.92 -4.30
N TYR A 44 1.91 -8.17 -3.01
CA TYR A 44 2.91 -7.92 -1.98
C TYR A 44 3.15 -9.18 -1.19
N VAL A 45 4.08 -9.09 -0.26
CA VAL A 45 4.31 -10.10 0.76
C VAL A 45 4.98 -9.45 1.97
N GLY A 46 4.40 -9.64 3.14
CA GLY A 46 4.83 -8.90 4.31
C GLY A 46 5.79 -9.66 5.19
N VAL A 47 6.54 -8.92 5.99
CA VAL A 47 7.46 -9.51 6.94
C VAL A 47 7.15 -9.08 8.35
N SER A 48 7.63 -9.91 9.26
CA SER A 48 7.56 -9.67 10.69
C SER A 48 6.14 -9.52 11.20
N TRP A 49 6.06 -9.08 12.45
CA TRP A 49 4.82 -8.76 13.14
C TRP A 49 3.95 -9.98 13.41
N SER A 50 3.63 -10.75 12.39
CA SER A 50 2.87 -11.98 12.58
C SER A 50 3.79 -13.13 13.01
N THR A 51 5.04 -13.13 12.56
CA THR A 51 5.91 -14.24 12.89
C THR A 51 7.38 -13.83 13.00
N GLY A 52 7.80 -12.86 12.20
CA GLY A 52 9.19 -12.50 12.14
C GLY A 52 9.72 -12.64 10.76
N GLU A 53 9.85 -11.51 10.08
CA GLU A 53 10.35 -11.47 8.71
C GLU A 53 9.38 -12.11 7.73
N GLU A 54 9.73 -12.01 6.47
CA GLU A 54 8.91 -12.45 5.33
C GLU A 54 8.10 -13.72 5.63
N PHE A 55 6.79 -13.62 5.42
CA PHE A 55 5.91 -14.76 5.63
C PHE A 55 4.72 -14.74 4.67
N ASP A 56 4.05 -13.59 4.54
CA ASP A 56 2.81 -13.49 3.80
C ASP A 56 2.30 -12.06 3.77
N ALA A 57 1.54 -11.70 2.74
CA ALA A 57 0.97 -10.37 2.63
C ALA A 57 -0.54 -10.39 2.78
N SER A 58 -1.12 -9.22 2.94
CA SER A 58 -2.56 -9.07 2.82
C SER A 58 -2.93 -9.25 1.36
N TRP A 59 -2.05 -8.73 0.52
CA TRP A 59 -2.17 -8.82 -0.92
C TRP A 59 -1.94 -10.25 -1.41
N ASN A 60 -1.21 -11.02 -0.60
CA ASN A 60 -0.82 -12.37 -0.97
C ASN A 60 -2.01 -13.33 -0.87
N ARG A 61 -2.79 -13.36 -1.94
CA ARG A 61 -3.95 -14.24 -2.01
C ARG A 61 -3.77 -15.31 -3.08
N GLY A 62 -2.57 -15.35 -3.66
CA GLY A 62 -2.30 -16.28 -4.74
C GLY A 62 -2.83 -15.76 -6.06
N SER A 63 -3.08 -14.45 -6.10
CA SER A 63 -3.63 -13.80 -7.27
C SER A 63 -3.31 -12.32 -7.22
N THR A 64 -2.99 -11.75 -8.37
CA THR A 64 -2.67 -10.33 -8.47
C THR A 64 -3.93 -9.50 -8.22
N LEU A 65 -3.78 -8.44 -7.42
CA LEU A 65 -4.90 -7.56 -7.14
C LEU A 65 -5.14 -6.64 -8.32
N ASP A 66 -6.39 -6.58 -8.76
CA ASP A 66 -6.80 -5.78 -9.89
C ASP A 66 -7.78 -4.71 -9.42
N PHE A 67 -7.29 -3.51 -9.16
CA PHE A 67 -8.17 -2.46 -8.65
C PHE A 67 -7.72 -1.08 -9.14
N THR A 68 -8.67 -0.18 -9.34
CA THR A 68 -8.35 1.19 -9.74
C THR A 68 -7.75 1.96 -8.58
N LEU A 69 -6.58 2.54 -8.79
CA LEU A 69 -5.85 3.23 -7.74
C LEU A 69 -6.58 4.50 -7.32
N GLY A 70 -6.43 4.86 -6.05
CA GLY A 70 -7.04 6.06 -5.53
C GLY A 70 -7.58 5.88 -4.15
N THR A 71 -7.56 4.64 -3.66
CA THR A 71 -8.16 4.25 -2.39
C THR A 71 -9.63 4.62 -2.28
N GLY A 72 -10.18 5.17 -3.34
CA GLY A 72 -11.64 5.26 -3.47
C GLY A 72 -12.26 3.88 -3.59
N ARG A 73 -11.78 2.97 -2.76
CA ARG A 73 -12.13 1.57 -2.81
C ARG A 73 -11.57 0.83 -1.59
N VAL A 74 -10.45 1.33 -1.05
CA VAL A 74 -9.74 0.63 0.02
C VAL A 74 -9.27 1.60 1.13
N ILE A 75 -8.32 1.15 1.96
CA ILE A 75 -7.91 1.83 3.20
C ILE A 75 -7.23 3.21 2.99
N LYS A 76 -6.49 3.66 4.00
CA LYS A 76 -5.97 5.04 4.07
C LYS A 76 -4.65 5.23 3.33
N GLY A 77 -4.23 4.25 2.58
CA GLY A 77 -3.05 4.46 1.77
C GLY A 77 -2.66 3.30 0.89
N TRP A 78 -3.63 2.60 0.31
CA TRP A 78 -3.33 1.67 -0.75
C TRP A 78 -3.19 2.44 -2.06
N ASP A 79 -3.77 3.63 -2.07
CA ASP A 79 -3.45 4.63 -3.07
C ASP A 79 -2.01 5.00 -2.89
N MET A 80 -1.67 5.32 -1.63
CA MET A 80 -0.35 5.81 -1.29
C MET A 80 0.70 4.76 -1.61
N GLY A 81 0.29 3.51 -1.55
CA GLY A 81 1.18 2.43 -1.83
C GLY A 81 1.54 2.32 -3.30
N ILE A 82 0.52 2.13 -4.14
CA ILE A 82 0.72 1.98 -5.56
C ILE A 82 1.20 3.27 -6.21
N ALA A 83 0.53 4.38 -5.88
CA ALA A 83 0.71 5.65 -6.58
C ALA A 83 2.17 5.99 -6.80
N GLY A 84 2.61 5.83 -8.04
CA GLY A 84 3.99 6.12 -8.38
C GLY A 84 4.65 4.93 -9.02
N MET A 85 4.27 3.74 -8.56
CA MET A 85 4.85 2.49 -9.06
C MET A 85 4.73 2.36 -10.58
N LYS A 86 5.56 1.49 -11.11
CA LYS A 86 5.55 1.17 -12.53
C LYS A 86 5.38 -0.32 -12.67
N VAL A 87 4.64 -0.76 -13.68
CA VAL A 87 4.50 -2.17 -13.93
C VAL A 87 5.89 -2.76 -14.06
N GLY A 88 6.08 -3.82 -13.33
CA GLY A 88 7.29 -4.59 -13.40
C GLY A 88 8.34 -4.04 -12.46
N GLY A 89 7.88 -3.20 -11.56
CA GLY A 89 8.75 -2.56 -10.61
C GLY A 89 8.41 -2.96 -9.19
N ARG A 90 9.40 -2.90 -8.32
CA ARG A 90 9.25 -3.29 -6.94
C ARG A 90 9.19 -2.07 -6.02
N ARG A 91 8.61 -2.27 -4.85
CA ARG A 91 8.63 -1.26 -3.82
C ARG A 91 8.79 -1.95 -2.46
N LYS A 92 9.59 -1.36 -1.59
CA LYS A 92 9.70 -1.86 -0.24
C LYS A 92 8.81 -1.02 0.65
N LEU A 93 7.81 -1.66 1.21
CA LEU A 93 6.77 -0.95 1.92
C LEU A 93 6.83 -1.19 3.42
N VAL A 94 6.60 -0.13 4.19
CA VAL A 94 6.35 -0.25 5.61
C VAL A 94 4.88 0.06 5.89
N ILE A 95 4.21 -0.87 6.55
CA ILE A 95 2.75 -0.77 6.77
C ILE A 95 2.44 -0.09 8.11
N PRO A 96 1.63 1.00 8.07
CA PRO A 96 1.17 1.70 9.28
C PRO A 96 -0.04 1.05 9.92
N PRO A 97 -0.11 1.17 11.24
CA PRO A 97 -1.28 0.74 12.01
C PRO A 97 -2.53 1.49 11.59
N HIS A 98 -2.39 2.80 11.38
CA HIS A 98 -3.55 3.65 11.11
C HIS A 98 -3.77 3.81 9.61
N LEU A 99 -3.45 2.78 8.86
CA LEU A 99 -3.61 2.84 7.43
C LEU A 99 -3.73 1.46 6.86
N ALA A 100 -2.61 0.77 6.80
CA ALA A 100 -2.52 -0.48 6.04
C ALA A 100 -2.77 -1.69 6.91
N TYR A 101 -2.44 -1.60 8.19
CA TYR A 101 -2.70 -2.70 9.08
C TYR A 101 -4.17 -2.76 9.48
N GLY A 102 -4.60 -1.77 10.25
CA GLY A 102 -5.94 -1.84 10.83
C GLY A 102 -6.63 -0.51 10.93
N ASP A 103 -6.01 0.53 10.38
CA ASP A 103 -6.44 1.90 10.57
C ASP A 103 -6.49 2.24 12.08
N ARG A 104 -5.85 1.40 12.87
CA ARG A 104 -5.77 1.58 14.31
C ARG A 104 -4.39 1.18 14.82
N SER A 105 -4.21 -0.12 15.16
CA SER A 105 -3.03 -0.64 15.86
C SER A 105 -3.43 -1.81 16.77
N PRO A 106 -2.62 -2.89 16.79
CA PRO A 106 -2.81 -3.98 17.73
C PRO A 106 -2.03 -3.77 19.04
N SER A 107 -0.72 -3.55 18.88
CA SER A 107 0.26 -3.45 19.98
C SER A 107 1.62 -3.15 19.38
N PRO A 108 2.66 -2.88 20.20
CA PRO A 108 4.06 -2.80 19.73
C PRO A 108 4.53 -4.02 18.93
N ALA A 109 3.70 -5.04 18.85
CA ALA A 109 3.95 -6.15 17.93
C ALA A 109 3.77 -5.68 16.50
N ILE A 110 3.40 -4.41 16.33
CA ILE A 110 3.21 -3.84 15.04
C ILE A 110 4.30 -2.80 14.73
N LYS A 111 4.25 -2.31 13.49
CA LYS A 111 5.22 -1.37 12.86
C LYS A 111 6.25 -0.67 13.78
N PRO A 112 5.83 0.13 14.78
CA PRO A 112 6.79 0.89 15.60
C PRO A 112 7.66 0.01 16.50
N GLY A 113 7.04 -0.71 17.42
CA GLY A 113 7.77 -1.63 18.25
C GLY A 113 8.33 -2.77 17.42
N GLU A 114 7.55 -3.19 16.45
CA GLU A 114 7.96 -4.24 15.53
C GLU A 114 8.48 -3.59 14.25
N THR A 115 8.24 -4.21 13.11
CA THR A 115 8.60 -3.65 11.82
C THR A 115 7.86 -4.39 10.70
N LEU A 116 6.75 -3.84 10.26
CA LEU A 116 5.94 -4.45 9.21
C LEU A 116 6.46 -4.10 7.84
N ILE A 117 7.03 -5.06 7.13
CA ILE A 117 7.63 -4.76 5.84
C ILE A 117 6.99 -5.54 4.72
N PHE A 118 6.34 -4.86 3.81
CA PHE A 118 5.65 -5.53 2.74
C PHE A 118 6.34 -5.28 1.41
N VAL A 119 6.95 -6.33 0.89
CA VAL A 119 7.65 -6.25 -0.39
C VAL A 119 6.69 -6.44 -1.53
N VAL A 120 6.72 -5.51 -2.46
CA VAL A 120 5.70 -5.44 -3.49
C VAL A 120 6.30 -5.52 -4.88
N ASP A 121 5.51 -6.05 -5.80
CA ASP A 121 5.83 -5.99 -7.21
C ASP A 121 4.61 -5.53 -8.00
N LEU A 122 4.74 -4.35 -8.59
CA LEU A 122 3.75 -3.86 -9.54
C LEU A 122 3.92 -4.68 -10.79
N VAL A 123 2.86 -5.27 -11.28
CA VAL A 123 2.99 -6.25 -12.34
C VAL A 123 1.97 -6.01 -13.47
N GLY A 124 1.19 -4.94 -13.37
CA GLY A 124 0.22 -4.65 -14.40
C GLY A 124 -0.52 -3.34 -14.17
N VAL A 125 -1.02 -2.76 -15.25
CA VAL A 125 -1.86 -1.58 -15.19
C VAL A 125 -2.99 -1.79 -16.19
N GLY A 126 -3.95 -0.90 -16.18
CA GLY A 126 -5.03 -0.95 -17.14
C GLY A 126 -5.54 0.44 -17.47
N GLY A 1 -18.91 9.40 5.51
CA GLY A 1 -18.10 9.24 4.29
C GLY A 1 -16.69 8.79 4.60
N ALA A 2 -16.08 8.06 3.67
CA ALA A 2 -14.73 7.55 3.86
C ALA A 2 -13.82 7.93 2.71
N MET A 3 -14.41 8.22 1.56
CA MET A 3 -13.65 8.54 0.36
C MET A 3 -13.35 10.05 0.32
N ALA A 4 -12.74 10.55 1.39
CA ALA A 4 -12.26 11.93 1.45
C ALA A 4 -11.09 12.03 2.41
N LEU A 5 -10.32 10.94 2.48
CA LEU A 5 -9.22 10.81 3.43
C LEU A 5 -7.91 10.72 2.65
N GLU A 6 -6.91 10.05 3.24
CA GLU A 6 -5.58 9.90 2.65
C GLU A 6 -5.63 9.49 1.20
N ARG A 7 -6.21 8.34 0.95
CA ARG A 7 -6.16 7.73 -0.37
C ARG A 7 -6.81 8.56 -1.49
N PRO A 8 -8.09 8.92 -1.34
CA PRO A 8 -8.84 9.66 -2.35
C PRO A 8 -8.26 11.04 -2.63
N GLU A 9 -8.68 11.62 -3.74
CA GLU A 9 -8.10 12.86 -4.20
C GLU A 9 -9.19 13.86 -4.56
N ILE A 10 -9.84 14.39 -3.53
CA ILE A 10 -10.97 15.31 -3.70
C ILE A 10 -11.19 16.15 -2.44
N ASP A 11 -12.29 16.89 -2.44
CA ASP A 11 -12.72 17.75 -1.33
C ASP A 11 -11.77 18.93 -1.17
N PHE A 12 -10.57 18.63 -0.76
CA PHE A 12 -9.53 19.59 -0.60
C PHE A 12 -8.74 19.68 -1.91
N PRO A 13 -7.81 20.63 -2.02
CA PRO A 13 -6.86 20.72 -3.16
C PRO A 13 -5.94 19.50 -3.29
N GLU A 14 -6.43 18.33 -2.86
CA GLU A 14 -5.77 17.05 -3.01
C GLU A 14 -4.47 16.95 -2.20
N GLY A 15 -4.20 15.75 -1.69
CA GLY A 15 -2.97 15.50 -0.98
C GLY A 15 -2.81 16.37 0.25
N GLN A 16 -3.70 16.18 1.22
CA GLN A 16 -3.60 16.89 2.48
C GLN A 16 -4.02 15.99 3.66
N PRO A 17 -3.52 14.74 3.71
CA PRO A 17 -3.85 13.75 4.71
C PRO A 17 -2.66 13.36 5.60
N PRO A 18 -2.78 12.25 6.36
CA PRO A 18 -1.62 11.57 6.97
C PRO A 18 -0.62 11.09 5.91
N GLU A 19 0.24 10.13 6.25
CA GLU A 19 1.33 9.75 5.36
C GLU A 19 2.04 8.61 6.03
N TYR A 20 1.24 7.80 6.66
CA TYR A 20 1.74 6.75 7.49
C TYR A 20 2.27 5.63 6.66
N LEU A 21 1.71 5.57 5.50
CA LEU A 21 2.09 4.59 4.52
C LEU A 21 3.49 4.95 4.01
N ASP A 22 4.49 4.14 4.31
CA ASP A 22 5.85 4.52 3.95
C ASP A 22 6.33 3.69 2.78
N ILE A 23 6.61 4.36 1.68
CA ILE A 23 6.97 3.70 0.44
C ILE A 23 8.46 3.85 0.13
N THR A 24 9.15 2.73 -0.03
CA THR A 24 10.53 2.76 -0.45
C THR A 24 10.63 2.14 -1.83
N ASP A 25 10.78 2.98 -2.84
CA ASP A 25 10.68 2.55 -4.22
C ASP A 25 11.95 1.86 -4.67
N ILE A 26 11.83 0.61 -5.09
CA ILE A 26 12.97 -0.20 -5.49
C ILE A 26 12.78 -0.64 -6.94
N THR A 27 12.93 0.31 -7.85
CA THR A 27 12.75 0.06 -9.28
C THR A 27 11.27 0.11 -9.69
N GLU A 28 11.05 0.62 -10.89
CA GLU A 28 9.75 0.82 -11.49
C GLU A 28 9.58 -0.22 -12.58
N GLY A 29 10.61 -0.34 -13.34
CA GLY A 29 10.85 -1.51 -14.14
C GLY A 29 10.32 -1.42 -15.54
N ASP A 30 9.11 -1.92 -15.73
CA ASP A 30 8.64 -2.28 -17.04
C ASP A 30 8.20 -1.09 -17.89
N GLY A 31 7.11 -0.43 -17.54
CA GLY A 31 6.47 0.37 -18.60
C GLY A 31 5.80 1.68 -18.22
N PRO A 32 4.48 1.67 -18.01
CA PRO A 32 3.66 2.89 -17.90
C PRO A 32 3.72 3.55 -16.54
N GLU A 33 2.96 2.99 -15.58
CA GLU A 33 2.85 3.49 -14.20
C GLU A 33 1.45 3.13 -13.70
N ALA A 34 1.31 2.49 -12.55
CA ALA A 34 -0.01 2.30 -11.99
C ALA A 34 -0.42 3.56 -11.26
N VAL A 35 -1.10 4.45 -11.95
CA VAL A 35 -1.46 5.69 -11.33
C VAL A 35 -2.95 5.81 -11.12
N LYS A 36 -3.35 6.97 -10.65
CA LYS A 36 -4.73 7.24 -10.31
C LYS A 36 -5.66 7.05 -11.50
N GLY A 37 -6.69 6.23 -11.32
CA GLY A 37 -7.66 5.99 -12.38
C GLY A 37 -7.20 4.93 -13.36
N SER A 38 -5.92 4.64 -13.33
CA SER A 38 -5.37 3.55 -14.13
C SER A 38 -5.70 2.23 -13.47
N ASN A 39 -5.86 1.22 -14.30
CA ASN A 39 -6.10 -0.11 -13.80
C ASN A 39 -4.83 -0.63 -13.19
N VAL A 40 -4.94 -1.24 -12.03
CA VAL A 40 -3.78 -1.60 -11.27
C VAL A 40 -3.62 -3.10 -11.23
N SER A 41 -2.39 -3.55 -11.34
CA SER A 41 -2.08 -4.95 -11.23
C SER A 41 -0.78 -5.16 -10.49
N MET A 42 -0.84 -5.67 -9.27
CA MET A 42 0.35 -5.85 -8.46
C MET A 42 0.11 -6.78 -7.29
N HIS A 43 1.18 -7.13 -6.59
CA HIS A 43 1.08 -8.03 -5.43
C HIS A 43 2.13 -7.68 -4.39
N TYR A 44 1.80 -7.96 -3.12
CA TYR A 44 2.70 -7.69 -1.99
C TYR A 44 2.90 -8.95 -1.19
N VAL A 45 3.76 -8.86 -0.18
CA VAL A 45 3.93 -9.91 0.83
C VAL A 45 4.48 -9.29 2.11
N GLY A 46 3.78 -9.51 3.21
CA GLY A 46 4.12 -8.88 4.47
C GLY A 46 5.15 -9.67 5.26
N VAL A 47 6.00 -8.95 5.97
CA VAL A 47 7.01 -9.57 6.80
C VAL A 47 6.86 -9.16 8.25
N SER A 48 7.42 -10.03 9.08
CA SER A 48 7.57 -9.81 10.51
C SER A 48 6.27 -9.39 11.17
N TRP A 49 6.41 -8.79 12.34
CA TRP A 49 5.33 -8.32 13.18
C TRP A 49 4.48 -9.48 13.71
N SER A 50 3.95 -10.30 12.82
CA SER A 50 3.12 -11.43 13.18
C SER A 50 3.97 -12.63 13.57
N THR A 51 5.07 -12.86 12.85
CA THR A 51 5.86 -14.06 13.07
C THR A 51 7.36 -13.80 12.96
N GLY A 52 7.75 -13.03 11.97
CA GLY A 52 9.15 -12.81 11.71
C GLY A 52 9.46 -12.98 10.26
N GLU A 53 9.56 -11.85 9.58
CA GLU A 53 9.93 -11.81 8.17
C GLU A 53 8.83 -12.35 7.28
N GLU A 54 9.07 -12.23 5.99
CA GLU A 54 8.14 -12.61 4.92
C GLU A 54 7.28 -13.82 5.29
N PHE A 55 5.98 -13.59 5.46
CA PHE A 55 5.05 -14.67 5.78
C PHE A 55 3.86 -14.69 4.83
N ASP A 56 3.25 -13.51 4.61
CA ASP A 56 2.04 -13.41 3.79
C ASP A 56 1.58 -11.96 3.71
N ALA A 57 1.00 -11.59 2.57
CA ALA A 57 0.45 -10.25 2.40
C ALA A 57 -1.07 -10.28 2.42
N SER A 58 -1.65 -9.12 2.56
CA SER A 58 -3.08 -8.96 2.34
C SER A 58 -3.36 -9.14 0.85
N TRP A 59 -2.42 -8.61 0.08
CA TRP A 59 -2.43 -8.70 -1.36
C TRP A 59 -2.13 -10.11 -1.83
N ASN A 60 -1.43 -10.86 -0.99
CA ASN A 60 -0.93 -12.18 -1.36
C ASN A 60 -2.03 -13.23 -1.25
N ARG A 61 -2.82 -13.35 -2.30
CA ARG A 61 -3.81 -14.42 -2.37
C ARG A 61 -3.40 -15.43 -3.45
N GLY A 62 -2.18 -15.27 -3.93
CA GLY A 62 -1.65 -16.16 -4.94
C GLY A 62 -1.82 -15.62 -6.34
N SER A 63 -2.33 -14.39 -6.42
CA SER A 63 -2.60 -13.77 -7.69
C SER A 63 -2.43 -12.25 -7.59
N THR A 64 -2.20 -11.62 -8.72
CA THR A 64 -2.06 -10.17 -8.78
C THR A 64 -3.41 -9.50 -8.62
N LEU A 65 -3.45 -8.42 -7.86
CA LEU A 65 -4.67 -7.63 -7.72
C LEU A 65 -4.87 -6.80 -8.97
N ASP A 66 -6.10 -6.74 -9.43
CA ASP A 66 -6.45 -5.96 -10.60
C ASP A 66 -7.61 -5.02 -10.27
N PHE A 67 -7.28 -3.76 -10.08
CA PHE A 67 -8.33 -2.78 -9.71
C PHE A 67 -7.94 -1.36 -10.12
N THR A 68 -8.92 -0.55 -10.52
CA THR A 68 -8.68 0.85 -10.86
C THR A 68 -8.28 1.65 -9.62
N LEU A 69 -7.12 2.30 -9.71
CA LEU A 69 -6.58 3.07 -8.60
C LEU A 69 -7.40 4.32 -8.32
N GLY A 70 -7.29 4.82 -7.10
CA GLY A 70 -8.03 5.99 -6.68
C GLY A 70 -9.46 5.65 -6.41
N THR A 71 -9.65 4.48 -5.86
CA THR A 71 -10.97 4.04 -5.49
C THR A 71 -11.47 4.81 -4.27
N GLY A 72 -10.51 5.34 -3.51
CA GLY A 72 -10.80 6.02 -2.25
C GLY A 72 -11.69 5.23 -1.31
N ARG A 73 -11.84 3.94 -1.57
CA ARG A 73 -12.76 3.08 -0.82
C ARG A 73 -12.03 2.03 0.02
N VAL A 74 -10.75 1.85 -0.23
CA VAL A 74 -9.96 0.86 0.50
C VAL A 74 -9.46 1.44 1.84
N ILE A 75 -8.23 1.13 2.23
CA ILE A 75 -7.65 1.78 3.41
C ILE A 75 -6.81 2.98 2.99
N LYS A 76 -6.42 3.78 3.98
CA LYS A 76 -5.84 5.10 3.73
C LYS A 76 -4.72 5.15 2.68
N GLY A 77 -3.80 4.20 2.67
CA GLY A 77 -2.65 4.37 1.78
C GLY A 77 -2.57 3.44 0.58
N TRP A 78 -3.61 2.68 0.27
CA TRP A 78 -3.57 1.81 -0.90
C TRP A 78 -3.57 2.61 -2.20
N ASP A 79 -4.50 3.57 -2.33
CA ASP A 79 -4.53 4.44 -3.51
C ASP A 79 -3.24 5.25 -3.59
N MET A 80 -2.78 5.72 -2.43
CA MET A 80 -1.58 6.53 -2.37
C MET A 80 -0.35 5.68 -2.67
N GLY A 81 -0.43 4.40 -2.36
CA GLY A 81 0.69 3.52 -2.54
C GLY A 81 0.94 3.17 -4.00
N ILE A 82 -0.08 2.64 -4.66
CA ILE A 82 0.02 2.23 -6.06
C ILE A 82 0.42 3.41 -6.90
N ALA A 83 -0.24 4.54 -6.67
CA ALA A 83 -0.01 5.74 -7.45
C ALA A 83 1.46 6.15 -7.42
N GLY A 84 2.17 5.75 -8.45
CA GLY A 84 3.59 6.06 -8.55
C GLY A 84 4.42 4.87 -8.93
N MET A 85 3.91 3.68 -8.69
CA MET A 85 4.60 2.46 -9.05
C MET A 85 4.61 2.26 -10.57
N LYS A 86 5.64 1.60 -11.08
CA LYS A 86 5.68 1.23 -12.49
C LYS A 86 5.50 -0.27 -12.62
N VAL A 87 4.97 -0.70 -13.75
CA VAL A 87 4.41 -2.05 -13.90
C VAL A 87 5.46 -3.15 -13.98
N GLY A 88 6.45 -3.07 -13.15
CA GLY A 88 7.46 -4.07 -13.17
C GLY A 88 8.58 -3.75 -12.22
N GLY A 89 8.20 -3.19 -11.08
CA GLY A 89 9.17 -2.75 -10.12
C GLY A 89 8.89 -3.27 -8.74
N ARG A 90 9.87 -3.10 -7.87
CA ARG A 90 9.81 -3.61 -6.52
C ARG A 90 9.68 -2.49 -5.52
N ARG A 91 9.12 -2.77 -4.37
CA ARG A 91 9.06 -1.78 -3.30
C ARG A 91 8.95 -2.40 -1.93
N LYS A 92 9.60 -1.76 -0.97
CA LYS A 92 9.37 -2.05 0.43
C LYS A 92 8.33 -1.10 0.97
N LEU A 93 7.22 -1.63 1.44
CA LEU A 93 6.19 -0.79 2.01
C LEU A 93 6.06 -1.04 3.50
N VAL A 94 6.18 0.03 4.27
CA VAL A 94 5.96 -0.04 5.70
C VAL A 94 4.49 0.19 6.02
N ILE A 95 3.91 -0.73 6.77
CA ILE A 95 2.52 -0.66 7.17
C ILE A 95 2.38 0.03 8.53
N PRO A 96 1.64 1.14 8.56
CA PRO A 96 1.33 1.84 9.80
C PRO A 96 0.17 1.17 10.53
N PRO A 97 0.12 1.30 11.85
CA PRO A 97 -1.01 0.87 12.65
C PRO A 97 -2.23 1.65 12.28
N HIS A 98 -2.05 2.97 12.16
CA HIS A 98 -3.15 3.89 11.93
C HIS A 98 -3.33 4.12 10.44
N LEU A 99 -3.32 3.03 9.69
CA LEU A 99 -3.57 3.08 8.25
C LEU A 99 -3.86 1.69 7.73
N ALA A 100 -2.79 0.93 7.57
CA ALA A 100 -2.86 -0.33 6.84
C ALA A 100 -3.11 -1.51 7.74
N TYR A 101 -2.55 -1.49 8.94
CA TYR A 101 -2.75 -2.60 9.86
C TYR A 101 -4.18 -2.62 10.39
N GLY A 102 -4.57 -1.58 11.12
CA GLY A 102 -5.87 -1.62 11.76
C GLY A 102 -6.49 -0.25 11.93
N ASP A 103 -5.88 0.75 11.28
CA ASP A 103 -6.15 2.18 11.54
C ASP A 103 -6.20 2.41 13.05
N ARG A 104 -5.37 1.60 13.73
CA ARG A 104 -5.35 1.50 15.18
C ARG A 104 -3.93 1.14 15.66
N SER A 105 -3.73 -0.16 15.99
CA SER A 105 -2.49 -0.69 16.61
C SER A 105 -2.84 -1.72 17.69
N PRO A 106 -2.16 -2.88 17.71
CA PRO A 106 -2.29 -3.89 18.76
C PRO A 106 -1.26 -3.68 19.87
N SER A 107 -0.19 -3.00 19.51
CA SER A 107 0.95 -2.82 20.39
C SER A 107 1.10 -1.33 20.71
N PRO A 108 2.07 -0.95 21.59
CA PRO A 108 2.45 0.44 21.78
C PRO A 108 2.62 1.15 20.44
N ALA A 109 3.24 0.44 19.52
CA ALA A 109 3.48 0.92 18.16
C ALA A 109 3.95 -0.25 17.31
N ILE A 110 3.00 -0.90 16.66
CA ILE A 110 3.30 -2.04 15.82
C ILE A 110 4.03 -1.63 14.53
N LYS A 111 5.37 -1.64 14.58
CA LYS A 111 6.24 -1.26 13.46
C LYS A 111 7.69 -1.05 13.93
N PRO A 112 7.91 -0.21 14.96
CA PRO A 112 9.20 -0.13 15.66
C PRO A 112 9.50 -1.36 16.52
N GLY A 113 8.65 -1.64 17.50
CA GLY A 113 8.81 -2.85 18.30
C GLY A 113 8.64 -4.08 17.46
N GLU A 114 7.75 -3.96 16.49
CA GLU A 114 7.58 -4.96 15.46
C GLU A 114 8.40 -4.55 14.24
N THR A 115 8.06 -5.10 13.08
CA THR A 115 8.56 -4.57 11.82
C THR A 115 7.65 -4.99 10.68
N LEU A 116 6.69 -4.15 10.33
CA LEU A 116 5.69 -4.52 9.31
C LEU A 116 6.15 -4.13 7.92
N ILE A 117 6.66 -5.09 7.15
CA ILE A 117 7.16 -4.77 5.81
C ILE A 117 6.42 -5.53 4.74
N PHE A 118 5.70 -4.83 3.89
CA PHE A 118 4.98 -5.48 2.83
C PHE A 118 5.66 -5.20 1.51
N VAL A 119 6.43 -6.16 1.06
CA VAL A 119 7.20 -6.04 -0.17
C VAL A 119 6.30 -6.21 -1.37
N VAL A 120 6.42 -5.28 -2.31
CA VAL A 120 5.46 -5.18 -3.39
C VAL A 120 6.14 -5.32 -4.74
N ASP A 121 5.39 -5.83 -5.69
CA ASP A 121 5.79 -5.84 -7.08
C ASP A 121 4.67 -5.27 -7.93
N LEU A 122 4.88 -4.13 -8.56
CA LEU A 122 3.92 -3.68 -9.58
C LEU A 122 4.21 -4.48 -10.81
N VAL A 123 3.18 -5.04 -11.42
CA VAL A 123 3.39 -6.01 -12.47
C VAL A 123 2.43 -5.78 -13.65
N GLY A 124 1.62 -4.73 -13.59
CA GLY A 124 0.78 -4.40 -14.71
C GLY A 124 -0.12 -3.20 -14.46
N VAL A 125 -0.59 -2.63 -15.54
CA VAL A 125 -1.53 -1.52 -15.51
C VAL A 125 -2.61 -1.77 -16.57
N GLY A 126 -3.55 -0.87 -16.67
CA GLY A 126 -4.55 -0.94 -17.71
C GLY A 126 -5.17 0.42 -17.96
N GLY A 1 -20.01 5.29 -0.04
CA GLY A 1 -19.18 4.15 0.42
C GLY A 1 -17.76 4.26 -0.04
N ALA A 2 -16.92 3.32 0.39
CA ALA A 2 -15.51 3.29 0.02
C ALA A 2 -14.75 4.51 0.54
N MET A 3 -13.59 4.76 -0.04
CA MET A 3 -12.73 5.88 0.32
C MET A 3 -12.12 5.68 1.70
N ALA A 4 -11.56 6.74 2.28
CA ALA A 4 -10.86 6.64 3.55
C ALA A 4 -10.97 7.94 4.34
N LEU A 5 -10.01 8.85 4.12
CA LEU A 5 -9.94 10.10 4.85
C LEU A 5 -8.77 10.96 4.40
N GLU A 6 -7.71 10.30 3.94
CA GLU A 6 -6.48 10.98 3.52
C GLU A 6 -6.63 11.63 2.15
N ARG A 7 -5.85 11.12 1.22
CA ARG A 7 -5.85 11.54 -0.18
C ARG A 7 -7.25 11.65 -0.84
N PRO A 8 -8.24 10.83 -0.42
CA PRO A 8 -9.65 11.00 -0.80
C PRO A 8 -10.08 12.45 -0.83
N GLU A 9 -9.44 13.17 0.06
CA GLU A 9 -9.41 14.62 0.06
C GLU A 9 -10.60 15.22 0.79
N ILE A 10 -10.64 14.92 2.08
CA ILE A 10 -11.72 15.33 2.97
C ILE A 10 -11.29 15.09 4.42
N ASP A 11 -12.25 15.17 5.35
CA ASP A 11 -12.03 14.92 6.78
C ASP A 11 -11.18 16.02 7.41
N PHE A 12 -9.96 16.10 6.95
CA PHE A 12 -9.05 17.14 7.34
C PHE A 12 -9.23 18.28 6.35
N PRO A 13 -8.57 19.43 6.57
CA PRO A 13 -8.50 20.51 5.57
C PRO A 13 -7.76 20.09 4.29
N GLU A 14 -7.83 18.79 3.97
CA GLU A 14 -7.15 18.20 2.82
C GLU A 14 -5.63 18.32 2.91
N GLY A 15 -4.95 17.50 2.13
CA GLY A 15 -3.51 17.61 2.03
C GLY A 15 -2.74 16.71 2.98
N GLN A 16 -2.72 17.07 4.26
CA GLN A 16 -1.87 16.37 5.24
C GLN A 16 -2.68 15.41 6.14
N PRO A 17 -2.63 14.11 5.82
CA PRO A 17 -3.25 13.05 6.60
C PRO A 17 -2.21 12.23 7.40
N PRO A 18 -2.61 11.10 8.03
CA PRO A 18 -1.66 10.12 8.58
C PRO A 18 -0.54 9.79 7.59
N GLU A 19 -0.84 8.92 6.61
CA GLU A 19 0.03 8.68 5.49
C GLU A 19 1.36 8.13 5.98
N TYR A 20 1.28 7.28 6.98
CA TYR A 20 2.47 6.64 7.53
C TYR A 20 2.91 5.52 6.65
N LEU A 21 2.10 5.30 5.67
CA LEU A 21 2.38 4.37 4.59
C LEU A 21 3.76 4.66 4.05
N ASP A 22 4.70 3.74 4.24
CA ASP A 22 6.07 3.99 3.82
C ASP A 22 6.28 3.48 2.42
N ILE A 23 6.63 4.40 1.54
CA ILE A 23 6.84 4.08 0.14
C ILE A 23 8.30 4.22 -0.26
N THR A 24 8.99 3.11 -0.37
CA THR A 24 10.33 3.11 -0.94
C THR A 24 10.25 2.58 -2.37
N ASP A 25 10.32 3.48 -3.33
CA ASP A 25 10.01 3.12 -4.72
C ASP A 25 11.24 2.76 -5.52
N ILE A 26 11.21 1.57 -6.10
CA ILE A 26 12.18 1.15 -7.07
C ILE A 26 11.49 0.30 -8.13
N THR A 27 10.34 0.77 -8.59
CA THR A 27 9.54 0.00 -9.53
C THR A 27 9.99 0.23 -10.97
N GLU A 28 11.30 0.16 -11.18
CA GLU A 28 11.87 0.45 -12.47
C GLU A 28 11.77 -0.76 -13.39
N GLY A 29 10.54 -1.18 -13.66
CA GLY A 29 10.30 -2.23 -14.61
C GLY A 29 10.13 -1.66 -16.00
N ASP A 30 8.92 -1.18 -16.29
CA ASP A 30 8.66 -0.55 -17.58
C ASP A 30 8.43 0.96 -17.44
N GLY A 31 7.55 1.37 -16.53
CA GLY A 31 7.33 2.81 -16.34
C GLY A 31 6.08 3.40 -16.99
N PRO A 32 4.86 2.79 -16.85
CA PRO A 32 3.63 3.50 -17.18
C PRO A 32 3.08 4.23 -15.96
N GLU A 33 3.48 3.74 -14.79
CA GLU A 33 3.09 4.28 -13.50
C GLU A 33 1.62 4.01 -13.20
N ALA A 34 1.34 2.97 -12.40
CA ALA A 34 -0.01 2.75 -11.91
C ALA A 34 -0.49 3.98 -11.15
N VAL A 35 -1.55 4.61 -11.64
CA VAL A 35 -2.09 5.77 -10.96
C VAL A 35 -3.61 5.71 -10.92
N LYS A 36 -4.22 6.75 -10.35
CA LYS A 36 -5.67 6.87 -10.29
C LYS A 36 -6.31 6.60 -11.67
N GLY A 37 -7.24 5.65 -11.70
CA GLY A 37 -8.01 5.39 -12.90
C GLY A 37 -7.37 4.35 -13.78
N SER A 38 -6.08 4.17 -13.61
CA SER A 38 -5.35 3.13 -14.29
C SER A 38 -5.65 1.81 -13.61
N ASN A 39 -5.75 0.79 -14.43
CA ASN A 39 -5.94 -0.55 -13.94
C ASN A 39 -4.67 -0.97 -13.24
N VAL A 40 -4.79 -1.53 -12.07
CA VAL A 40 -3.64 -1.86 -11.27
C VAL A 40 -3.49 -3.35 -11.18
N SER A 41 -2.26 -3.78 -11.30
CA SER A 41 -1.92 -5.17 -11.19
C SER A 41 -0.65 -5.29 -10.37
N MET A 42 -0.76 -5.75 -9.14
CA MET A 42 0.43 -5.86 -8.31
C MET A 42 0.19 -6.77 -7.12
N HIS A 43 1.26 -7.13 -6.43
CA HIS A 43 1.15 -7.95 -5.23
C HIS A 43 2.31 -7.69 -4.26
N TYR A 44 2.02 -7.92 -2.99
CA TYR A 44 2.98 -7.67 -1.92
C TYR A 44 3.15 -8.94 -1.14
N VAL A 45 4.06 -8.90 -0.17
CA VAL A 45 4.22 -9.95 0.83
C VAL A 45 4.85 -9.33 2.08
N GLY A 46 4.21 -9.55 3.22
CA GLY A 46 4.62 -8.89 4.45
C GLY A 46 5.60 -9.71 5.25
N VAL A 47 6.39 -9.03 6.06
CA VAL A 47 7.34 -9.68 6.92
C VAL A 47 7.11 -9.32 8.37
N SER A 48 7.60 -10.22 9.21
CA SER A 48 7.66 -10.05 10.66
C SER A 48 6.30 -9.85 11.26
N TRP A 49 6.30 -9.38 12.50
CA TRP A 49 5.12 -9.09 13.31
C TRP A 49 4.27 -10.35 13.59
N SER A 50 3.86 -11.05 12.56
CA SER A 50 3.04 -12.23 12.71
C SER A 50 3.90 -13.45 13.03
N THR A 51 5.08 -13.56 12.42
CA THR A 51 5.89 -14.77 12.62
C THR A 51 7.40 -14.48 12.60
N GLY A 52 7.79 -13.34 12.04
CA GLY A 52 9.19 -13.05 11.90
C GLY A 52 9.64 -13.15 10.46
N GLU A 53 9.76 -11.98 9.84
CA GLU A 53 10.19 -11.87 8.44
C GLU A 53 9.17 -12.42 7.46
N GLU A 54 9.50 -12.24 6.19
CA GLU A 54 8.63 -12.60 5.06
C GLU A 54 7.78 -13.84 5.31
N PHE A 55 6.46 -13.67 5.22
CA PHE A 55 5.55 -14.79 5.42
C PHE A 55 4.35 -14.72 4.47
N ASP A 56 3.69 -13.55 4.42
CA ASP A 56 2.46 -13.39 3.65
C ASP A 56 2.01 -11.94 3.65
N ALA A 57 1.31 -11.52 2.61
CA ALA A 57 0.79 -10.15 2.54
C ALA A 57 -0.72 -10.12 2.64
N SER A 58 -1.25 -8.94 2.82
CA SER A 58 -2.68 -8.71 2.67
C SER A 58 -3.05 -8.92 1.22
N TRP A 59 -2.13 -8.46 0.38
CA TRP A 59 -2.23 -8.57 -1.06
C TRP A 59 -2.04 -10.02 -1.51
N ASN A 60 -1.35 -10.80 -0.67
CA ASN A 60 -1.05 -12.18 -0.99
C ASN A 60 -2.29 -13.07 -0.79
N ARG A 61 -3.32 -12.82 -1.58
CA ARG A 61 -4.58 -13.53 -1.42
C ARG A 61 -4.75 -14.58 -2.52
N GLY A 62 -3.84 -14.56 -3.46
CA GLY A 62 -3.97 -15.36 -4.66
C GLY A 62 -3.46 -14.60 -5.85
N SER A 63 -2.15 -14.38 -5.84
CA SER A 63 -1.42 -13.65 -6.89
C SER A 63 -1.92 -12.21 -7.05
N THR A 64 -1.40 -11.57 -8.08
CA THR A 64 -1.63 -10.15 -8.37
C THR A 64 -3.08 -9.70 -8.16
N LEU A 65 -3.23 -8.54 -7.54
CA LEU A 65 -4.51 -7.88 -7.43
C LEU A 65 -4.74 -7.08 -8.71
N ASP A 66 -5.94 -7.18 -9.26
CA ASP A 66 -6.28 -6.44 -10.46
C ASP A 66 -7.45 -5.50 -10.18
N PHE A 67 -7.13 -4.27 -9.87
CA PHE A 67 -8.15 -3.30 -9.49
C PHE A 67 -7.77 -1.90 -9.95
N THR A 68 -8.76 -1.04 -10.18
CA THR A 68 -8.50 0.34 -10.57
C THR A 68 -8.17 1.19 -9.34
N LEU A 69 -7.09 1.95 -9.44
CA LEU A 69 -6.67 2.87 -8.39
C LEU A 69 -7.69 4.00 -8.26
N GLY A 70 -7.82 4.58 -7.07
CA GLY A 70 -8.86 5.58 -6.87
C GLY A 70 -8.41 6.88 -6.22
N THR A 71 -7.26 6.88 -5.56
CA THR A 71 -6.80 8.06 -4.78
C THR A 71 -7.70 8.32 -3.56
N GLY A 72 -8.95 7.89 -3.65
CA GLY A 72 -9.84 7.85 -2.52
C GLY A 72 -10.81 6.70 -2.66
N ARG A 73 -10.31 5.48 -2.52
CA ARG A 73 -11.15 4.30 -2.67
C ARG A 73 -10.91 3.30 -1.54
N VAL A 74 -9.64 3.02 -1.24
CA VAL A 74 -9.30 2.05 -0.20
C VAL A 74 -8.62 2.72 0.99
N ILE A 75 -8.09 1.93 1.94
CA ILE A 75 -7.53 2.48 3.18
C ILE A 75 -6.47 3.51 2.88
N LYS A 76 -6.38 4.46 3.81
CA LYS A 76 -5.50 5.63 3.76
C LYS A 76 -4.34 5.58 2.74
N GLY A 77 -3.58 4.51 2.74
CA GLY A 77 -2.33 4.50 1.98
C GLY A 77 -2.26 3.55 0.79
N TRP A 78 -3.34 2.85 0.46
CA TRP A 78 -3.31 1.93 -0.69
C TRP A 78 -3.38 2.67 -2.03
N ASP A 79 -4.38 3.55 -2.20
CA ASP A 79 -4.45 4.41 -3.39
C ASP A 79 -3.15 5.23 -3.49
N MET A 80 -2.58 5.57 -2.33
CA MET A 80 -1.35 6.34 -2.28
C MET A 80 -0.16 5.50 -2.71
N GLY A 81 -0.16 4.25 -2.26
CA GLY A 81 0.98 3.38 -2.47
C GLY A 81 1.14 2.95 -3.90
N ILE A 82 0.02 2.70 -4.57
CA ILE A 82 0.02 2.31 -5.96
C ILE A 82 0.30 3.52 -6.83
N ALA A 83 -0.30 4.65 -6.46
CA ALA A 83 -0.14 5.87 -7.23
C ALA A 83 1.31 6.32 -7.20
N GLY A 84 2.01 6.03 -8.27
CA GLY A 84 3.43 6.29 -8.32
C GLY A 84 4.22 5.08 -8.76
N MET A 85 3.69 3.90 -8.44
CA MET A 85 4.32 2.66 -8.87
C MET A 85 4.33 2.61 -10.39
N LYS A 86 5.31 1.98 -11.00
CA LYS A 86 5.41 2.01 -12.47
C LYS A 86 4.76 0.81 -13.08
N VAL A 87 5.57 -0.21 -13.21
CA VAL A 87 5.17 -1.58 -13.41
C VAL A 87 6.40 -2.44 -13.38
N GLY A 88 6.22 -3.66 -12.94
CA GLY A 88 7.25 -4.65 -13.11
C GLY A 88 8.45 -4.40 -12.24
N GLY A 89 8.22 -3.71 -11.13
CA GLY A 89 9.31 -3.32 -10.28
C GLY A 89 8.97 -3.41 -8.81
N ARG A 90 9.93 -3.09 -7.96
CA ARG A 90 9.79 -3.35 -6.53
C ARG A 90 9.53 -2.09 -5.71
N ARG A 91 8.90 -2.28 -4.58
CA ARG A 91 8.78 -1.23 -3.58
C ARG A 91 8.82 -1.85 -2.19
N LYS A 92 9.53 -1.21 -1.29
CA LYS A 92 9.49 -1.62 0.09
C LYS A 92 8.48 -0.79 0.84
N LEU A 93 7.46 -1.46 1.33
CA LEU A 93 6.40 -0.80 2.06
C LEU A 93 6.51 -1.11 3.55
N VAL A 94 6.32 -0.10 4.37
CA VAL A 94 6.18 -0.33 5.80
C VAL A 94 4.74 -0.03 6.20
N ILE A 95 4.10 -0.98 6.88
CA ILE A 95 2.67 -0.91 7.18
C ILE A 95 2.41 -0.28 8.56
N PRO A 96 1.67 0.85 8.58
CA PRO A 96 1.23 1.50 9.81
C PRO A 96 -0.03 0.86 10.38
N PRO A 97 -0.12 0.85 11.72
CA PRO A 97 -1.29 0.32 12.41
C PRO A 97 -2.47 1.23 12.28
N HIS A 98 -2.18 2.50 12.07
CA HIS A 98 -3.22 3.51 11.99
C HIS A 98 -3.58 3.71 10.53
N LEU A 99 -3.25 2.73 9.71
CA LEU A 99 -3.41 2.84 8.28
C LEU A 99 -3.62 1.48 7.63
N ALA A 100 -2.51 0.88 7.23
CA ALA A 100 -2.50 -0.32 6.41
C ALA A 100 -2.81 -1.59 7.20
N TYR A 101 -2.40 -1.62 8.46
CA TYR A 101 -2.64 -2.78 9.30
C TYR A 101 -4.11 -2.90 9.63
N GLY A 102 -4.66 -1.84 10.17
CA GLY A 102 -5.99 -1.91 10.74
C GLY A 102 -6.69 -0.57 10.86
N ASP A 103 -5.92 0.42 11.33
CA ASP A 103 -6.42 1.71 11.78
C ASP A 103 -6.88 1.56 13.24
N ARG A 104 -6.44 0.45 13.84
CA ARG A 104 -6.81 0.10 15.21
C ARG A 104 -5.57 -0.03 16.09
N SER A 105 -4.55 -0.68 15.55
CA SER A 105 -3.27 -0.92 16.24
C SER A 105 -3.39 -2.06 17.25
N PRO A 106 -2.64 -3.15 17.01
CA PRO A 106 -2.71 -4.37 17.83
C PRO A 106 -1.85 -4.28 19.10
N SER A 107 -0.76 -3.55 19.00
CA SER A 107 0.26 -3.52 20.03
C SER A 107 0.49 -2.07 20.44
N PRO A 108 1.36 -1.81 21.45
CA PRO A 108 1.76 -0.44 21.82
C PRO A 108 2.04 0.41 20.59
N ALA A 109 2.74 -0.19 19.63
CA ALA A 109 3.06 0.46 18.38
C ALA A 109 3.66 -0.56 17.41
N ILE A 110 2.80 -1.31 16.73
CA ILE A 110 3.27 -2.25 15.74
C ILE A 110 3.82 -1.46 14.54
N LYS A 111 4.91 -1.97 13.95
CA LYS A 111 5.68 -1.30 12.87
C LYS A 111 7.01 -0.71 13.40
N PRO A 112 7.01 0.18 14.40
CA PRO A 112 8.24 0.61 15.06
C PRO A 112 8.70 -0.35 16.15
N GLY A 113 7.84 -0.60 17.14
CA GLY A 113 8.15 -1.56 18.18
C GLY A 113 8.31 -2.94 17.59
N GLU A 114 7.51 -3.19 16.57
CA GLU A 114 7.64 -4.39 15.75
C GLU A 114 8.29 -3.97 14.43
N THR A 115 8.13 -4.75 13.36
CA THR A 115 8.65 -4.34 12.06
C THR A 115 7.83 -4.96 10.93
N LEU A 116 6.83 -4.22 10.45
CA LEU A 116 5.92 -4.71 9.43
C LEU A 116 6.39 -4.31 8.05
N ILE A 117 6.97 -5.25 7.31
CA ILE A 117 7.54 -4.89 6.01
C ILE A 117 6.85 -5.61 4.87
N PHE A 118 6.19 -4.87 4.01
CA PHE A 118 5.45 -5.46 2.92
C PHE A 118 6.13 -5.13 1.60
N VAL A 119 6.97 -6.06 1.17
CA VAL A 119 7.69 -5.91 -0.07
C VAL A 119 6.78 -6.17 -1.25
N VAL A 120 6.80 -5.26 -2.19
CA VAL A 120 5.81 -5.24 -3.26
C VAL A 120 6.46 -5.26 -4.63
N ASP A 121 5.72 -5.75 -5.59
CA ASP A 121 6.06 -5.56 -6.99
C ASP A 121 4.81 -5.14 -7.75
N LEU A 122 4.87 -3.97 -8.36
CA LEU A 122 3.86 -3.60 -9.34
C LEU A 122 4.10 -4.52 -10.49
N VAL A 123 3.07 -5.16 -11.01
CA VAL A 123 3.30 -6.21 -11.99
C VAL A 123 2.54 -5.94 -13.29
N GLY A 124 1.83 -4.81 -13.34
CA GLY A 124 1.20 -4.41 -14.58
C GLY A 124 0.21 -3.27 -14.39
N VAL A 125 -0.13 -2.63 -15.49
CA VAL A 125 -1.06 -1.52 -15.50
C VAL A 125 -2.10 -1.79 -16.59
N GLY A 126 -3.06 -0.91 -16.71
CA GLY A 126 -4.03 -1.00 -17.78
C GLY A 126 -4.71 0.33 -18.02
N GLY A 1 -11.27 15.68 4.32
CA GLY A 1 -12.74 15.80 4.20
C GLY A 1 -13.21 15.47 2.79
N ALA A 2 -12.51 14.55 2.14
CA ALA A 2 -12.78 14.17 0.76
C ALA A 2 -11.72 13.20 0.27
N MET A 3 -10.47 13.63 0.40
CA MET A 3 -9.30 12.87 -0.03
C MET A 3 -8.05 13.71 0.28
N ALA A 4 -7.63 13.71 1.54
CA ALA A 4 -6.49 14.53 1.97
C ALA A 4 -5.21 13.69 2.06
N LEU A 5 -4.82 13.31 3.28
CA LEU A 5 -3.67 12.43 3.44
C LEU A 5 -4.11 11.03 3.05
N GLU A 6 -5.25 10.67 3.58
CA GLU A 6 -5.90 9.46 3.32
C GLU A 6 -6.95 9.77 2.29
N ARG A 7 -7.35 8.76 1.63
CA ARG A 7 -7.92 8.93 0.32
C ARG A 7 -9.43 8.67 0.27
N PRO A 8 -9.88 7.42 0.50
CA PRO A 8 -11.29 7.06 0.62
C PRO A 8 -12.04 7.97 1.57
N GLU A 9 -11.47 8.09 2.74
CA GLU A 9 -11.97 8.97 3.78
C GLU A 9 -13.45 8.74 4.03
N ILE A 10 -13.75 7.58 4.62
CA ILE A 10 -15.11 7.11 4.84
C ILE A 10 -15.12 6.06 5.95
N ASP A 11 -16.27 5.40 6.11
CA ASP A 11 -16.39 4.21 6.98
C ASP A 11 -16.21 4.53 8.46
N PHE A 12 -15.00 4.89 8.81
CA PHE A 12 -14.57 5.12 10.18
C PHE A 12 -13.43 6.13 10.18
N PRO A 13 -12.40 5.95 9.30
CA PRO A 13 -11.42 7.00 9.02
C PRO A 13 -12.03 8.21 8.30
N GLU A 14 -13.34 8.38 8.43
CA GLU A 14 -14.03 9.51 7.84
C GLU A 14 -13.83 10.73 8.73
N GLY A 15 -12.93 11.61 8.33
CA GLY A 15 -12.62 12.77 9.13
C GLY A 15 -11.56 12.45 10.18
N GLN A 16 -11.61 11.24 10.69
CA GLN A 16 -10.61 10.74 11.62
C GLN A 16 -9.86 9.58 10.95
N PRO A 17 -8.92 9.90 10.06
CA PRO A 17 -8.23 8.91 9.25
C PRO A 17 -6.91 8.45 9.88
N PRO A 18 -6.20 7.52 9.21
CA PRO A 18 -4.82 7.13 9.58
C PRO A 18 -3.87 8.32 9.52
N GLU A 19 -2.57 8.11 9.77
CA GLU A 19 -1.69 9.27 9.88
C GLU A 19 -0.33 9.07 9.25
N TYR A 20 -0.04 7.86 8.85
CA TYR A 20 1.21 7.60 8.13
C TYR A 20 1.22 6.29 7.34
N LEU A 21 2.02 6.33 6.29
CA LEU A 21 2.35 5.23 5.40
C LEU A 21 3.87 5.24 5.20
N ASP A 22 4.50 4.10 5.03
CA ASP A 22 5.90 4.13 4.63
C ASP A 22 6.13 3.35 3.35
N ILE A 23 6.59 4.04 2.31
CA ILE A 23 6.80 3.43 1.00
C ILE A 23 8.21 3.70 0.47
N THR A 24 8.75 2.70 -0.20
CA THR A 24 10.08 2.79 -0.79
C THR A 24 10.06 2.34 -2.25
N ASP A 25 10.59 3.14 -3.15
CA ASP A 25 10.59 2.80 -4.57
C ASP A 25 11.82 1.98 -4.94
N ILE A 26 11.60 0.77 -5.44
CA ILE A 26 12.69 -0.11 -5.84
C ILE A 26 12.45 -0.66 -7.24
N THR A 27 12.79 0.14 -8.23
CA THR A 27 12.81 -0.29 -9.63
C THR A 27 11.48 0.04 -10.35
N GLU A 28 11.58 0.14 -11.67
CA GLU A 28 10.53 0.54 -12.57
C GLU A 28 10.79 -0.18 -13.88
N GLY A 29 9.95 -1.14 -14.17
CA GLY A 29 10.32 -2.15 -15.11
C GLY A 29 9.95 -1.88 -16.55
N ASP A 30 8.77 -2.33 -16.93
CA ASP A 30 8.43 -2.49 -18.33
C ASP A 30 8.06 -1.19 -19.02
N GLY A 31 7.11 -0.46 -18.45
CA GLY A 31 6.54 0.66 -19.20
C GLY A 31 5.85 1.69 -18.35
N PRO A 32 4.59 1.44 -17.93
CA PRO A 32 3.73 2.45 -17.34
C PRO A 32 3.78 2.46 -15.82
N GLU A 33 3.15 3.47 -15.24
CA GLU A 33 3.20 3.72 -13.82
C GLU A 33 1.77 3.68 -13.31
N ALA A 34 1.45 2.72 -12.46
CA ALA A 34 0.10 2.62 -11.95
C ALA A 34 -0.28 3.90 -11.24
N VAL A 35 -1.23 4.61 -11.79
CA VAL A 35 -1.60 5.87 -11.23
C VAL A 35 -3.12 5.99 -11.14
N LYS A 36 -3.58 7.11 -10.61
CA LYS A 36 -5.00 7.39 -10.44
C LYS A 36 -5.81 7.08 -11.70
N GLY A 37 -6.87 6.30 -11.55
CA GLY A 37 -7.76 5.97 -12.64
C GLY A 37 -7.26 4.85 -13.52
N SER A 38 -5.97 4.56 -13.44
CA SER A 38 -5.39 3.46 -14.17
C SER A 38 -5.72 2.16 -13.48
N ASN A 39 -5.93 1.14 -14.29
CA ASN A 39 -6.18 -0.18 -13.79
C ASN A 39 -4.90 -0.72 -13.19
N VAL A 40 -4.98 -1.29 -12.03
CA VAL A 40 -3.82 -1.67 -11.28
C VAL A 40 -3.72 -3.17 -11.20
N SER A 41 -2.52 -3.69 -11.35
CA SER A 41 -2.27 -5.08 -11.19
C SER A 41 -0.96 -5.30 -10.45
N MET A 42 -1.04 -5.70 -9.19
CA MET A 42 0.16 -5.89 -8.39
C MET A 42 -0.08 -6.87 -7.26
N HIS A 43 0.97 -7.12 -6.49
CA HIS A 43 0.90 -8.06 -5.38
C HIS A 43 2.01 -7.79 -4.35
N TYR A 44 1.67 -7.96 -3.08
CA TYR A 44 2.60 -7.74 -1.97
C TYR A 44 2.81 -9.04 -1.25
N VAL A 45 3.70 -8.99 -0.26
CA VAL A 45 3.89 -10.05 0.70
C VAL A 45 4.49 -9.44 1.98
N GLY A 46 3.85 -9.71 3.11
CA GLY A 46 4.21 -9.05 4.34
C GLY A 46 5.26 -9.79 5.14
N VAL A 47 6.06 -9.02 5.87
CA VAL A 47 7.08 -9.58 6.73
C VAL A 47 6.87 -9.17 8.17
N SER A 48 7.49 -9.96 9.02
CA SER A 48 7.61 -9.69 10.44
C SER A 48 6.28 -9.58 11.14
N TRP A 49 6.35 -9.23 12.41
CA TRP A 49 5.20 -8.98 13.26
C TRP A 49 4.39 -10.25 13.56
N SER A 50 4.08 -11.02 12.53
CA SER A 50 3.39 -12.28 12.70
C SER A 50 4.36 -13.39 13.08
N THR A 51 5.56 -13.38 12.49
CA THR A 51 6.51 -14.46 12.74
C THR A 51 7.97 -14.01 12.57
N GLY A 52 8.17 -12.77 12.15
CA GLY A 52 9.51 -12.32 11.84
C GLY A 52 9.83 -12.57 10.40
N GLU A 53 9.83 -11.48 9.63
CA GLU A 53 10.14 -11.53 8.20
C GLU A 53 9.06 -12.27 7.41
N GLU A 54 9.27 -12.30 6.11
CA GLU A 54 8.43 -12.98 5.11
C GLU A 54 7.44 -13.98 5.73
N PHE A 55 6.15 -13.70 5.61
CA PHE A 55 5.14 -14.68 5.98
C PHE A 55 4.00 -14.72 4.95
N ASP A 56 3.39 -13.58 4.66
CA ASP A 56 2.24 -13.51 3.75
C ASP A 56 1.73 -12.08 3.66
N ALA A 57 1.03 -11.74 2.58
CA ALA A 57 0.47 -10.41 2.43
C ALA A 57 -1.04 -10.42 2.56
N SER A 58 -1.60 -9.24 2.71
CA SER A 58 -3.02 -9.02 2.56
C SER A 58 -3.37 -9.18 1.09
N TRP A 59 -2.48 -8.62 0.28
CA TRP A 59 -2.58 -8.62 -1.16
C TRP A 59 -2.36 -10.03 -1.72
N ASN A 60 -1.66 -10.86 -0.95
CA ASN A 60 -1.26 -12.20 -1.41
C ASN A 60 -2.48 -13.11 -1.59
N ARG A 61 -3.13 -12.97 -2.73
CA ARG A 61 -4.23 -13.85 -3.10
C ARG A 61 -3.71 -15.01 -3.95
N GLY A 62 -2.39 -15.17 -3.96
CA GLY A 62 -1.77 -16.15 -4.84
C GLY A 62 -1.83 -15.69 -6.28
N SER A 63 -1.99 -14.39 -6.45
CA SER A 63 -2.20 -13.79 -7.76
C SER A 63 -2.16 -12.27 -7.63
N THR A 64 -2.30 -11.59 -8.75
CA THR A 64 -2.25 -10.14 -8.80
C THR A 64 -3.63 -9.54 -8.55
N LEU A 65 -3.67 -8.45 -7.78
CA LEU A 65 -4.90 -7.70 -7.58
C LEU A 65 -5.11 -6.79 -8.78
N ASP A 66 -6.32 -6.76 -9.30
CA ASP A 66 -6.66 -5.91 -10.42
C ASP A 66 -7.77 -4.95 -10.03
N PHE A 67 -7.39 -3.72 -9.76
CA PHE A 67 -8.36 -2.71 -9.37
C PHE A 67 -7.94 -1.33 -9.87
N THR A 68 -8.89 -0.41 -10.01
CA THR A 68 -8.59 0.93 -10.47
C THR A 68 -8.12 1.81 -9.32
N LEU A 69 -6.95 2.42 -9.48
CA LEU A 69 -6.45 3.39 -8.51
C LEU A 69 -7.24 4.68 -8.66
N GLY A 70 -7.05 5.62 -7.77
CA GLY A 70 -7.60 6.93 -8.02
C GLY A 70 -8.06 7.67 -6.79
N THR A 71 -7.34 7.48 -5.69
CA THR A 71 -7.51 8.29 -4.49
C THR A 71 -8.93 8.23 -3.94
N GLY A 72 -9.12 7.33 -3.01
CA GLY A 72 -10.43 7.11 -2.45
C GLY A 72 -10.86 5.67 -2.55
N ARG A 73 -9.89 4.78 -2.59
CA ARG A 73 -10.17 3.37 -2.79
C ARG A 73 -10.27 2.57 -1.47
N VAL A 74 -9.30 2.74 -0.58
CA VAL A 74 -9.17 1.78 0.55
C VAL A 74 -8.76 2.43 1.88
N ILE A 75 -7.46 2.59 2.12
CA ILE A 75 -6.96 3.27 3.32
C ILE A 75 -5.87 4.27 2.98
N LYS A 76 -5.44 5.02 4.01
CA LYS A 76 -4.49 6.16 3.89
C LYS A 76 -3.49 6.00 2.77
N GLY A 77 -2.80 4.89 2.69
CA GLY A 77 -1.73 4.87 1.75
C GLY A 77 -1.69 3.69 0.78
N TRP A 78 -2.77 2.92 0.66
CA TRP A 78 -2.84 1.91 -0.39
C TRP A 78 -2.87 2.60 -1.75
N ASP A 79 -3.69 3.64 -1.87
CA ASP A 79 -3.71 4.46 -3.08
C ASP A 79 -2.33 5.08 -3.29
N MET A 80 -1.70 5.47 -2.18
CA MET A 80 -0.41 6.15 -2.24
C MET A 80 0.70 5.21 -2.67
N GLY A 81 0.56 3.94 -2.30
CA GLY A 81 1.57 2.97 -2.64
C GLY A 81 1.57 2.63 -4.11
N ILE A 82 0.38 2.42 -4.64
CA ILE A 82 0.19 2.12 -6.06
C ILE A 82 0.56 3.34 -6.89
N ALA A 83 0.07 4.49 -6.45
CA ALA A 83 0.31 5.73 -7.18
C ALA A 83 1.79 6.03 -7.22
N GLY A 84 2.41 5.65 -8.31
CA GLY A 84 3.85 5.79 -8.41
C GLY A 84 4.54 4.50 -8.79
N MET A 85 3.91 3.38 -8.44
CA MET A 85 4.41 2.09 -8.83
C MET A 85 4.53 2.00 -10.34
N LYS A 86 5.60 1.41 -10.83
CA LYS A 86 5.80 1.25 -12.26
C LYS A 86 5.87 -0.24 -12.57
N VAL A 87 5.10 -0.66 -13.57
CA VAL A 87 4.94 -2.06 -13.88
C VAL A 87 6.30 -2.71 -14.03
N GLY A 88 6.46 -3.77 -13.31
CA GLY A 88 7.69 -4.51 -13.35
C GLY A 88 8.71 -3.94 -12.37
N GLY A 89 8.20 -3.27 -11.36
CA GLY A 89 9.03 -2.62 -10.39
C GLY A 89 8.60 -2.94 -8.97
N ARG A 90 9.54 -2.90 -8.05
CA ARG A 90 9.29 -3.34 -6.69
C ARG A 90 9.13 -2.14 -5.76
N ARG A 91 8.44 -2.36 -4.67
CA ARG A 91 8.32 -1.36 -3.62
C ARG A 91 8.39 -2.04 -2.27
N LYS A 92 8.94 -1.35 -1.29
CA LYS A 92 8.96 -1.85 0.07
C LYS A 92 8.04 -1.01 0.92
N LEU A 93 7.00 -1.64 1.45
CA LEU A 93 6.03 -0.92 2.25
C LEU A 93 6.21 -1.22 3.72
N VAL A 94 6.14 -0.19 4.55
CA VAL A 94 6.10 -0.38 5.98
C VAL A 94 4.73 0.04 6.51
N ILE A 95 4.09 -0.90 7.18
CA ILE A 95 2.70 -0.77 7.60
C ILE A 95 2.61 -0.21 9.02
N PRO A 96 2.05 0.99 9.20
CA PRO A 96 1.78 1.54 10.52
C PRO A 96 0.47 1.01 11.08
N PRO A 97 0.29 1.09 12.40
CA PRO A 97 -0.98 0.79 13.03
C PRO A 97 -2.08 1.68 12.46
N HIS A 98 -1.74 2.95 12.32
CA HIS A 98 -2.68 3.96 11.85
C HIS A 98 -2.58 4.08 10.34
N LEU A 99 -2.92 2.99 9.66
CA LEU A 99 -3.10 2.98 8.21
C LEU A 99 -3.47 1.57 7.80
N ALA A 100 -2.43 0.80 7.58
CA ALA A 100 -2.52 -0.45 6.87
C ALA A 100 -2.62 -1.63 7.80
N TYR A 101 -2.26 -1.44 9.06
CA TYR A 101 -2.45 -2.51 9.99
C TYR A 101 -3.90 -2.58 10.39
N GLY A 102 -4.36 -1.55 11.09
CA GLY A 102 -5.70 -1.59 11.63
C GLY A 102 -6.40 -0.25 11.64
N ASP A 103 -5.76 0.75 11.01
CA ASP A 103 -6.18 2.16 11.15
C ASP A 103 -6.50 2.45 12.61
N ARG A 104 -5.70 1.78 13.45
CA ARG A 104 -5.87 1.76 14.89
C ARG A 104 -4.52 1.47 15.54
N SER A 105 -4.34 0.22 16.02
CA SER A 105 -3.15 -0.19 16.78
C SER A 105 -3.41 -1.42 17.65
N PRO A 106 -2.54 -2.42 17.56
CA PRO A 106 -2.55 -3.58 18.44
C PRO A 106 -1.61 -3.43 19.64
N SER A 107 -0.34 -3.10 19.35
CA SER A 107 0.75 -3.12 20.34
C SER A 107 2.09 -2.93 19.64
N PRO A 108 3.13 -2.57 20.41
CA PRO A 108 4.56 -2.70 20.03
C PRO A 108 4.91 -4.00 19.30
N ALA A 109 4.04 -5.00 19.37
CA ALA A 109 4.20 -6.20 18.55
C ALA A 109 4.13 -5.83 17.08
N ILE A 110 3.65 -4.62 16.83
CA ILE A 110 3.57 -4.06 15.49
C ILE A 110 4.63 -2.94 15.32
N LYS A 111 4.79 -2.49 14.06
CA LYS A 111 5.81 -1.51 13.58
C LYS A 111 6.53 -0.64 14.63
N PRO A 112 5.81 0.08 15.51
CA PRO A 112 6.44 0.96 16.50
C PRO A 112 7.45 0.22 17.37
N GLY A 113 7.13 -1.01 17.69
CA GLY A 113 8.05 -1.86 18.41
C GLY A 113 8.59 -2.96 17.51
N GLU A 114 7.85 -3.23 16.45
CA GLU A 114 8.21 -4.25 15.47
C GLU A 114 8.57 -3.59 14.14
N THR A 115 8.22 -4.24 13.04
CA THR A 115 8.43 -3.66 11.71
C THR A 115 7.63 -4.45 10.67
N LEU A 116 6.45 -3.98 10.35
CA LEU A 116 5.58 -4.65 9.37
C LEU A 116 5.95 -4.22 7.96
N ILE A 117 6.41 -5.15 7.13
CA ILE A 117 6.90 -4.76 5.80
C ILE A 117 6.21 -5.53 4.69
N PHE A 118 5.54 -4.84 3.77
CA PHE A 118 4.89 -5.56 2.70
C PHE A 118 5.57 -5.25 1.40
N VAL A 119 6.43 -6.16 0.99
CA VAL A 119 7.19 -6.01 -0.24
C VAL A 119 6.34 -6.39 -1.44
N VAL A 120 6.37 -5.52 -2.42
CA VAL A 120 5.43 -5.59 -3.53
C VAL A 120 6.12 -5.34 -4.84
N ASP A 121 5.62 -5.94 -5.89
CA ASP A 121 6.08 -5.62 -7.23
C ASP A 121 4.88 -5.39 -8.15
N LEU A 122 4.87 -4.23 -8.79
CA LEU A 122 3.88 -3.91 -9.80
C LEU A 122 4.17 -4.80 -10.99
N VAL A 123 3.14 -5.45 -11.52
CA VAL A 123 3.34 -6.36 -12.65
C VAL A 123 2.61 -5.88 -13.90
N GLY A 124 1.59 -5.04 -13.75
CA GLY A 124 0.86 -4.56 -14.89
C GLY A 124 -0.10 -3.44 -14.56
N VAL A 125 -0.50 -2.74 -15.60
CA VAL A 125 -1.46 -1.66 -15.51
C VAL A 125 -2.50 -1.85 -16.61
N GLY A 126 -3.48 -0.99 -16.64
CA GLY A 126 -4.52 -1.06 -17.64
C GLY A 126 -5.15 0.29 -17.89
N GLY A 1 -16.12 10.06 -7.30
CA GLY A 1 -16.28 8.71 -6.73
C GLY A 1 -16.49 8.75 -5.24
N ALA A 2 -15.89 7.82 -4.52
CA ALA A 2 -15.96 7.78 -3.07
C ALA A 2 -14.60 8.11 -2.47
N MET A 3 -14.26 9.39 -2.48
CA MET A 3 -12.96 9.83 -2.00
C MET A 3 -13.09 11.09 -1.15
N ALA A 4 -12.63 11.00 0.10
CA ALA A 4 -12.77 12.11 1.04
C ALA A 4 -11.40 12.68 1.41
N LEU A 5 -10.56 11.87 2.03
CA LEU A 5 -9.23 12.33 2.41
C LEU A 5 -8.27 12.18 1.24
N GLU A 6 -7.00 11.95 1.56
CA GLU A 6 -5.98 11.67 0.56
C GLU A 6 -6.50 10.77 -0.57
N ARG A 7 -7.13 9.64 -0.25
CA ARG A 7 -7.85 8.88 -1.23
C ARG A 7 -9.25 8.43 -0.75
N PRO A 8 -9.35 7.39 0.10
CA PRO A 8 -10.63 6.77 0.53
C PRO A 8 -11.64 7.73 1.15
N GLU A 9 -12.88 7.25 1.19
CA GLU A 9 -13.91 7.85 1.95
C GLU A 9 -14.76 6.72 2.56
N ILE A 10 -14.30 6.22 3.71
CA ILE A 10 -14.90 5.06 4.36
C ILE A 10 -14.53 5.00 5.83
N ASP A 11 -14.92 3.89 6.46
CA ASP A 11 -14.59 3.56 7.85
C ASP A 11 -15.14 4.57 8.84
N PHE A 12 -14.57 5.74 8.79
CA PHE A 12 -14.90 6.84 9.66
C PHE A 12 -16.22 7.45 9.20
N PRO A 13 -16.77 8.41 9.96
CA PRO A 13 -17.87 9.26 9.49
C PRO A 13 -17.48 10.12 8.29
N GLU A 14 -16.52 9.61 7.50
CA GLU A 14 -15.99 10.27 6.32
C GLU A 14 -15.27 11.57 6.67
N GLY A 15 -14.39 12.00 5.79
CA GLY A 15 -13.64 13.22 6.01
C GLY A 15 -12.41 13.01 6.87
N GLN A 16 -12.63 12.50 8.08
CA GLN A 16 -11.56 12.20 9.03
C GLN A 16 -10.49 11.30 8.38
N PRO A 17 -9.30 11.86 8.13
CA PRO A 17 -8.23 11.16 7.44
C PRO A 17 -7.17 10.54 8.33
N PRO A 18 -6.41 9.59 7.77
CA PRO A 18 -5.12 9.15 8.31
C PRO A 18 -4.06 10.27 8.23
N GLU A 19 -2.83 9.97 7.81
CA GLU A 19 -1.77 10.98 7.84
C GLU A 19 -0.60 10.68 6.93
N TYR A 20 -0.16 9.45 6.90
CA TYR A 20 1.01 9.08 6.09
C TYR A 20 1.22 7.57 5.96
N LEU A 21 1.93 7.20 4.90
CA LEU A 21 2.37 5.85 4.58
C LEU A 21 3.87 5.90 4.27
N ASP A 22 4.64 4.87 4.60
CA ASP A 22 6.08 4.92 4.36
C ASP A 22 6.47 4.06 3.17
N ILE A 23 6.97 4.70 2.12
CA ILE A 23 7.28 4.03 0.87
C ILE A 23 8.76 4.11 0.53
N THR A 24 9.32 3.00 0.06
CA THR A 24 10.71 2.94 -0.36
C THR A 24 10.80 2.28 -1.73
N ASP A 25 11.08 3.06 -2.77
CA ASP A 25 11.02 2.58 -4.15
C ASP A 25 12.27 1.80 -4.53
N ILE A 26 12.08 0.67 -5.21
CA ILE A 26 13.19 -0.13 -5.71
C ILE A 26 12.86 -0.68 -7.10
N THR A 27 13.20 0.10 -8.10
CA THR A 27 13.21 -0.36 -9.50
C THR A 27 11.82 -0.29 -10.16
N GLU A 28 11.83 -0.25 -11.48
CA GLU A 28 10.66 -0.22 -12.33
C GLU A 28 10.94 -1.15 -13.50
N GLY A 29 9.90 -1.66 -14.12
CA GLY A 29 10.13 -2.71 -15.11
C GLY A 29 9.57 -2.45 -16.49
N ASP A 30 8.28 -2.69 -16.63
CA ASP A 30 7.65 -2.76 -17.96
C ASP A 30 7.71 -1.44 -18.71
N GLY A 31 7.42 -0.33 -18.05
CA GLY A 31 7.45 0.93 -18.74
C GLY A 31 6.55 2.03 -18.16
N PRO A 32 5.36 1.73 -17.59
CA PRO A 32 4.41 2.74 -17.17
C PRO A 32 4.37 2.90 -15.65
N GLU A 33 3.31 3.48 -15.16
CA GLU A 33 3.14 3.73 -13.74
C GLU A 33 1.66 3.51 -13.41
N ALA A 34 1.35 2.78 -12.34
CA ALA A 34 -0.03 2.67 -11.94
C ALA A 34 -0.46 3.94 -11.22
N VAL A 35 -1.56 4.53 -11.65
CA VAL A 35 -2.07 5.73 -11.00
C VAL A 35 -3.58 5.71 -10.88
N LYS A 36 -4.11 6.79 -10.33
CA LYS A 36 -5.54 6.96 -10.14
C LYS A 36 -6.31 6.72 -11.44
N GLY A 37 -7.26 5.80 -11.41
CA GLY A 37 -8.10 5.52 -12.56
C GLY A 37 -7.45 4.51 -13.52
N SER A 38 -6.16 4.32 -13.39
CA SER A 38 -5.48 3.30 -14.15
C SER A 38 -5.72 1.95 -13.51
N ASN A 39 -5.73 0.93 -14.35
CA ASN A 39 -5.90 -0.42 -13.89
C ASN A 39 -4.65 -0.85 -13.16
N VAL A 40 -4.83 -1.52 -12.05
CA VAL A 40 -3.72 -1.90 -11.20
C VAL A 40 -3.56 -3.40 -11.20
N SER A 41 -2.32 -3.84 -11.22
CA SER A 41 -2.00 -5.23 -11.09
C SER A 41 -0.74 -5.39 -10.27
N MET A 42 -0.87 -5.93 -9.07
CA MET A 42 0.26 -5.95 -8.14
C MET A 42 0.14 -7.10 -7.15
N HIS A 43 1.19 -7.27 -6.36
CA HIS A 43 1.19 -8.26 -5.29
C HIS A 43 2.16 -7.84 -4.19
N TYR A 44 1.74 -8.02 -2.94
CA TYR A 44 2.58 -7.69 -1.79
C TYR A 44 2.81 -8.93 -0.99
N VAL A 45 3.66 -8.79 0.03
CA VAL A 45 3.87 -9.82 1.03
C VAL A 45 4.46 -9.16 2.27
N GLY A 46 3.76 -9.30 3.38
CA GLY A 46 4.18 -8.67 4.61
C GLY A 46 5.31 -9.42 5.28
N VAL A 47 6.16 -8.69 5.99
CA VAL A 47 7.23 -9.30 6.72
C VAL A 47 7.12 -8.99 8.19
N SER A 48 7.64 -9.95 8.93
CA SER A 48 7.82 -9.85 10.37
C SER A 48 6.56 -9.44 11.09
N TRP A 49 6.71 -9.18 12.36
CA TRP A 49 5.65 -8.67 13.21
C TRP A 49 4.58 -9.73 13.49
N SER A 50 4.12 -10.40 12.45
CA SER A 50 3.18 -11.49 12.60
C SER A 50 3.93 -12.78 12.94
N THR A 51 5.14 -12.94 12.42
CA THR A 51 5.88 -14.17 12.66
C THR A 51 7.39 -14.00 12.49
N GLY A 52 7.82 -13.30 11.45
CA GLY A 52 9.23 -13.11 11.21
C GLY A 52 9.55 -13.09 9.74
N GLU A 53 9.71 -11.88 9.21
CA GLU A 53 10.03 -11.66 7.80
C GLU A 53 8.93 -12.13 6.88
N GLU A 54 9.16 -11.93 5.59
CA GLU A 54 8.22 -12.27 4.51
C GLU A 54 7.42 -13.53 4.83
N PHE A 55 6.15 -13.34 5.18
CA PHE A 55 5.29 -14.46 5.55
C PHE A 55 4.04 -14.52 4.67
N ASP A 56 3.39 -13.37 4.51
CA ASP A 56 2.10 -13.30 3.82
C ASP A 56 1.60 -11.86 3.76
N ALA A 57 0.94 -11.51 2.67
CA ALA A 57 0.34 -10.20 2.55
C ALA A 57 -1.17 -10.30 2.54
N SER A 58 -1.83 -9.18 2.68
CA SER A 58 -3.26 -9.11 2.44
C SER A 58 -3.48 -9.27 0.95
N TRP A 59 -2.58 -8.61 0.23
CA TRP A 59 -2.53 -8.66 -1.22
C TRP A 59 -2.16 -10.06 -1.70
N ASN A 60 -1.45 -10.80 -0.84
CA ASN A 60 -1.01 -12.15 -1.18
C ASN A 60 -2.17 -13.13 -1.07
N ARG A 61 -3.26 -12.82 -1.75
CA ARG A 61 -4.48 -13.61 -1.65
C ARG A 61 -4.51 -14.74 -2.68
N GLY A 62 -3.35 -15.01 -3.29
CA GLY A 62 -3.24 -16.13 -4.19
C GLY A 62 -3.06 -15.70 -5.64
N SER A 63 -3.40 -14.47 -5.94
CA SER A 63 -3.31 -13.96 -7.30
C SER A 63 -3.00 -12.47 -7.29
N THR A 64 -2.63 -11.94 -8.45
CA THR A 64 -2.37 -10.52 -8.59
C THR A 64 -3.66 -9.73 -8.38
N LEU A 65 -3.56 -8.58 -7.76
CA LEU A 65 -4.70 -7.72 -7.60
C LEU A 65 -4.89 -6.89 -8.85
N ASP A 66 -6.00 -7.12 -9.53
CA ASP A 66 -6.31 -6.43 -10.78
C ASP A 66 -7.53 -5.54 -10.57
N PHE A 67 -7.29 -4.31 -10.20
CA PHE A 67 -8.38 -3.38 -9.92
C PHE A 67 -7.98 -1.96 -10.28
N THR A 68 -8.95 -1.12 -10.59
CA THR A 68 -8.68 0.25 -10.96
C THR A 68 -8.40 1.11 -9.73
N LEU A 69 -7.20 1.70 -9.70
CA LEU A 69 -6.81 2.61 -8.63
C LEU A 69 -7.77 3.79 -8.54
N GLY A 70 -7.83 4.42 -7.39
CA GLY A 70 -8.78 5.47 -7.16
C GLY A 70 -10.09 4.94 -6.65
N THR A 71 -10.01 3.80 -5.97
CA THR A 71 -11.18 3.17 -5.42
C THR A 71 -11.78 4.02 -4.30
N GLY A 72 -10.90 4.72 -3.58
CA GLY A 72 -11.33 5.45 -2.41
C GLY A 72 -11.96 4.56 -1.36
N ARG A 73 -11.50 3.31 -1.30
CA ARG A 73 -12.11 2.31 -0.43
C ARG A 73 -11.13 1.77 0.61
N VAL A 74 -9.84 1.88 0.30
CA VAL A 74 -8.81 1.35 1.19
C VAL A 74 -8.47 2.36 2.29
N ILE A 75 -7.31 2.21 2.91
CA ILE A 75 -6.83 3.23 3.84
C ILE A 75 -6.04 4.29 3.08
N LYS A 76 -5.65 5.39 3.74
CA LYS A 76 -4.92 6.49 3.07
C LYS A 76 -3.84 5.96 2.10
N GLY A 77 -3.00 5.05 2.61
CA GLY A 77 -1.73 4.75 1.96
C GLY A 77 -1.80 3.75 0.82
N TRP A 78 -2.66 2.74 0.90
CA TRP A 78 -2.72 1.72 -0.14
C TRP A 78 -2.89 2.34 -1.52
N ASP A 79 -3.89 3.19 -1.67
CA ASP A 79 -4.14 3.85 -2.93
C ASP A 79 -3.00 4.82 -3.27
N MET A 80 -2.34 5.36 -2.23
CA MET A 80 -1.22 6.28 -2.40
C MET A 80 -0.03 5.55 -2.96
N GLY A 81 0.19 4.35 -2.45
CA GLY A 81 1.31 3.56 -2.84
C GLY A 81 1.24 3.15 -4.28
N ILE A 82 0.07 2.72 -4.71
CA ILE A 82 -0.13 2.31 -6.09
C ILE A 82 0.10 3.49 -6.99
N ALA A 83 -0.50 4.61 -6.60
CA ALA A 83 -0.41 5.83 -7.38
C ALA A 83 1.02 6.36 -7.36
N GLY A 84 1.82 5.83 -8.24
CA GLY A 84 3.24 6.13 -8.25
C GLY A 84 4.09 4.91 -8.51
N MET A 85 3.53 3.74 -8.28
CA MET A 85 4.23 2.50 -8.56
C MET A 85 4.44 2.35 -10.06
N LYS A 86 5.59 1.81 -10.46
CA LYS A 86 5.84 1.61 -11.86
C LYS A 86 5.64 0.18 -12.18
N VAL A 87 5.07 -0.11 -13.33
CA VAL A 87 4.80 -1.46 -13.65
C VAL A 87 6.11 -2.17 -13.86
N GLY A 88 6.26 -3.26 -13.16
CA GLY A 88 7.43 -4.08 -13.27
C GLY A 88 8.47 -3.73 -12.22
N GLY A 89 8.04 -3.00 -11.21
CA GLY A 89 8.95 -2.51 -10.20
C GLY A 89 8.58 -2.98 -8.80
N ARG A 90 9.54 -2.88 -7.89
CA ARG A 90 9.37 -3.37 -6.53
C ARG A 90 9.48 -2.22 -5.55
N ARG A 91 8.89 -2.37 -4.37
CA ARG A 91 8.97 -1.34 -3.35
C ARG A 91 8.81 -1.94 -1.97
N LYS A 92 9.62 -1.45 -1.04
CA LYS A 92 9.47 -1.82 0.36
C LYS A 92 8.50 -0.87 1.02
N LEU A 93 7.41 -1.41 1.51
CA LEU A 93 6.40 -0.58 2.13
C LEU A 93 6.48 -0.72 3.63
N VAL A 94 6.71 0.39 4.31
CA VAL A 94 6.78 0.41 5.75
C VAL A 94 5.48 0.93 6.31
N ILE A 95 4.98 0.25 7.33
CA ILE A 95 3.65 0.52 7.85
C ILE A 95 3.67 1.57 8.99
N PRO A 96 3.10 2.78 8.74
CA PRO A 96 2.94 3.84 9.75
C PRO A 96 1.71 3.67 10.61
N PRO A 97 1.69 4.25 11.83
CA PRO A 97 0.52 4.23 12.68
C PRO A 97 -0.67 4.91 12.08
N HIS A 98 -0.44 6.12 11.59
CA HIS A 98 -1.53 6.98 11.19
C HIS A 98 -1.98 6.65 9.79
N LEU A 99 -1.78 5.40 9.42
CA LEU A 99 -2.40 4.87 8.24
C LEU A 99 -2.42 3.34 8.29
N ALA A 100 -1.31 2.77 7.91
CA ALA A 100 -1.22 1.32 7.71
C ALA A 100 -1.35 0.50 9.00
N TYR A 101 -0.81 0.97 10.14
CA TYR A 101 -1.13 0.35 11.43
C TYR A 101 -2.63 0.31 11.56
N GLY A 102 -3.15 1.51 11.65
CA GLY A 102 -4.53 1.71 12.00
C GLY A 102 -5.10 3.00 11.46
N ASP A 103 -4.32 4.07 11.67
CA ASP A 103 -4.75 5.46 11.67
C ASP A 103 -4.49 5.96 13.08
N ARG A 104 -4.10 5.00 13.93
CA ARG A 104 -3.89 5.23 15.34
C ARG A 104 -2.49 4.82 15.81
N SER A 105 -2.34 3.57 16.29
CA SER A 105 -1.18 3.13 17.09
C SER A 105 -1.54 1.99 18.07
N PRO A 106 -0.93 0.79 17.92
CA PRO A 106 -1.04 -0.30 18.90
C PRO A 106 -0.07 -0.12 20.08
N SER A 107 1.22 0.03 19.74
CA SER A 107 2.38 0.02 20.64
C SER A 107 3.61 -0.38 19.82
N PRO A 108 4.85 -0.32 20.37
CA PRO A 108 6.05 -0.84 19.70
C PRO A 108 5.89 -2.25 19.13
N ALA A 109 4.92 -2.99 19.66
CA ALA A 109 4.60 -4.32 19.15
C ALA A 109 4.34 -4.28 17.64
N ILE A 110 4.10 -3.09 17.12
CA ILE A 110 4.00 -2.88 15.70
C ILE A 110 4.95 -1.77 15.20
N LYS A 111 6.01 -2.18 14.45
CA LYS A 111 6.91 -1.32 13.64
C LYS A 111 8.29 -1.01 14.27
N PRO A 112 8.39 -0.30 15.42
CA PRO A 112 9.68 -0.02 16.03
C PRO A 112 10.18 -1.17 16.90
N GLY A 113 9.38 -1.55 17.88
CA GLY A 113 9.69 -2.71 18.68
C GLY A 113 9.56 -3.96 17.85
N GLU A 114 8.69 -3.91 16.87
CA GLU A 114 8.56 -4.98 15.90
C GLU A 114 9.08 -4.51 14.55
N THR A 115 8.55 -5.04 13.45
CA THR A 115 8.95 -4.63 12.12
C THR A 115 7.88 -5.02 11.10
N LEU A 116 7.06 -4.06 10.71
CA LEU A 116 5.98 -4.31 9.74
C LEU A 116 6.38 -3.86 8.34
N ILE A 117 6.81 -4.79 7.49
CA ILE A 117 7.24 -4.40 6.15
C ILE A 117 6.49 -5.15 5.08
N PHE A 118 5.75 -4.46 4.25
CA PHE A 118 5.02 -5.13 3.20
C PHE A 118 5.69 -4.89 1.86
N VAL A 119 6.41 -5.89 1.40
CA VAL A 119 7.12 -5.81 0.15
C VAL A 119 6.14 -5.92 -1.00
N VAL A 120 6.28 -5.01 -1.94
CA VAL A 120 5.31 -4.88 -3.01
C VAL A 120 5.99 -4.99 -4.36
N ASP A 121 5.22 -5.33 -5.36
CA ASP A 121 5.73 -5.46 -6.71
C ASP A 121 4.61 -5.18 -7.72
N LEU A 122 4.78 -4.10 -8.47
CA LEU A 122 3.81 -3.71 -9.48
C LEU A 122 4.08 -4.53 -10.74
N VAL A 123 3.05 -5.20 -11.26
CA VAL A 123 3.23 -6.08 -12.41
C VAL A 123 2.31 -5.73 -13.57
N GLY A 124 1.46 -4.72 -13.43
CA GLY A 124 0.62 -4.34 -14.56
C GLY A 124 -0.17 -3.07 -14.33
N VAL A 125 -0.51 -2.44 -15.44
CA VAL A 125 -1.35 -1.25 -15.45
C VAL A 125 -2.33 -1.37 -16.62
N GLY A 126 -3.28 -0.47 -16.67
CA GLY A 126 -4.22 -0.43 -17.76
C GLY A 126 -4.77 0.96 -17.96
N GLY A 1 -18.27 7.40 -2.62
CA GLY A 1 -18.28 6.30 -1.63
C GLY A 1 -16.92 5.66 -1.47
N ALA A 2 -16.77 4.85 -0.43
CA ALA A 2 -15.52 4.13 -0.17
C ALA A 2 -14.36 5.09 0.05
N MET A 3 -14.56 6.09 0.89
CA MET A 3 -13.54 7.08 1.15
C MET A 3 -13.40 7.35 2.65
N ALA A 4 -12.19 7.66 3.07
CA ALA A 4 -11.92 7.92 4.48
C ALA A 4 -11.24 9.28 4.66
N LEU A 5 -9.95 9.35 4.37
CA LEU A 5 -9.22 10.61 4.49
C LEU A 5 -7.96 10.65 3.62
N GLU A 6 -7.05 9.68 3.78
CA GLU A 6 -5.84 9.66 2.96
C GLU A 6 -6.17 9.31 1.53
N ARG A 7 -6.96 8.27 1.36
CA ARG A 7 -7.26 7.78 0.03
C ARG A 7 -8.05 8.77 -0.84
N PRO A 8 -9.12 9.36 -0.30
CA PRO A 8 -9.96 10.34 -0.99
C PRO A 8 -9.29 11.69 -1.15
N GLU A 9 -9.99 12.60 -1.82
CA GLU A 9 -9.50 13.94 -2.03
C GLU A 9 -10.61 14.96 -1.81
N ILE A 10 -11.03 15.07 -0.55
CA ILE A 10 -12.11 15.96 -0.15
C ILE A 10 -12.12 16.09 1.37
N ASP A 11 -13.19 16.69 1.89
CA ASP A 11 -13.40 16.84 3.34
C ASP A 11 -12.45 17.85 3.93
N PHE A 12 -11.20 17.46 4.00
CA PHE A 12 -10.15 18.25 4.59
C PHE A 12 -9.28 18.81 3.47
N PRO A 13 -8.29 19.63 3.81
CA PRO A 13 -7.21 19.98 2.90
C PRO A 13 -6.71 18.74 2.16
N GLU A 14 -7.03 18.65 0.88
CA GLU A 14 -6.82 17.44 0.10
C GLU A 14 -5.35 17.01 0.14
N GLY A 15 -5.14 15.71 0.29
CA GLY A 15 -3.81 15.15 0.28
C GLY A 15 -2.97 15.60 1.45
N GLN A 16 -3.61 16.04 2.52
CA GLN A 16 -2.89 16.46 3.73
C GLN A 16 -3.43 15.77 5.00
N PRO A 17 -3.52 14.42 4.99
CA PRO A 17 -3.90 13.59 6.12
C PRO A 17 -2.65 12.96 6.75
N PRO A 18 -2.75 11.78 7.40
CA PRO A 18 -1.60 10.87 7.58
C PRO A 18 -0.83 10.63 6.25
N GLU A 19 -0.06 9.55 6.19
CA GLU A 19 0.95 9.39 5.13
C GLU A 19 1.80 8.20 5.51
N TYR A 20 1.19 7.30 6.25
CA TYR A 20 1.93 6.32 7.03
C TYR A 20 2.37 5.14 6.22
N LEU A 21 1.90 5.14 5.02
CA LEU A 21 2.31 4.19 4.03
C LEU A 21 3.76 4.48 3.68
N ASP A 22 4.65 3.53 3.90
CA ASP A 22 6.04 3.79 3.54
C ASP A 22 6.43 3.00 2.32
N ILE A 23 6.72 3.70 1.23
CA ILE A 23 7.04 3.08 -0.02
C ILE A 23 8.50 3.32 -0.41
N THR A 24 9.22 2.23 -0.63
CA THR A 24 10.61 2.30 -1.04
C THR A 24 10.78 1.70 -2.43
N ASP A 25 11.27 2.50 -3.38
CA ASP A 25 11.46 2.01 -4.75
C ASP A 25 12.67 1.10 -4.87
N ILE A 26 12.43 -0.11 -5.35
CA ILE A 26 13.50 -1.02 -5.74
C ILE A 26 13.27 -1.44 -7.19
N THR A 27 13.61 -0.54 -8.10
CA THR A 27 13.52 -0.79 -9.54
C THR A 27 12.12 -0.46 -10.09
N GLU A 28 12.08 -0.18 -11.38
CA GLU A 28 10.89 0.14 -12.13
C GLU A 28 11.09 -0.43 -13.52
N GLY A 29 10.14 -1.23 -13.95
CA GLY A 29 10.37 -2.08 -15.11
C GLY A 29 10.07 -1.40 -16.43
N ASP A 30 8.80 -1.36 -16.79
CA ASP A 30 8.38 -0.73 -18.04
C ASP A 30 8.06 0.72 -17.77
N GLY A 31 7.67 0.97 -16.54
CA GLY A 31 7.57 2.33 -16.04
C GLY A 31 6.62 3.25 -16.80
N PRO A 32 5.30 3.03 -16.71
CA PRO A 32 4.33 4.06 -17.02
C PRO A 32 4.14 4.94 -15.78
N GLU A 33 3.33 4.42 -14.83
CA GLU A 33 3.19 4.94 -13.47
C GLU A 33 1.76 4.69 -12.99
N ALA A 34 1.60 4.10 -11.81
CA ALA A 34 0.29 4.01 -11.17
C ALA A 34 -0.28 5.39 -10.90
N VAL A 35 -1.51 5.68 -11.37
CA VAL A 35 -2.10 6.98 -11.08
C VAL A 35 -3.62 7.04 -11.35
N LYS A 36 -4.38 6.74 -10.30
CA LYS A 36 -5.84 7.02 -10.20
C LYS A 36 -6.66 6.72 -11.46
N GLY A 37 -7.49 5.71 -11.37
CA GLY A 37 -8.34 5.33 -12.50
C GLY A 37 -7.60 4.42 -13.45
N SER A 38 -6.30 4.40 -13.29
CA SER A 38 -5.45 3.56 -14.07
C SER A 38 -5.49 2.10 -13.58
N ASN A 39 -5.21 1.20 -14.50
CA ASN A 39 -5.31 -0.24 -14.28
C ASN A 39 -4.22 -0.74 -13.35
N VAL A 40 -4.59 -1.35 -12.24
CA VAL A 40 -3.60 -1.76 -11.24
C VAL A 40 -3.44 -3.26 -11.29
N SER A 41 -2.19 -3.68 -11.19
CA SER A 41 -1.86 -5.08 -11.11
C SER A 41 -0.60 -5.22 -10.28
N MET A 42 -0.70 -5.86 -9.12
CA MET A 42 0.45 -5.98 -8.24
C MET A 42 0.23 -6.99 -7.13
N HIS A 43 1.31 -7.31 -6.43
CA HIS A 43 1.25 -8.24 -5.31
C HIS A 43 2.30 -7.90 -4.25
N TYR A 44 1.96 -8.10 -2.98
CA TYR A 44 2.87 -7.85 -1.87
C TYR A 44 3.09 -9.13 -1.11
N VAL A 45 3.93 -9.05 -0.09
CA VAL A 45 4.10 -10.10 0.90
C VAL A 45 4.69 -9.49 2.17
N GLY A 46 4.03 -9.75 3.30
CA GLY A 46 4.41 -9.12 4.54
C GLY A 46 5.37 -9.95 5.36
N VAL A 47 6.22 -9.27 6.10
CA VAL A 47 7.17 -9.93 6.98
C VAL A 47 6.96 -9.50 8.42
N SER A 48 7.51 -10.34 9.29
CA SER A 48 7.66 -10.08 10.72
C SER A 48 6.36 -9.61 11.36
N TRP A 49 6.52 -8.95 12.50
CA TRP A 49 5.44 -8.47 13.34
C TRP A 49 4.60 -9.62 13.91
N SER A 50 4.05 -10.44 13.02
CA SER A 50 3.21 -11.56 13.41
C SER A 50 4.03 -12.79 13.77
N THR A 51 4.98 -13.17 12.91
CA THR A 51 5.62 -14.47 13.04
C THR A 51 7.13 -14.42 12.78
N GLY A 52 7.64 -13.26 12.43
CA GLY A 52 9.04 -13.14 12.13
C GLY A 52 9.31 -13.35 10.66
N GLU A 53 9.54 -12.24 9.98
CA GLU A 53 9.95 -12.26 8.57
C GLU A 53 8.85 -12.72 7.64
N GLU A 54 9.14 -12.61 6.36
CA GLU A 54 8.19 -12.92 5.28
C GLU A 54 7.33 -14.14 5.58
N PHE A 55 6.02 -13.96 5.48
CA PHE A 55 5.08 -15.04 5.73
C PHE A 55 3.88 -14.96 4.79
N ASP A 56 3.29 -13.77 4.65
CA ASP A 56 2.09 -13.60 3.84
C ASP A 56 1.71 -12.12 3.76
N ALA A 57 1.12 -11.71 2.65
CA ALA A 57 0.61 -10.35 2.52
C ALA A 57 -0.90 -10.34 2.60
N SER A 58 -1.46 -9.17 2.77
CA SER A 58 -2.89 -8.98 2.61
C SER A 58 -3.22 -9.14 1.14
N TRP A 59 -2.31 -8.61 0.35
CA TRP A 59 -2.37 -8.67 -1.09
C TRP A 59 -2.09 -10.08 -1.60
N ASN A 60 -1.39 -10.87 -0.78
CA ASN A 60 -1.02 -12.23 -1.17
C ASN A 60 -2.24 -13.14 -1.22
N ARG A 61 -3.01 -13.00 -2.27
CA ARG A 61 -4.22 -13.79 -2.46
C ARG A 61 -3.90 -15.05 -3.25
N GLY A 62 -2.66 -15.12 -3.74
CA GLY A 62 -2.29 -16.19 -4.63
C GLY A 62 -2.47 -15.76 -6.07
N SER A 63 -2.60 -14.45 -6.26
CA SER A 63 -2.85 -13.86 -7.56
C SER A 63 -2.56 -12.37 -7.51
N THR A 64 -2.21 -11.79 -8.64
CA THR A 64 -1.95 -10.37 -8.72
C THR A 64 -3.26 -9.60 -8.61
N LEU A 65 -3.30 -8.59 -7.74
CA LEU A 65 -4.49 -7.78 -7.60
C LEU A 65 -4.67 -6.92 -8.84
N ASP A 66 -5.72 -7.19 -9.58
CA ASP A 66 -6.04 -6.43 -10.77
C ASP A 66 -7.28 -5.59 -10.53
N PHE A 67 -7.06 -4.38 -10.08
CA PHE A 67 -8.16 -3.47 -9.77
C PHE A 67 -7.85 -2.10 -10.32
N THR A 68 -8.77 -1.16 -10.16
CA THR A 68 -8.55 0.18 -10.64
C THR A 68 -8.35 1.15 -9.48
N LEU A 69 -7.19 1.82 -9.48
CA LEU A 69 -6.93 2.90 -8.51
C LEU A 69 -7.93 4.02 -8.75
N GLY A 70 -7.89 5.05 -7.95
CA GLY A 70 -8.64 6.24 -8.33
C GLY A 70 -9.21 7.02 -7.18
N THR A 71 -8.50 7.02 -6.05
CA THR A 71 -8.84 7.92 -4.96
C THR A 71 -10.06 7.40 -4.21
N GLY A 72 -9.81 6.78 -3.08
CA GLY A 72 -10.87 6.20 -2.29
C GLY A 72 -11.27 4.82 -2.78
N ARG A 73 -10.44 3.84 -2.46
CA ARG A 73 -10.72 2.46 -2.80
C ARG A 73 -10.85 1.58 -1.56
N VAL A 74 -9.79 1.52 -0.75
CA VAL A 74 -9.70 0.52 0.33
C VAL A 74 -9.49 1.16 1.71
N ILE A 75 -8.25 1.36 2.11
CA ILE A 75 -7.94 2.02 3.38
C ILE A 75 -7.15 3.28 3.11
N LYS A 76 -6.74 3.99 4.17
CA LYS A 76 -6.10 5.29 4.05
C LYS A 76 -5.10 5.35 2.90
N GLY A 77 -4.05 4.53 2.90
CA GLY A 77 -3.03 4.76 1.90
C GLY A 77 -2.63 3.54 1.05
N TRP A 78 -3.55 2.63 0.77
CA TRP A 78 -3.29 1.64 -0.28
C TRP A 78 -3.47 2.32 -1.62
N ASP A 79 -4.53 3.09 -1.75
CA ASP A 79 -4.82 3.81 -2.99
C ASP A 79 -3.75 4.86 -3.24
N MET A 80 -3.42 5.62 -2.21
CA MET A 80 -2.39 6.63 -2.32
C MET A 80 -1.03 5.98 -2.43
N GLY A 81 -0.91 4.79 -1.85
CA GLY A 81 0.31 4.05 -1.90
C GLY A 81 0.66 3.58 -3.30
N ILE A 82 -0.30 2.95 -3.97
CA ILE A 82 -0.10 2.47 -5.33
C ILE A 82 0.27 3.62 -6.23
N ALA A 83 -0.52 4.70 -6.11
CA ALA A 83 -0.35 5.87 -6.94
C ALA A 83 1.07 6.42 -6.86
N GLY A 84 1.85 6.14 -7.89
CA GLY A 84 3.24 6.54 -7.90
C GLY A 84 4.16 5.39 -8.29
N MET A 85 3.76 4.17 -7.95
CA MET A 85 4.55 2.99 -8.25
C MET A 85 4.66 2.77 -9.76
N LYS A 86 5.76 2.17 -10.23
CA LYS A 86 5.91 1.94 -11.66
C LYS A 86 5.87 0.48 -11.95
N VAL A 87 5.55 0.13 -13.18
CA VAL A 87 5.30 -1.24 -13.47
C VAL A 87 6.57 -1.98 -13.76
N GLY A 88 6.66 -3.13 -13.15
CA GLY A 88 7.73 -4.06 -13.40
C GLY A 88 8.85 -3.87 -12.40
N GLY A 89 8.50 -3.32 -11.26
CA GLY A 89 9.49 -3.04 -10.24
C GLY A 89 9.13 -3.59 -8.87
N ARG A 90 10.13 -3.63 -8.02
CA ARG A 90 10.00 -4.14 -6.66
C ARG A 90 9.92 -2.98 -5.69
N ARG A 91 9.30 -3.20 -4.56
CA ARG A 91 9.14 -2.16 -3.57
C ARG A 91 9.08 -2.75 -2.19
N LYS A 92 9.34 -1.93 -1.21
CA LYS A 92 9.07 -2.28 0.16
C LYS A 92 8.02 -1.33 0.70
N LEU A 93 6.85 -1.87 1.04
CA LEU A 93 5.86 -1.05 1.71
C LEU A 93 5.82 -1.41 3.20
N VAL A 94 6.09 -0.44 4.05
CA VAL A 94 5.96 -0.67 5.48
C VAL A 94 4.55 -0.32 5.92
N ILE A 95 3.91 -1.24 6.65
CA ILE A 95 2.51 -1.09 7.03
C ILE A 95 2.36 -0.44 8.41
N PRO A 96 1.72 0.73 8.42
CA PRO A 96 1.37 1.46 9.65
C PRO A 96 0.06 1.04 10.29
N PRO A 97 -0.09 1.36 11.58
CA PRO A 97 -1.27 1.02 12.37
C PRO A 97 -2.42 1.98 12.17
N HIS A 98 -2.11 3.23 11.84
CA HIS A 98 -3.15 4.25 11.66
C HIS A 98 -3.42 4.54 10.20
N LEU A 99 -3.11 3.59 9.32
CA LEU A 99 -3.45 3.72 7.90
C LEU A 99 -3.88 2.38 7.32
N ALA A 100 -3.10 1.37 7.61
CA ALA A 100 -3.26 0.08 6.95
C ALA A 100 -3.68 -1.03 7.90
N TYR A 101 -2.89 -1.23 8.94
CA TYR A 101 -3.09 -2.34 9.87
C TYR A 101 -4.55 -2.44 10.33
N GLY A 102 -4.98 -1.46 11.11
CA GLY A 102 -6.33 -1.49 11.62
C GLY A 102 -6.89 -0.10 11.88
N ASP A 103 -6.19 0.92 11.39
CA ASP A 103 -6.44 2.33 11.73
C ASP A 103 -6.83 2.51 13.20
N ARG A 104 -6.20 1.70 14.07
CA ARG A 104 -6.56 1.65 15.47
C ARG A 104 -5.33 1.40 16.35
N SER A 105 -4.44 0.53 15.87
CA SER A 105 -3.16 0.23 16.52
C SER A 105 -3.31 -0.81 17.66
N PRO A 106 -2.62 -1.96 17.51
CA PRO A 106 -2.55 -3.01 18.54
C PRO A 106 -1.46 -2.74 19.56
N SER A 107 -0.47 -1.97 19.15
CA SER A 107 0.73 -1.71 19.93
C SER A 107 0.98 -0.20 19.94
N PRO A 108 2.02 0.30 20.65
CA PRO A 108 2.43 1.70 20.60
C PRO A 108 2.35 2.27 19.19
N ALA A 109 2.87 1.52 18.22
CA ALA A 109 2.85 1.92 16.83
C ALA A 109 3.36 0.79 15.94
N ILE A 110 2.74 -0.39 16.08
CA ILE A 110 3.19 -1.63 15.43
C ILE A 110 3.86 -1.40 14.06
N LYS A 111 5.20 -1.54 14.04
CA LYS A 111 6.03 -1.14 12.89
C LYS A 111 7.52 -1.08 13.27
N PRO A 112 7.89 -0.41 14.39
CA PRO A 112 9.27 -0.25 14.84
C PRO A 112 9.66 -1.26 15.92
N GLY A 113 8.87 -1.32 17.00
CA GLY A 113 9.03 -2.38 17.99
C GLY A 113 8.85 -3.73 17.33
N GLU A 114 7.98 -3.73 16.34
CA GLU A 114 7.77 -4.86 15.45
C GLU A 114 8.43 -4.54 14.11
N THR A 115 8.02 -5.22 13.06
CA THR A 115 8.53 -4.92 11.72
C THR A 115 7.54 -5.40 10.66
N LEU A 116 6.67 -4.51 10.21
CA LEU A 116 5.62 -4.86 9.25
C LEU A 116 6.07 -4.54 7.84
N ILE A 117 6.69 -5.50 7.15
CA ILE A 117 7.24 -5.20 5.84
C ILE A 117 6.51 -5.93 4.73
N PHE A 118 5.83 -5.20 3.88
CA PHE A 118 5.07 -5.79 2.82
C PHE A 118 5.65 -5.37 1.49
N VAL A 119 6.62 -6.13 1.03
CA VAL A 119 7.29 -5.81 -0.21
C VAL A 119 6.42 -6.16 -1.37
N VAL A 120 6.51 -5.34 -2.37
CA VAL A 120 5.55 -5.32 -3.44
C VAL A 120 6.22 -5.45 -4.80
N ASP A 121 5.47 -5.97 -5.74
CA ASP A 121 5.89 -6.04 -7.11
C ASP A 121 4.81 -5.48 -8.01
N LEU A 122 5.09 -4.35 -8.63
CA LEU A 122 4.14 -3.68 -9.51
C LEU A 122 4.29 -4.31 -10.89
N VAL A 123 3.18 -4.77 -11.48
CA VAL A 123 3.24 -5.43 -12.78
C VAL A 123 2.21 -4.85 -13.77
N GLY A 124 1.37 -3.93 -13.31
CA GLY A 124 0.44 -3.25 -14.19
C GLY A 124 0.13 -1.89 -13.65
N VAL A 125 0.07 -0.91 -14.56
CA VAL A 125 0.27 0.50 -14.28
C VAL A 125 -0.14 0.93 -12.89
N GLY A 126 -1.40 0.80 -12.61
CA GLY A 126 -1.93 1.22 -11.34
C GLY A 126 -2.57 2.58 -11.45
N GLY A 1 -15.55 8.67 6.05
CA GLY A 1 -16.79 8.18 5.40
C GLY A 1 -16.51 7.15 4.33
N ALA A 2 -17.56 6.56 3.77
CA ALA A 2 -17.41 5.55 2.73
C ALA A 2 -16.82 6.18 1.47
N MET A 3 -15.70 5.63 1.03
CA MET A 3 -14.96 6.14 -0.13
C MET A 3 -14.45 7.55 0.13
N ALA A 4 -14.37 7.93 1.38
CA ALA A 4 -13.95 9.28 1.74
C ALA A 4 -13.33 9.31 3.13
N LEU A 5 -12.11 8.81 3.23
CA LEU A 5 -11.36 8.94 4.47
C LEU A 5 -10.46 10.19 4.42
N GLU A 6 -9.36 10.10 3.70
CA GLU A 6 -8.36 11.14 3.67
C GLU A 6 -7.85 11.36 2.28
N ARG A 7 -7.27 10.31 1.73
CA ARG A 7 -6.66 10.37 0.42
C ARG A 7 -7.65 10.56 -0.74
N PRO A 8 -8.86 9.96 -0.69
CA PRO A 8 -9.93 10.16 -1.68
C PRO A 8 -10.05 11.60 -2.17
N GLU A 9 -10.58 11.74 -3.37
CA GLU A 9 -10.64 13.01 -4.03
C GLU A 9 -11.95 13.73 -3.67
N ILE A 10 -11.89 14.45 -2.55
CA ILE A 10 -12.99 15.25 -2.04
C ILE A 10 -12.51 16.16 -0.92
N ASP A 11 -13.48 16.84 -0.30
CA ASP A 11 -13.31 17.69 0.91
C ASP A 11 -12.00 18.45 0.99
N PHE A 12 -10.97 17.71 1.30
CA PHE A 12 -9.62 18.22 1.52
C PHE A 12 -9.09 18.87 0.25
N PRO A 13 -7.88 19.46 0.31
CA PRO A 13 -7.10 19.81 -0.89
C PRO A 13 -6.71 18.56 -1.71
N GLU A 14 -7.51 17.49 -1.54
CA GLU A 14 -7.35 16.21 -2.22
C GLU A 14 -6.05 15.52 -1.85
N GLY A 15 -6.16 14.23 -1.58
CA GLY A 15 -4.99 13.43 -1.20
C GLY A 15 -4.29 13.98 0.03
N GLN A 16 -4.97 13.97 1.16
CA GLN A 16 -4.39 14.47 2.40
C GLN A 16 -4.58 13.47 3.53
N PRO A 17 -3.92 12.31 3.44
CA PRO A 17 -4.03 11.24 4.44
C PRO A 17 -2.84 11.19 5.39
N PRO A 18 -2.95 10.36 6.46
CA PRO A 18 -1.85 10.06 7.37
C PRO A 18 -0.50 9.97 6.65
N GLU A 19 -0.41 9.03 5.72
CA GLU A 19 0.72 8.91 4.81
C GLU A 19 1.88 8.25 5.50
N TYR A 20 1.58 7.47 6.52
CA TYR A 20 2.60 6.74 7.21
C TYR A 20 3.03 5.56 6.39
N LEU A 21 2.20 5.31 5.42
CA LEU A 21 2.44 4.28 4.43
C LEU A 21 3.81 4.53 3.82
N ASP A 22 4.75 3.63 4.08
CA ASP A 22 6.15 3.91 3.79
C ASP A 22 6.57 3.27 2.48
N ILE A 23 6.91 4.10 1.51
CA ILE A 23 7.24 3.62 0.19
C ILE A 23 8.68 3.95 -0.21
N THR A 24 9.44 2.92 -0.51
CA THR A 24 10.78 3.09 -1.08
C THR A 24 10.84 2.42 -2.44
N ASP A 25 10.84 3.22 -3.50
CA ASP A 25 10.77 2.71 -4.87
C ASP A 25 12.08 2.06 -5.27
N ILE A 26 11.99 0.81 -5.68
CA ILE A 26 13.14 0.02 -6.09
C ILE A 26 12.90 -0.54 -7.48
N THR A 27 13.09 0.33 -8.48
CA THR A 27 12.97 -0.02 -9.90
C THR A 27 11.56 0.34 -10.45
N GLU A 28 11.54 0.59 -11.75
CA GLU A 28 10.35 0.91 -12.52
C GLU A 28 10.57 0.35 -13.90
N GLY A 29 9.76 -0.62 -14.25
CA GLY A 29 10.17 -1.54 -15.28
C GLY A 29 9.56 -1.33 -16.64
N ASP A 30 8.45 -1.99 -16.88
CA ASP A 30 8.02 -2.30 -18.25
C ASP A 30 7.36 -1.12 -18.97
N GLY A 31 6.56 -0.33 -18.27
CA GLY A 31 5.79 0.66 -19.00
C GLY A 31 5.06 1.67 -18.13
N PRO A 32 3.85 1.36 -17.65
CA PRO A 32 2.96 2.33 -17.05
C PRO A 32 3.21 2.49 -15.55
N GLU A 33 2.71 3.59 -15.02
CA GLU A 33 2.89 3.92 -13.63
C GLU A 33 1.52 3.90 -12.98
N ALA A 34 1.28 2.96 -12.08
CA ALA A 34 -0.02 2.82 -11.49
C ALA A 34 -0.46 4.12 -10.84
N VAL A 35 -1.62 4.59 -11.22
CA VAL A 35 -2.14 5.83 -10.70
C VAL A 35 -3.66 5.82 -10.76
N LYS A 36 -4.29 6.82 -10.17
CA LYS A 36 -5.74 6.94 -10.18
C LYS A 36 -6.35 6.68 -11.57
N GLY A 37 -7.33 5.79 -11.61
CA GLY A 37 -8.04 5.51 -12.85
C GLY A 37 -7.36 4.43 -13.69
N SER A 38 -6.08 4.25 -13.46
CA SER A 38 -5.33 3.20 -14.13
C SER A 38 -5.64 1.86 -13.51
N ASN A 39 -5.76 0.86 -14.35
CA ASN A 39 -5.90 -0.50 -13.92
C ASN A 39 -4.64 -0.91 -13.18
N VAL A 40 -4.80 -1.50 -12.02
CA VAL A 40 -3.67 -1.87 -11.20
C VAL A 40 -3.55 -3.37 -11.11
N SER A 41 -2.34 -3.83 -11.22
CA SER A 41 -2.02 -5.23 -11.12
C SER A 41 -0.69 -5.38 -10.39
N MET A 42 -0.71 -5.94 -9.20
CA MET A 42 0.46 -5.93 -8.34
C MET A 42 0.38 -7.01 -7.28
N HIS A 43 1.49 -7.24 -6.60
CA HIS A 43 1.51 -8.21 -5.50
C HIS A 43 2.61 -7.89 -4.50
N TYR A 44 2.28 -8.09 -3.22
CA TYR A 44 3.20 -7.83 -2.13
C TYR A 44 3.32 -9.07 -1.32
N VAL A 45 4.21 -9.04 -0.34
CA VAL A 45 4.26 -10.04 0.68
C VAL A 45 4.76 -9.44 1.98
N GLY A 46 4.07 -9.77 3.06
CA GLY A 46 4.33 -9.13 4.33
C GLY A 46 5.26 -9.91 5.22
N VAL A 47 6.03 -9.17 6.01
CA VAL A 47 7.01 -9.76 6.88
C VAL A 47 6.83 -9.32 8.32
N SER A 48 7.39 -10.14 9.17
CA SER A 48 7.51 -9.88 10.61
C SER A 48 6.18 -9.64 11.28
N TRP A 49 6.29 -9.20 12.51
CA TRP A 49 5.17 -8.80 13.35
C TRP A 49 4.27 -9.98 13.74
N SER A 50 3.79 -10.73 12.75
CA SER A 50 2.95 -11.87 13.01
C SER A 50 3.81 -13.10 13.33
N THR A 51 5.08 -13.07 12.94
CA THR A 51 5.97 -14.21 13.19
C THR A 51 7.44 -13.83 13.10
N GLY A 52 7.78 -12.94 12.18
CA GLY A 52 9.17 -12.61 11.94
C GLY A 52 9.53 -12.86 10.50
N GLU A 53 9.64 -11.78 9.74
CA GLU A 53 9.96 -11.84 8.31
C GLU A 53 8.82 -12.45 7.49
N GLU A 54 9.01 -12.41 6.19
CA GLU A 54 8.00 -12.84 5.20
C GLU A 54 7.21 -14.07 5.64
N PHE A 55 5.89 -13.94 5.63
CA PHE A 55 5.01 -15.03 6.03
C PHE A 55 3.75 -15.11 5.15
N ASP A 56 3.13 -13.96 4.87
CA ASP A 56 1.86 -13.93 4.15
C ASP A 56 1.44 -12.50 3.84
N ALA A 57 1.14 -12.22 2.59
CA ALA A 57 0.67 -10.92 2.17
C ALA A 57 -0.83 -10.82 2.16
N SER A 58 -1.30 -9.62 2.44
CA SER A 58 -2.69 -9.25 2.30
C SER A 58 -3.05 -9.22 0.84
N TRP A 59 -2.06 -8.80 0.09
CA TRP A 59 -2.18 -8.60 -1.33
C TRP A 59 -2.14 -9.93 -2.06
N ASN A 60 -1.52 -10.90 -1.43
CA ASN A 60 -1.28 -12.17 -2.08
C ASN A 60 -2.46 -13.10 -1.85
N ARG A 61 -3.43 -13.03 -2.73
CA ARG A 61 -4.59 -13.90 -2.70
C ARG A 61 -4.34 -15.17 -3.51
N GLY A 62 -3.07 -15.42 -3.80
CA GLY A 62 -2.70 -16.55 -4.63
C GLY A 62 -1.84 -16.09 -5.79
N SER A 63 -2.10 -14.88 -6.23
CA SER A 63 -1.36 -14.24 -7.29
C SER A 63 -1.55 -12.73 -7.20
N THR A 64 -1.06 -12.02 -8.20
CA THR A 64 -1.30 -10.58 -8.32
C THR A 64 -2.79 -10.27 -8.28
N LEU A 65 -3.14 -9.11 -7.72
CA LEU A 65 -4.52 -8.65 -7.76
C LEU A 65 -4.67 -7.63 -8.86
N ASP A 66 -5.90 -7.28 -9.21
CA ASP A 66 -6.16 -6.31 -10.24
C ASP A 66 -7.36 -5.45 -9.87
N PHE A 67 -7.15 -4.15 -9.85
CA PHE A 67 -8.23 -3.20 -9.57
C PHE A 67 -7.85 -1.80 -10.00
N THR A 68 -8.84 -0.96 -10.29
CA THR A 68 -8.58 0.41 -10.72
C THR A 68 -8.28 1.31 -9.52
N LEU A 69 -7.09 1.91 -9.52
CA LEU A 69 -6.70 2.87 -8.49
C LEU A 69 -7.64 4.07 -8.49
N GLY A 70 -7.69 4.77 -7.38
CA GLY A 70 -8.63 5.86 -7.23
C GLY A 70 -9.87 5.37 -6.51
N THR A 71 -9.67 4.47 -5.56
CA THR A 71 -10.78 3.80 -4.90
C THR A 71 -11.37 4.65 -3.79
N GLY A 72 -10.48 5.31 -3.05
CA GLY A 72 -10.86 6.11 -1.89
C GLY A 72 -11.56 5.31 -0.79
N ARG A 73 -11.64 4.01 -0.98
CA ARG A 73 -12.45 3.16 -0.11
C ARG A 73 -11.57 2.32 0.79
N VAL A 74 -10.40 1.98 0.30
CA VAL A 74 -9.46 1.16 1.07
C VAL A 74 -8.71 2.02 2.06
N ILE A 75 -7.85 1.40 2.87
CA ILE A 75 -7.17 2.10 3.97
C ILE A 75 -6.43 3.37 3.53
N LYS A 76 -5.95 4.11 4.52
CA LYS A 76 -5.51 5.51 4.36
C LYS A 76 -4.38 5.68 3.35
N GLY A 77 -3.71 4.61 2.96
CA GLY A 77 -2.58 4.84 2.08
C GLY A 77 -2.37 3.78 1.00
N TRP A 78 -3.33 2.90 0.74
CA TRP A 78 -3.21 1.95 -0.38
C TRP A 78 -3.14 2.71 -1.69
N ASP A 79 -4.12 3.57 -1.92
CA ASP A 79 -4.12 4.40 -3.12
C ASP A 79 -2.92 5.33 -3.12
N MET A 80 -2.46 5.71 -1.92
CA MET A 80 -1.29 6.57 -1.82
C MET A 80 -0.05 5.82 -2.25
N GLY A 81 -0.06 4.51 -2.07
CA GLY A 81 1.09 3.71 -2.38
C GLY A 81 1.17 3.33 -3.84
N ILE A 82 0.06 2.87 -4.40
CA ILE A 82 0.01 2.45 -5.80
C ILE A 82 0.24 3.64 -6.70
N ALA A 83 -0.37 4.75 -6.36
CA ALA A 83 -0.25 5.95 -7.16
C ALA A 83 1.19 6.43 -7.14
N GLY A 84 1.91 6.09 -8.19
CA GLY A 84 3.33 6.38 -8.23
C GLY A 84 4.15 5.17 -8.63
N MET A 85 3.63 3.98 -8.34
CA MET A 85 4.28 2.74 -8.70
C MET A 85 4.44 2.63 -10.22
N LYS A 86 5.38 1.80 -10.67
CA LYS A 86 5.58 1.57 -12.11
C LYS A 86 5.73 0.08 -12.35
N VAL A 87 4.99 -0.43 -13.34
CA VAL A 87 4.91 -1.86 -13.57
C VAL A 87 6.29 -2.43 -13.76
N GLY A 88 6.53 -3.45 -13.02
CA GLY A 88 7.79 -4.16 -13.09
C GLY A 88 8.79 -3.54 -12.16
N GLY A 89 8.27 -2.85 -11.17
CA GLY A 89 9.11 -2.18 -10.21
C GLY A 89 8.87 -2.72 -8.82
N ARG A 90 9.94 -2.85 -8.06
CA ARG A 90 9.89 -3.46 -6.74
C ARG A 90 9.90 -2.34 -5.70
N ARG A 91 9.38 -2.59 -4.52
CA ARG A 91 9.35 -1.57 -3.49
C ARG A 91 9.31 -2.17 -2.11
N LYS A 92 9.96 -1.50 -1.17
CA LYS A 92 9.87 -1.86 0.22
C LYS A 92 8.82 -1.02 0.91
N LEU A 93 7.79 -1.69 1.40
CA LEU A 93 6.68 -1.00 2.03
C LEU A 93 6.59 -1.33 3.52
N VAL A 94 6.32 -0.33 4.33
CA VAL A 94 6.04 -0.55 5.75
C VAL A 94 4.60 -0.19 6.09
N ILE A 95 3.94 -1.07 6.85
CA ILE A 95 2.53 -0.92 7.20
C ILE A 95 2.35 -0.16 8.52
N PRO A 96 1.69 1.01 8.46
CA PRO A 96 1.39 1.82 9.64
C PRO A 96 0.16 1.34 10.40
N PRO A 97 0.24 1.43 11.73
CA PRO A 97 -0.85 1.07 12.62
C PRO A 97 -2.04 1.97 12.45
N HIS A 98 -1.79 3.21 12.04
CA HIS A 98 -2.86 4.19 11.93
C HIS A 98 -3.22 4.41 10.45
N LEU A 99 -2.92 3.41 9.64
CA LEU A 99 -3.20 3.50 8.21
C LEU A 99 -3.55 2.15 7.65
N ALA A 100 -2.55 1.30 7.59
CA ALA A 100 -2.69 0.02 6.88
C ALA A 100 -3.06 -1.12 7.80
N TYR A 101 -2.51 -1.12 9.00
CA TYR A 101 -2.76 -2.17 9.94
C TYR A 101 -4.20 -2.16 10.41
N GLY A 102 -4.56 -1.13 11.17
CA GLY A 102 -5.89 -1.11 11.76
C GLY A 102 -6.43 0.28 12.05
N ASP A 103 -5.74 1.30 11.53
CA ASP A 103 -6.04 2.70 11.84
C ASP A 103 -6.34 2.88 13.33
N ARG A 104 -5.60 2.12 14.13
CA ARG A 104 -5.87 2.02 15.56
C ARG A 104 -4.60 1.82 16.37
N SER A 105 -3.88 0.74 16.05
CA SER A 105 -2.62 0.33 16.70
C SER A 105 -2.92 -0.72 17.79
N PRO A 106 -2.36 -1.94 17.65
CA PRO A 106 -2.55 -3.03 18.60
C PRO A 106 -1.62 -2.94 19.81
N SER A 107 -0.32 -2.88 19.55
CA SER A 107 0.73 -2.98 20.58
C SER A 107 2.10 -2.81 19.93
N PRO A 108 3.21 -2.77 20.71
CA PRO A 108 4.59 -2.91 20.18
C PRO A 108 4.80 -4.18 19.35
N ALA A 109 3.79 -5.02 19.31
CA ALA A 109 3.76 -6.13 18.37
C ALA A 109 3.46 -5.61 16.97
N ILE A 110 3.53 -4.28 16.81
CA ILE A 110 3.30 -3.65 15.56
C ILE A 110 4.46 -2.69 15.22
N LYS A 111 4.51 -2.33 13.94
CA LYS A 111 5.48 -1.40 13.29
C LYS A 111 6.61 -0.85 14.18
N PRO A 112 6.34 0.00 15.19
CA PRO A 112 7.40 0.58 16.01
C PRO A 112 8.20 -0.45 16.81
N GLY A 113 7.56 -1.14 17.75
CA GLY A 113 8.22 -2.18 18.49
C GLY A 113 8.61 -3.34 17.59
N GLU A 114 7.73 -3.61 16.65
CA GLU A 114 7.96 -4.64 15.63
C GLU A 114 8.60 -4.01 14.39
N THR A 115 8.40 -4.65 13.24
CA THR A 115 8.64 -3.98 11.97
C THR A 115 7.82 -4.69 10.88
N LEU A 116 6.73 -4.08 10.47
CA LEU A 116 5.85 -4.68 9.46
C LEU A 116 6.27 -4.31 8.06
N ILE A 117 6.74 -5.27 7.30
CA ILE A 117 7.30 -4.95 5.99
C ILE A 117 6.62 -5.72 4.89
N PHE A 118 6.08 -5.02 3.92
CA PHE A 118 5.45 -5.69 2.82
C PHE A 118 6.21 -5.38 1.53
N VAL A 119 6.93 -6.37 1.04
CA VAL A 119 7.71 -6.22 -0.17
C VAL A 119 6.83 -6.38 -1.39
N VAL A 120 6.94 -5.43 -2.30
CA VAL A 120 6.00 -5.34 -3.40
C VAL A 120 6.72 -5.23 -4.74
N ASP A 121 6.03 -5.64 -5.78
CA ASP A 121 6.40 -5.31 -7.13
C ASP A 121 5.16 -5.04 -7.95
N LEU A 122 5.08 -3.84 -8.51
CA LEU A 122 4.06 -3.51 -9.47
C LEU A 122 4.32 -4.38 -10.66
N VAL A 123 3.29 -5.03 -11.19
CA VAL A 123 3.51 -6.04 -12.21
C VAL A 123 2.52 -5.89 -13.36
N GLY A 124 1.65 -4.88 -13.29
CA GLY A 124 0.69 -4.63 -14.35
C GLY A 124 -0.12 -3.37 -14.14
N VAL A 125 -0.34 -2.63 -15.23
CA VAL A 125 -1.21 -1.45 -15.22
C VAL A 125 -1.80 -1.26 -16.61
N GLY A 126 -2.98 -0.69 -16.67
CA GLY A 126 -3.65 -0.49 -17.93
C GLY A 126 -4.41 0.81 -17.96
#